data_1G6R
#
_entry.id   1G6R
#
_cell.length_a   297.710
_cell.length_b   94.570
_cell.length_c   84.890
_cell.angle_alpha   90.00
_cell.angle_beta   90.00
_cell.angle_gamma   90.00
#
_symmetry.space_group_name_H-M   'P 21 21 2'
#
loop_
_entity.id
_entity.type
_entity.pdbx_description
1 polymer 'ALPHA T CELL RECEPTOR'
2 polymer 'BETA T CELL RECEPTOR'
3 polymer 'MAJOR HISTOCOMPATIBILITY COMPLEX CLASS I MOLECULE'
4 polymer 'BETA-2 MICROGLOBULIN'
5 polymer 'SIYR PEPTIDE'
#
loop_
_entity_poly.entity_id
_entity_poly.type
_entity_poly.pdbx_seq_one_letter_code
_entity_poly.pdbx_strand_id
1 'polypeptide(L)'
;QSVTQPDARVTVSEGASLQLRCKYSYSATPYLFWYVQYPRQGLQLLLKYYSGDPVVQGVNGFEAEFSKSNSSFHLRKASV
HWSDSAVYFCAVSGFASALTFGSGTKVIVLPYIQNPEPAVYALKDPRSQDSTLCLFTDFDSQINVPKTMESGTFITDATV
LDMKAMDSKSNGAIAWSNQTSFTCQDIFKETNATYPSSDVPC
;
A,C
2 'polypeptide(L)'
;EAAVTQSPRNKVAVTGGKVTLSCNQTNNHNNMYWYRQDTGHGLRLIHYSYGAGSTEKGDIPDGYKASRPSQENFSLILEL
ATPSQTSVYFCASGGGGTLYFGAGTRLSVLEDLRNVTPPKVSLFEPSKAEIANKQKATLVCLARGFFPDHVELSWWVNGK
EVHSGVSTDPQAYKESNYSYCLSSRLRVSATFWHNPRNHFRCQVQFHGLSEEDKWPEGSPKPVTQNISAEAWGRADC
;
B,D
3 'polypeptide(L)'
;GPHSLRYFVTAVSRPGLGEPRYMEVGYVDDTEFVRFDSDAENPRYEPRARWMEQEGPEYWERETQKAKGNEQSFRVDLRT
LLGYYNQSKGGSHTIQVISGCEVGSDGRLLRGYQQYAYDGCDYIALNEDLKTWTAADMAALITKHKWEQAGEAERLRAYL
EGTCVEWLRRYLKNGNATLLRTDSPKAHVTHHSRPEDKVTLRCWALGFYPADITLTWQLNGEELIQDMELVETRPAGDGT
FQKWASVVVPLGKEQYYTCHVYHQGLPEPLTLRW
;
H,I
4 'polypeptide(L)'
;IQKTPQIQVYSRHPPENGKPNILNCYVTQFHPPHIEIQMLKNGKKIPKVEMSDMSFSKDWSFYILAHTEFTPTETDTYAC
RVKHDSMAEPKTVYWDRDM
;
L,M
5 'polypeptide(L)' SIYRYYGL P,Q
#
# COMPACT_ATOMS: atom_id res chain seq x y z
N GLN A 1 -64.33 -30.38 -83.11
CA GLN A 1 -64.54 -31.27 -81.95
C GLN A 1 -64.63 -32.71 -82.49
N SER A 2 -63.49 -33.28 -82.87
CA SER A 2 -63.49 -34.64 -83.40
C SER A 2 -62.50 -35.48 -82.63
N VAL A 3 -62.72 -36.79 -82.61
CA VAL A 3 -61.86 -37.73 -81.89
C VAL A 3 -61.71 -39.00 -82.73
N THR A 4 -60.58 -39.68 -82.64
CA THR A 4 -60.42 -40.90 -83.43
C THR A 4 -59.53 -41.98 -82.83
N GLN A 5 -60.11 -43.10 -82.42
CA GLN A 5 -59.31 -44.19 -81.88
C GLN A 5 -58.97 -45.08 -83.08
N PRO A 6 -57.68 -45.14 -83.47
CA PRO A 6 -57.26 -45.96 -84.61
C PRO A 6 -57.51 -47.45 -84.53
N ASP A 7 -57.49 -48.02 -83.33
CA ASP A 7 -57.73 -49.45 -83.19
C ASP A 7 -58.98 -49.72 -82.39
N ALA A 8 -59.86 -50.56 -82.92
CA ALA A 8 -61.10 -50.92 -82.25
C ALA A 8 -60.90 -52.06 -81.25
N ARG A 9 -59.85 -52.86 -81.48
CA ARG A 9 -59.57 -54.02 -80.63
C ARG A 9 -58.10 -54.31 -80.39
N VAL A 10 -57.67 -54.27 -79.13
CA VAL A 10 -56.28 -54.54 -78.77
C VAL A 10 -56.24 -55.80 -77.91
N THR A 11 -55.10 -56.49 -77.90
CA THR A 11 -54.92 -57.68 -77.08
C THR A 11 -53.46 -57.75 -76.58
N VAL A 12 -53.27 -58.01 -75.28
CA VAL A 12 -51.93 -58.07 -74.70
C VAL A 12 -51.80 -58.95 -73.47
N SER A 13 -50.65 -59.61 -73.34
CA SER A 13 -50.38 -60.50 -72.22
C SER A 13 -50.59 -59.78 -70.89
N GLU A 14 -51.09 -60.49 -69.88
CA GLU A 14 -51.32 -59.87 -68.57
C GLU A 14 -50.00 -59.35 -68.05
N GLY A 15 -50.07 -58.34 -67.19
CA GLY A 15 -48.87 -57.79 -66.61
C GLY A 15 -47.98 -57.00 -67.56
N ALA A 16 -48.44 -56.71 -68.77
CA ALA A 16 -47.64 -55.90 -69.71
C ALA A 16 -48.09 -54.43 -69.73
N SER A 17 -47.45 -53.67 -70.61
CA SER A 17 -47.70 -52.23 -70.80
C SER A 17 -48.90 -52.00 -71.72
N LEU A 18 -49.54 -50.85 -71.67
CA LEU A 18 -50.67 -50.65 -72.56
C LEU A 18 -50.65 -49.36 -73.41
N GLN A 19 -51.06 -49.48 -74.67
CA GLN A 19 -51.08 -48.35 -75.59
C GLN A 19 -52.44 -48.16 -76.26
N LEU A 20 -53.26 -47.27 -75.71
CA LEU A 20 -54.57 -46.98 -76.30
C LEU A 20 -54.40 -45.67 -77.06
N ARG A 21 -54.30 -45.71 -78.38
CA ARG A 21 -54.09 -44.47 -79.09
C ARG A 21 -55.32 -43.61 -79.52
N CYS A 22 -55.29 -42.32 -79.18
CA CYS A 22 -56.35 -41.40 -79.60
C CYS A 22 -55.72 -40.34 -80.47
N LYS A 23 -56.59 -39.69 -81.22
CA LYS A 23 -56.24 -38.63 -82.13
C LYS A 23 -57.47 -37.76 -82.24
N TYR A 24 -57.26 -36.50 -82.58
CA TYR A 24 -58.39 -35.61 -82.78
C TYR A 24 -58.03 -34.48 -83.70
N SER A 25 -59.04 -33.69 -84.01
CA SER A 25 -58.89 -32.53 -84.89
C SER A 25 -59.78 -31.46 -84.27
N TYR A 26 -59.18 -30.38 -83.82
CA TYR A 26 -59.88 -29.23 -83.21
C TYR A 26 -58.90 -28.08 -83.26
N SER A 27 -59.31 -26.96 -83.85
CA SER A 27 -58.44 -25.79 -83.97
C SER A 27 -58.42 -25.01 -82.66
N ALA A 28 -57.82 -25.58 -81.64
CA ALA A 28 -57.76 -25.00 -80.32
C ALA A 28 -57.27 -26.19 -79.48
N THR A 29 -57.60 -26.20 -78.18
CA THR A 29 -57.21 -27.32 -77.30
C THR A 29 -58.40 -27.87 -76.58
N PRO A 30 -59.17 -28.68 -77.31
CA PRO A 30 -60.38 -29.33 -76.82
C PRO A 30 -60.05 -30.09 -75.56
N TYR A 31 -61.06 -30.27 -74.72
CA TYR A 31 -60.94 -31.02 -73.46
C TYR A 31 -60.80 -32.49 -73.83
N LEU A 32 -59.98 -33.23 -73.11
CA LEU A 32 -59.80 -34.64 -73.43
C LEU A 32 -60.20 -35.51 -72.26
N PHE A 33 -60.74 -36.70 -72.56
CA PHE A 33 -61.18 -37.63 -71.53
C PHE A 33 -60.95 -39.11 -71.91
N TRP A 34 -61.00 -39.98 -70.90
CA TRP A 34 -60.85 -41.43 -71.09
C TRP A 34 -61.80 -42.15 -70.16
N TYR A 35 -62.70 -42.92 -70.77
CA TYR A 35 -63.69 -43.70 -70.02
C TYR A 35 -63.53 -45.21 -70.24
N VAL A 36 -64.01 -46.02 -69.29
CA VAL A 36 -63.95 -47.48 -69.39
C VAL A 36 -65.35 -48.11 -69.34
N GLN A 37 -65.62 -48.98 -70.30
CA GLN A 37 -66.90 -49.63 -70.35
C GLN A 37 -66.60 -51.07 -69.98
N TYR A 38 -67.20 -51.51 -68.87
CA TYR A 38 -67.01 -52.88 -68.39
C TYR A 38 -68.10 -53.79 -68.97
N PRO A 39 -68.47 -54.89 -68.28
CA PRO A 39 -69.51 -55.79 -68.81
C PRO A 39 -70.94 -55.21 -68.91
N ARG A 40 -71.66 -55.20 -67.78
CA ARG A 40 -73.03 -54.63 -67.79
C ARG A 40 -72.98 -53.30 -67.05
N GLN A 41 -71.99 -52.47 -67.40
CA GLN A 41 -71.84 -51.20 -66.72
C GLN A 41 -72.01 -49.97 -67.61
N GLY A 42 -71.96 -48.81 -66.96
CA GLY A 42 -72.05 -47.53 -67.62
C GLY A 42 -70.67 -46.93 -67.63
N LEU A 43 -70.35 -46.13 -68.64
CA LEU A 43 -69.04 -45.51 -68.74
C LEU A 43 -68.55 -44.99 -67.39
N GLN A 44 -67.27 -45.22 -67.10
CA GLN A 44 -66.68 -44.77 -65.84
C GLN A 44 -65.56 -43.79 -66.18
N LEU A 45 -65.40 -42.75 -65.37
CA LEU A 45 -64.35 -41.76 -65.62
C LEU A 45 -62.93 -42.12 -65.16
N LEU A 46 -61.97 -41.95 -66.07
CA LEU A 46 -60.57 -42.22 -65.73
C LEU A 46 -59.72 -40.94 -65.84
N LEU A 47 -60.04 -40.07 -66.79
CA LEU A 47 -59.26 -38.84 -66.94
C LEU A 47 -60.03 -37.67 -67.48
N LYS A 48 -59.31 -36.57 -67.56
CA LYS A 48 -59.83 -35.36 -68.11
C LYS A 48 -58.58 -34.53 -68.08
N TYR A 49 -58.28 -33.91 -69.20
CA TYR A 49 -57.12 -33.06 -69.28
C TYR A 49 -57.61 -31.75 -69.83
N TYR A 50 -57.87 -30.81 -68.93
CA TYR A 50 -58.36 -29.50 -69.36
C TYR A 50 -57.27 -28.70 -70.08
N SER A 51 -56.10 -28.57 -69.43
CA SER A 51 -54.97 -27.82 -69.98
C SER A 51 -53.75 -27.92 -69.07
N GLY A 52 -52.77 -27.04 -69.27
CA GLY A 52 -51.58 -27.08 -68.45
C GLY A 52 -50.62 -28.23 -68.73
N ASP A 53 -50.42 -29.07 -67.73
CA ASP A 53 -49.51 -30.23 -67.81
C ASP A 53 -50.10 -31.29 -68.75
N PRO A 54 -49.34 -31.68 -69.78
CA PRO A 54 -49.75 -32.68 -70.77
C PRO A 54 -49.78 -34.11 -70.21
N VAL A 55 -49.39 -34.33 -68.96
CA VAL A 55 -49.45 -35.69 -68.50
C VAL A 55 -50.39 -35.81 -67.31
N VAL A 56 -51.53 -36.40 -67.53
CA VAL A 56 -52.49 -36.56 -66.45
C VAL A 56 -52.30 -37.85 -65.66
N GLN A 57 -52.58 -37.75 -64.37
CA GLN A 57 -52.44 -38.89 -63.49
C GLN A 57 -53.80 -39.35 -63.06
N GLY A 58 -54.35 -40.35 -63.73
CA GLY A 58 -55.65 -40.86 -63.35
C GLY A 58 -55.56 -42.13 -62.53
N VAL A 59 -56.71 -42.58 -62.04
CA VAL A 59 -56.81 -43.78 -61.22
C VAL A 59 -56.22 -45.06 -61.86
N ASN A 60 -55.62 -45.90 -61.01
CA ASN A 60 -55.00 -47.17 -61.39
C ASN A 60 -54.09 -47.07 -62.59
N GLY A 61 -52.78 -46.97 -62.38
CA GLY A 61 -51.80 -46.91 -63.45
C GLY A 61 -52.21 -46.27 -64.76
N PHE A 62 -53.37 -45.60 -64.81
CA PHE A 62 -53.80 -44.97 -66.04
C PHE A 62 -53.39 -43.50 -66.08
N GLU A 63 -52.66 -43.16 -67.13
CA GLU A 63 -52.23 -41.80 -67.33
C GLU A 63 -52.15 -41.60 -68.81
N ALA A 64 -52.39 -40.36 -69.23
CA ALA A 64 -52.33 -40.06 -70.62
C ALA A 64 -51.67 -38.72 -70.78
N GLU A 65 -50.83 -38.60 -71.81
CA GLU A 65 -50.20 -37.33 -72.08
C GLU A 65 -50.89 -36.69 -73.30
N PHE A 66 -51.12 -35.38 -73.21
CA PHE A 66 -51.75 -34.59 -74.26
C PHE A 66 -50.64 -34.19 -75.17
N SER A 67 -50.94 -33.95 -76.44
CA SER A 67 -49.88 -33.58 -77.37
C SER A 67 -50.40 -32.74 -78.51
N LYS A 68 -50.28 -31.42 -78.36
CA LYS A 68 -50.74 -30.52 -79.38
C LYS A 68 -49.83 -30.74 -80.59
N SER A 69 -48.60 -31.17 -80.31
CA SER A 69 -47.61 -31.44 -81.35
C SER A 69 -48.15 -32.39 -82.44
N ASN A 70 -48.78 -33.48 -82.00
CA ASN A 70 -49.36 -34.43 -82.96
C ASN A 70 -50.80 -34.73 -82.61
N SER A 71 -51.43 -33.80 -81.90
CA SER A 71 -52.83 -33.94 -81.51
C SER A 71 -53.14 -35.35 -81.04
N SER A 72 -52.99 -35.59 -79.74
CA SER A 72 -53.26 -36.91 -79.18
C SER A 72 -53.31 -36.99 -77.65
N PHE A 73 -54.27 -37.75 -77.13
CA PHE A 73 -54.36 -37.94 -75.67
C PHE A 73 -54.37 -39.45 -75.37
N HIS A 74 -53.24 -40.09 -75.63
CA HIS A 74 -53.12 -41.53 -75.43
C HIS A 74 -53.11 -41.96 -73.98
N LEU A 75 -54.05 -42.83 -73.61
CA LEU A 75 -54.10 -43.36 -72.25
C LEU A 75 -53.25 -44.62 -72.30
N ARG A 76 -52.18 -44.65 -71.51
CA ARG A 76 -51.26 -45.78 -71.45
C ARG A 76 -51.18 -46.29 -70.01
N LYS A 77 -50.62 -47.49 -69.85
CA LYS A 77 -50.44 -48.10 -68.52
C LYS A 77 -49.18 -48.97 -68.58
N ALA A 78 -48.74 -49.47 -67.42
CA ALA A 78 -47.48 -50.28 -67.30
C ALA A 78 -47.57 -51.82 -67.25
N SER A 79 -48.44 -52.31 -66.37
CA SER A 79 -48.67 -53.73 -66.21
C SER A 79 -50.19 -53.87 -66.08
N VAL A 80 -50.85 -54.04 -67.22
CA VAL A 80 -52.30 -54.18 -67.20
C VAL A 80 -52.60 -55.54 -66.57
N HIS A 81 -53.57 -55.56 -65.67
CA HIS A 81 -53.91 -56.81 -65.01
C HIS A 81 -55.36 -57.20 -64.94
N TRP A 82 -55.62 -58.24 -65.75
CA TRP A 82 -56.92 -58.94 -65.96
C TRP A 82 -58.18 -58.12 -65.63
N SER A 83 -58.48 -57.89 -64.35
CA SER A 83 -59.65 -57.08 -64.01
C SER A 83 -59.74 -55.81 -64.87
N ASP A 84 -58.69 -55.52 -65.61
CA ASP A 84 -58.75 -54.33 -66.45
C ASP A 84 -59.07 -54.53 -67.91
N SER A 85 -59.52 -55.71 -68.27
CA SER A 85 -59.89 -55.96 -69.66
C SER A 85 -61.27 -55.33 -69.90
N ALA A 86 -61.43 -54.56 -70.97
CA ALA A 86 -62.73 -53.92 -71.20
C ALA A 86 -62.72 -53.00 -72.44
N VAL A 87 -63.66 -52.07 -72.54
CA VAL A 87 -63.69 -51.15 -73.66
C VAL A 87 -63.52 -49.73 -73.11
N TYR A 88 -62.55 -49.02 -73.68
CA TYR A 88 -62.17 -47.65 -73.28
C TYR A 88 -62.58 -46.54 -74.26
N PHE A 89 -63.23 -45.49 -73.79
CA PHE A 89 -63.59 -44.45 -74.75
C PHE A 89 -62.87 -43.13 -74.60
N CYS A 90 -62.32 -42.63 -75.70
CA CYS A 90 -61.62 -41.37 -75.65
C CYS A 90 -62.73 -40.36 -75.83
N ALA A 91 -62.50 -39.12 -75.41
CA ALA A 91 -63.57 -38.15 -75.51
C ALA A 91 -63.09 -36.70 -75.44
N VAL A 92 -63.70 -35.82 -76.24
CA VAL A 92 -63.37 -34.41 -76.28
C VAL A 92 -64.64 -33.64 -75.97
N SER A 93 -64.50 -32.32 -75.74
CA SER A 93 -65.62 -31.42 -75.42
C SER A 93 -65.19 -29.97 -75.71
N GLY A 94 -65.57 -29.37 -76.85
CA GLY A 94 -65.16 -28.00 -77.13
C GLY A 94 -66.25 -26.94 -77.27
N PHE A 95 -66.82 -26.81 -78.48
CA PHE A 95 -67.90 -25.86 -78.81
C PHE A 95 -68.86 -25.80 -77.64
N ALA A 96 -69.46 -26.94 -77.33
CA ALA A 96 -70.41 -26.99 -76.24
C ALA A 96 -70.19 -28.17 -75.33
N SER A 97 -70.86 -28.10 -74.19
CA SER A 97 -70.81 -29.04 -73.09
C SER A 97 -70.70 -30.54 -73.35
N ALA A 98 -71.48 -31.06 -74.28
CA ALA A 98 -71.43 -32.49 -74.51
C ALA A 98 -70.08 -33.03 -74.92
N LEU A 99 -69.92 -34.33 -74.70
CA LEU A 99 -68.70 -35.00 -75.08
C LEU A 99 -68.93 -35.52 -76.47
N THR A 100 -67.82 -35.91 -77.08
CA THR A 100 -67.79 -36.47 -78.42
C THR A 100 -66.85 -37.65 -78.26
N PHE A 101 -67.41 -38.85 -78.40
CA PHE A 101 -66.67 -40.10 -78.26
C PHE A 101 -66.14 -40.65 -79.59
N GLY A 102 -65.21 -41.58 -79.48
CA GLY A 102 -64.65 -42.21 -80.65
C GLY A 102 -65.20 -43.61 -80.61
N SER A 103 -65.04 -44.33 -81.71
CA SER A 103 -65.53 -45.70 -81.82
C SER A 103 -65.15 -46.51 -80.56
N GLY A 104 -63.99 -46.18 -79.98
CA GLY A 104 -63.52 -46.83 -78.77
C GLY A 104 -62.61 -48.03 -78.99
N THR A 105 -61.87 -48.44 -77.97
CA THR A 105 -61.00 -49.62 -78.12
C THR A 105 -61.31 -50.72 -77.13
N LYS A 106 -61.31 -51.93 -77.68
CA LYS A 106 -61.59 -53.16 -76.97
C LYS A 106 -60.25 -53.89 -76.76
N VAL A 107 -59.61 -53.65 -75.62
CA VAL A 107 -58.34 -54.30 -75.33
C VAL A 107 -58.63 -55.52 -74.48
N ILE A 108 -57.83 -56.57 -74.68
CA ILE A 108 -58.04 -57.78 -73.91
C ILE A 108 -56.77 -58.31 -73.20
N VAL A 109 -56.96 -58.74 -71.96
CA VAL A 109 -55.87 -59.19 -71.14
C VAL A 109 -55.79 -60.68 -70.83
N LEU A 110 -54.95 -61.36 -71.59
CA LEU A 110 -54.72 -62.79 -71.44
C LEU A 110 -54.03 -63.13 -70.13
N PRO A 111 -54.72 -63.83 -69.21
CA PRO A 111 -54.07 -64.19 -67.94
C PRO A 111 -53.24 -65.45 -68.14
N TYR A 112 -52.33 -65.79 -67.22
CA TYR A 112 -51.55 -67.02 -67.39
C TYR A 112 -51.57 -68.02 -66.21
N ILE A 113 -51.25 -69.29 -66.51
CA ILE A 113 -51.22 -70.34 -65.49
C ILE A 113 -49.92 -71.10 -65.64
N GLN A 114 -49.18 -71.27 -64.54
CA GLN A 114 -47.91 -71.95 -64.64
C GLN A 114 -48.08 -73.45 -64.88
N ASN A 115 -49.30 -73.87 -65.19
CA ASN A 115 -49.54 -75.29 -65.40
C ASN A 115 -50.81 -75.61 -66.17
N PRO A 116 -50.84 -75.29 -67.48
CA PRO A 116 -52.01 -75.56 -68.31
C PRO A 116 -52.21 -77.03 -68.64
N GLU A 117 -53.43 -77.49 -68.42
CA GLU A 117 -53.77 -78.88 -68.66
C GLU A 117 -54.95 -78.95 -69.62
N PRO A 118 -54.75 -78.48 -70.83
CA PRO A 118 -55.79 -78.45 -71.87
C PRO A 118 -56.62 -79.72 -72.05
N ALA A 119 -57.68 -79.83 -71.23
CA ALA A 119 -58.61 -80.98 -71.23
C ALA A 119 -59.96 -80.68 -71.92
N VAL A 120 -60.65 -81.73 -72.32
CA VAL A 120 -61.96 -81.60 -72.94
C VAL A 120 -62.88 -82.65 -72.33
N TYR A 121 -64.15 -82.29 -72.23
CA TYR A 121 -65.13 -83.20 -71.63
C TYR A 121 -66.50 -83.08 -72.28
N ALA A 122 -67.41 -83.88 -71.73
CA ALA A 122 -68.79 -83.95 -72.15
C ALA A 122 -69.60 -83.95 -70.86
N LEU A 123 -70.73 -83.25 -70.89
CA LEU A 123 -71.61 -83.17 -69.74
C LEU A 123 -72.96 -83.27 -70.37
N LYS A 124 -73.96 -83.71 -69.61
CA LYS A 124 -75.30 -83.84 -70.17
C LYS A 124 -76.42 -83.41 -69.22
N ASP A 125 -77.40 -82.72 -69.81
CA ASP A 125 -78.58 -82.20 -69.14
C ASP A 125 -79.37 -83.34 -68.50
N PRO A 126 -79.18 -83.60 -67.19
CA PRO A 126 -79.89 -84.68 -66.49
C PRO A 126 -81.41 -84.53 -66.51
N ARG A 127 -81.92 -83.89 -67.55
CA ARG A 127 -83.35 -83.65 -67.67
C ARG A 127 -83.74 -83.63 -69.13
N SER A 128 -82.82 -84.12 -69.95
CA SER A 128 -83.01 -84.25 -71.38
C SER A 128 -81.87 -85.15 -71.91
N GLN A 129 -82.08 -86.46 -71.78
CA GLN A 129 -81.18 -87.49 -72.24
C GLN A 129 -80.77 -87.35 -73.66
N ASP A 130 -79.46 -87.35 -73.87
CA ASP A 130 -78.86 -87.18 -75.20
C ASP A 130 -78.30 -85.77 -75.37
N SER A 131 -78.80 -84.78 -74.63
CA SER A 131 -78.27 -83.38 -74.68
C SER A 131 -76.73 -83.39 -74.53
N THR A 132 -75.99 -83.10 -75.61
CA THR A 132 -74.52 -83.10 -75.59
C THR A 132 -74.00 -81.73 -75.29
N LEU A 133 -72.88 -81.69 -74.57
CA LEU A 133 -72.24 -80.43 -74.24
C LEU A 133 -70.78 -80.71 -73.98
N CYS A 134 -69.95 -80.10 -74.83
CA CYS A 134 -68.52 -80.25 -74.77
C CYS A 134 -68.02 -79.04 -74.01
N LEU A 135 -66.92 -79.20 -73.29
CA LEU A 135 -66.31 -78.11 -72.53
C LEU A 135 -64.80 -78.08 -72.64
N PHE A 136 -64.27 -77.08 -73.34
CA PHE A 136 -62.83 -76.94 -73.49
C PHE A 136 -62.40 -76.17 -72.24
N THR A 137 -61.30 -76.55 -71.62
CA THR A 137 -60.92 -75.82 -70.42
C THR A 137 -59.51 -76.04 -69.87
N ASP A 138 -58.92 -74.96 -69.37
CA ASP A 138 -57.59 -74.95 -68.79
C ASP A 138 -56.48 -74.98 -69.81
N PHE A 139 -56.69 -74.26 -70.90
CA PHE A 139 -55.71 -74.19 -71.97
C PHE A 139 -55.04 -72.83 -72.10
N ASP A 140 -53.85 -72.85 -72.70
CA ASP A 140 -53.02 -71.67 -72.91
C ASP A 140 -53.69 -70.63 -73.82
N SER A 141 -53.89 -69.45 -73.25
CA SER A 141 -54.53 -68.34 -73.93
C SER A 141 -53.92 -67.92 -75.26
N GLN A 142 -52.71 -68.36 -75.53
CA GLN A 142 -52.07 -68.00 -76.79
C GLN A 142 -52.65 -68.79 -77.98
N ILE A 143 -53.56 -69.73 -77.69
CA ILE A 143 -54.19 -70.47 -78.76
C ILE A 143 -55.59 -69.92 -78.94
N ASN A 144 -56.00 -69.82 -80.20
CA ASN A 144 -57.31 -69.30 -80.57
C ASN A 144 -58.25 -70.50 -80.81
N VAL A 145 -59.25 -70.66 -79.94
CA VAL A 145 -60.20 -71.78 -80.07
C VAL A 145 -60.80 -71.87 -81.48
N PRO A 146 -60.63 -73.02 -82.15
CA PRO A 146 -61.19 -73.14 -83.51
C PRO A 146 -62.66 -72.79 -83.49
N LYS A 147 -63.14 -72.11 -84.53
CA LYS A 147 -64.55 -71.74 -84.54
C LYS A 147 -65.33 -72.72 -85.38
N THR A 148 -66.60 -72.40 -85.64
CA THR A 148 -67.44 -73.30 -86.42
C THR A 148 -68.19 -72.62 -87.58
N MET A 149 -68.58 -73.43 -88.56
CA MET A 149 -69.28 -72.90 -89.73
C MET A 149 -70.44 -73.83 -90.14
N GLU A 150 -71.08 -74.42 -89.14
CA GLU A 150 -72.18 -75.33 -89.33
C GLU A 150 -73.32 -74.97 -88.37
N SER A 151 -74.55 -74.98 -88.88
CA SER A 151 -75.75 -74.68 -88.09
C SER A 151 -75.90 -75.74 -86.98
N GLY A 152 -76.64 -75.42 -85.91
CA GLY A 152 -76.81 -76.37 -84.81
C GLY A 152 -75.48 -76.87 -84.25
N THR A 153 -74.56 -75.92 -84.12
CA THR A 153 -73.19 -76.14 -83.64
C THR A 153 -72.55 -74.75 -83.55
N PHE A 154 -72.37 -74.22 -82.35
CA PHE A 154 -71.78 -72.89 -82.16
C PHE A 154 -70.70 -73.01 -81.10
N ILE A 155 -69.81 -72.00 -81.04
CA ILE A 155 -68.72 -72.00 -80.08
C ILE A 155 -68.51 -70.66 -79.37
N THR A 156 -68.93 -70.58 -78.11
CA THR A 156 -68.75 -69.35 -77.33
C THR A 156 -67.24 -69.14 -77.31
N ASP A 157 -66.76 -67.94 -77.67
CA ASP A 157 -65.32 -67.72 -77.65
C ASP A 157 -64.73 -67.73 -76.25
N ALA A 158 -63.42 -67.96 -76.18
CA ALA A 158 -62.70 -68.03 -74.92
C ALA A 158 -63.15 -67.00 -73.89
N THR A 159 -63.58 -67.49 -72.73
CA THR A 159 -63.98 -66.62 -71.63
C THR A 159 -63.22 -67.04 -70.38
N VAL A 160 -62.54 -66.07 -69.78
CA VAL A 160 -61.72 -66.30 -68.60
C VAL A 160 -62.53 -66.45 -67.31
N LEU A 161 -62.01 -67.30 -66.44
CA LEU A 161 -62.66 -67.60 -65.18
C LEU A 161 -61.64 -67.55 -64.08
N ASP A 162 -62.10 -67.29 -62.86
CA ASP A 162 -61.22 -67.24 -61.71
C ASP A 162 -61.93 -67.68 -60.44
N MET A 163 -61.32 -68.60 -59.71
CA MET A 163 -61.88 -69.14 -58.46
C MET A 163 -61.20 -68.50 -57.25
N LYS A 164 -61.83 -68.60 -56.08
CA LYS A 164 -61.25 -68.04 -54.86
C LYS A 164 -59.93 -68.75 -54.50
N ALA A 165 -59.39 -69.50 -55.46
CA ALA A 165 -58.14 -70.24 -55.28
C ALA A 165 -56.96 -69.62 -56.04
N MET A 166 -55.87 -69.35 -55.33
CA MET A 166 -54.64 -68.75 -55.86
C MET A 166 -54.46 -68.69 -57.40
N ASP A 167 -54.00 -69.79 -58.00
CA ASP A 167 -53.74 -69.83 -59.44
C ASP A 167 -54.90 -70.46 -60.20
N SER A 168 -56.13 -70.08 -59.84
CA SER A 168 -57.32 -70.66 -60.46
C SER A 168 -57.92 -69.98 -61.69
N LYS A 169 -57.21 -69.04 -62.31
CA LYS A 169 -57.78 -68.42 -63.50
C LYS A 169 -57.93 -69.52 -64.54
N SER A 170 -59.16 -69.88 -64.87
CA SER A 170 -59.39 -70.94 -65.85
C SER A 170 -59.88 -70.38 -67.18
N ASN A 171 -60.10 -71.25 -68.16
CA ASN A 171 -60.56 -70.78 -69.46
C ASN A 171 -61.82 -71.53 -69.92
N GLY A 172 -62.66 -70.86 -70.69
CA GLY A 172 -63.87 -71.50 -71.14
C GLY A 172 -64.33 -71.26 -72.56
N ALA A 173 -64.58 -72.36 -73.25
CA ALA A 173 -65.09 -72.30 -74.61
C ALA A 173 -66.17 -73.37 -74.65
N ILE A 174 -67.39 -73.00 -75.01
CA ILE A 174 -68.41 -74.01 -75.08
C ILE A 174 -68.68 -74.31 -76.53
N ALA A 175 -69.05 -75.55 -76.81
CA ALA A 175 -69.33 -75.95 -78.17
C ALA A 175 -70.35 -77.05 -78.13
N TRP A 176 -71.50 -76.79 -78.73
CA TRP A 176 -72.56 -77.76 -78.77
C TRP A 176 -72.83 -78.07 -80.24
N SER A 177 -73.64 -79.10 -80.48
CA SER A 177 -73.98 -79.49 -81.84
C SER A 177 -75.12 -80.50 -81.77
N ASN A 178 -76.10 -80.33 -82.64
CA ASN A 178 -77.26 -81.21 -82.68
C ASN A 178 -77.19 -82.22 -83.82
N GLN A 179 -76.03 -82.33 -84.46
CA GLN A 179 -75.90 -83.25 -85.59
C GLN A 179 -75.89 -84.72 -85.17
N THR A 180 -77.05 -85.36 -85.31
CA THR A 180 -77.24 -86.76 -84.96
C THR A 180 -76.17 -87.29 -84.03
N SER A 181 -75.14 -87.86 -84.63
CA SER A 181 -74.03 -88.45 -83.90
C SER A 181 -72.80 -87.59 -84.10
N PHE A 182 -72.35 -86.92 -83.04
CA PHE A 182 -71.15 -86.10 -83.13
C PHE A 182 -70.41 -86.02 -81.80
N THR A 183 -69.22 -86.62 -81.79
CA THR A 183 -68.37 -86.68 -80.61
C THR A 183 -67.37 -85.51 -80.54
N CYS A 184 -67.33 -84.82 -79.38
CA CYS A 184 -66.45 -83.66 -79.12
C CYS A 184 -65.18 -83.67 -79.98
N GLN A 185 -64.44 -84.76 -79.87
CA GLN A 185 -63.19 -84.97 -80.60
C GLN A 185 -63.21 -84.43 -82.04
N ASP A 186 -64.38 -84.53 -82.67
CA ASP A 186 -64.59 -84.07 -84.05
C ASP A 186 -64.71 -82.54 -84.14
N ILE A 187 -65.33 -81.91 -83.14
CA ILE A 187 -65.45 -80.45 -83.17
C ILE A 187 -64.11 -79.86 -82.76
N PHE A 188 -63.58 -80.35 -81.64
CA PHE A 188 -62.29 -79.89 -81.18
C PHE A 188 -61.27 -80.64 -82.02
N LYS A 189 -61.48 -80.49 -83.32
CA LYS A 189 -60.68 -81.08 -84.39
C LYS A 189 -59.23 -81.25 -84.01
N GLU A 190 -58.64 -80.19 -83.47
CA GLU A 190 -57.24 -80.23 -83.11
C GLU A 190 -56.90 -79.36 -81.92
N THR A 191 -56.90 -79.99 -80.76
CA THR A 191 -56.55 -79.32 -79.52
C THR A 191 -55.65 -80.32 -78.79
N ASN A 192 -56.01 -80.66 -77.56
CA ASN A 192 -55.31 -81.64 -76.69
C ASN A 192 -56.23 -82.25 -75.62
N ALA A 193 -56.01 -83.54 -75.37
CA ALA A 193 -56.73 -84.36 -74.35
C ALA A 193 -58.24 -84.24 -74.35
N THR A 194 -58.87 -85.38 -74.64
CA THR A 194 -60.33 -85.53 -74.69
C THR A 194 -60.84 -86.78 -73.92
N TYR A 195 -60.66 -86.75 -72.60
CA TYR A 195 -61.10 -87.83 -71.70
C TYR A 195 -62.51 -88.33 -71.99
N PRO A 196 -62.71 -89.66 -71.93
CA PRO A 196 -63.95 -90.41 -72.17
C PRO A 196 -65.14 -90.12 -71.24
N SER A 197 -66.28 -89.86 -71.87
CA SER A 197 -67.52 -89.60 -71.14
C SER A 197 -67.75 -90.85 -70.29
N SER A 198 -67.00 -91.90 -70.63
CA SER A 198 -67.04 -93.19 -69.94
C SER A 198 -66.53 -93.01 -68.52
N ASP A 199 -67.45 -93.04 -67.56
CA ASP A 199 -67.13 -92.87 -66.16
C ASP A 199 -66.17 -93.95 -65.68
N VAL A 200 -65.05 -93.52 -65.08
CA VAL A 200 -64.04 -94.45 -64.57
C VAL A 200 -64.68 -95.51 -63.68
N PRO A 201 -64.48 -96.80 -64.00
CA PRO A 201 -65.09 -97.84 -63.17
C PRO A 201 -65.07 -97.46 -61.68
N CYS A 202 -66.16 -97.79 -60.98
CA CYS A 202 -66.30 -97.49 -59.56
C CYS A 202 -65.10 -97.94 -58.73
N GLU B 1 -73.30 -40.98 -52.91
CA GLU B 1 -73.61 -41.68 -54.19
C GLU B 1 -72.79 -41.21 -55.40
N ALA B 2 -73.16 -40.06 -55.95
CA ALA B 2 -72.47 -39.55 -57.12
C ALA B 2 -72.79 -40.46 -58.30
N ALA B 3 -73.95 -40.26 -58.92
CA ALA B 3 -74.37 -41.09 -60.05
C ALA B 3 -75.72 -40.66 -60.63
N VAL B 4 -76.08 -41.27 -61.76
CA VAL B 4 -77.31 -40.94 -62.45
C VAL B 4 -78.21 -42.13 -62.72
N THR B 5 -79.47 -42.00 -62.33
CA THR B 5 -80.46 -43.06 -62.52
C THR B 5 -81.15 -43.01 -63.87
N GLN B 6 -81.37 -44.18 -64.43
CA GLN B 6 -81.95 -44.27 -65.74
C GLN B 6 -82.79 -45.54 -65.77
N SER B 7 -84.10 -45.33 -65.76
CA SER B 7 -85.06 -46.42 -65.75
C SER B 7 -86.24 -45.89 -66.52
N PRO B 8 -87.01 -46.78 -67.18
CA PRO B 8 -86.84 -48.23 -67.23
C PRO B 8 -85.45 -48.74 -67.62
N ARG B 9 -85.14 -49.98 -67.26
CA ARG B 9 -83.85 -50.54 -67.58
C ARG B 9 -83.88 -51.24 -68.93
N ASN B 10 -84.78 -52.20 -69.09
CA ASN B 10 -84.92 -52.88 -70.36
C ASN B 10 -86.35 -52.63 -70.86
N LYS B 11 -86.48 -52.39 -72.17
CA LYS B 11 -87.77 -52.16 -72.82
C LYS B 11 -87.82 -52.55 -74.30
N VAL B 12 -88.90 -53.23 -74.65
CA VAL B 12 -89.12 -53.69 -76.01
C VAL B 12 -90.53 -53.37 -76.38
N ALA B 13 -90.73 -53.09 -77.65
CA ALA B 13 -92.04 -52.74 -78.14
C ALA B 13 -92.02 -52.76 -79.66
N VAL B 14 -93.21 -52.76 -80.24
CA VAL B 14 -93.38 -52.79 -81.68
C VAL B 14 -93.22 -51.41 -82.28
N THR B 15 -93.06 -51.35 -83.60
CA THR B 15 -92.94 -50.06 -84.23
C THR B 15 -94.14 -49.19 -83.88
N GLY B 16 -94.03 -47.92 -84.18
CA GLY B 16 -95.12 -47.00 -83.91
C GLY B 16 -95.26 -46.81 -82.42
N GLY B 17 -94.57 -47.66 -81.66
CA GLY B 17 -94.65 -47.52 -80.22
C GLY B 17 -94.22 -46.15 -79.76
N LYS B 18 -94.45 -45.87 -78.47
CA LYS B 18 -94.07 -44.61 -77.82
C LYS B 18 -93.74 -44.82 -76.36
N VAL B 19 -92.45 -44.82 -76.02
CA VAL B 19 -92.10 -44.99 -74.62
C VAL B 19 -91.45 -43.75 -74.06
N THR B 20 -91.31 -43.75 -72.75
CA THR B 20 -90.71 -42.62 -72.09
C THR B 20 -89.68 -43.11 -71.10
N LEU B 21 -88.45 -43.33 -71.58
CA LEU B 21 -87.37 -43.77 -70.69
C LEU B 21 -86.92 -42.55 -69.93
N SER B 22 -87.13 -42.62 -68.63
CA SER B 22 -86.82 -41.50 -67.78
C SER B 22 -85.40 -41.45 -67.24
N CYS B 23 -85.24 -40.63 -66.20
CA CYS B 23 -83.96 -40.47 -65.53
C CYS B 23 -84.03 -39.48 -64.41
N ASN B 24 -83.54 -39.87 -63.24
CA ASN B 24 -83.51 -38.98 -62.08
C ASN B 24 -82.10 -38.43 -61.88
N GLN B 25 -81.93 -37.57 -60.85
CA GLN B 25 -80.63 -36.98 -60.57
C GLN B 25 -80.42 -36.56 -59.13
N THR B 26 -79.34 -37.06 -58.52
CA THR B 26 -79.04 -36.74 -57.13
C THR B 26 -77.70 -36.02 -57.10
N ASN B 27 -77.49 -35.08 -58.02
CA ASN B 27 -76.19 -34.39 -58.07
C ASN B 27 -76.20 -32.98 -58.63
N ASN B 28 -77.32 -32.27 -58.45
CA ASN B 28 -77.52 -30.90 -58.94
C ASN B 28 -76.79 -30.36 -60.18
N HIS B 29 -76.22 -31.25 -61.00
CA HIS B 29 -75.56 -30.79 -62.23
C HIS B 29 -76.71 -30.20 -63.04
N ASN B 30 -76.44 -29.11 -63.74
CA ASN B 30 -77.45 -28.47 -64.56
C ASN B 30 -77.63 -29.21 -65.88
N ASN B 31 -76.51 -29.50 -66.52
CA ASN B 31 -76.49 -30.18 -67.81
C ASN B 31 -76.99 -31.60 -67.70
N MET B 32 -77.48 -32.13 -68.83
CA MET B 32 -78.00 -33.49 -68.92
C MET B 32 -77.94 -33.95 -70.37
N TYR B 33 -77.70 -35.25 -70.61
CA TYR B 33 -77.60 -35.74 -71.99
C TYR B 33 -78.32 -37.05 -72.30
N TRP B 34 -78.24 -37.46 -73.55
CA TRP B 34 -78.85 -38.70 -73.95
C TRP B 34 -78.03 -39.13 -75.14
N TYR B 35 -77.18 -40.13 -74.95
CA TYR B 35 -76.33 -40.64 -76.02
C TYR B 35 -76.89 -41.97 -76.51
N ARG B 36 -76.39 -42.48 -77.64
CA ARG B 36 -76.87 -43.76 -78.20
C ARG B 36 -75.71 -44.70 -78.50
N GLN B 37 -75.55 -45.71 -77.64
CA GLN B 37 -74.44 -46.61 -77.84
C GLN B 37 -74.81 -47.76 -78.76
N ASP B 38 -74.07 -47.84 -79.87
CA ASP B 38 -74.21 -48.86 -80.89
C ASP B 38 -72.79 -49.18 -81.35
N THR B 39 -72.57 -50.43 -81.76
CA THR B 39 -71.27 -50.84 -82.26
C THR B 39 -71.08 -50.09 -83.55
N GLY B 40 -69.83 -49.83 -83.91
CA GLY B 40 -69.60 -49.11 -85.14
C GLY B 40 -69.40 -47.63 -84.98
N HIS B 41 -70.12 -46.99 -84.04
CA HIS B 41 -69.99 -45.53 -83.86
C HIS B 41 -69.63 -45.13 -82.42
N GLY B 42 -69.89 -46.03 -81.49
CA GLY B 42 -69.63 -45.73 -80.08
C GLY B 42 -70.76 -44.83 -79.65
N LEU B 43 -70.62 -44.17 -78.51
CA LEU B 43 -71.68 -43.27 -78.05
C LEU B 43 -71.91 -42.15 -79.06
N ARG B 44 -73.18 -41.75 -79.21
CA ARG B 44 -73.58 -40.67 -80.10
C ARG B 44 -74.67 -39.92 -79.37
N LEU B 45 -74.52 -38.59 -79.32
CA LEU B 45 -75.46 -37.67 -78.67
C LEU B 45 -76.73 -37.40 -79.48
N ILE B 46 -77.86 -37.29 -78.77
CA ILE B 46 -79.15 -36.99 -79.39
C ILE B 46 -79.69 -35.67 -78.81
N HIS B 47 -79.81 -35.62 -77.49
CA HIS B 47 -80.34 -34.44 -76.84
C HIS B 47 -79.73 -34.15 -75.45
N TYR B 48 -79.44 -32.89 -75.18
CA TYR B 48 -78.89 -32.44 -73.90
C TYR B 48 -79.65 -31.21 -73.42
N SER B 49 -79.41 -30.82 -72.17
CA SER B 49 -80.13 -29.68 -71.62
C SER B 49 -79.41 -28.96 -70.48
N TYR B 50 -79.39 -27.63 -70.54
CA TYR B 50 -78.73 -26.85 -69.50
C TYR B 50 -79.62 -26.62 -68.31
N GLY B 51 -80.69 -27.38 -68.17
CA GLY B 51 -81.57 -27.18 -67.02
C GLY B 51 -83.02 -26.96 -67.38
N ALA B 52 -83.87 -26.80 -66.37
CA ALA B 52 -85.30 -26.62 -66.61
C ALA B 52 -85.57 -25.82 -67.87
N GLY B 53 -86.58 -26.24 -68.62
CA GLY B 53 -86.94 -25.55 -69.83
C GLY B 53 -85.95 -25.59 -70.99
N SER B 54 -84.79 -26.21 -70.78
CA SER B 54 -83.79 -26.27 -71.84
C SER B 54 -83.77 -27.65 -72.50
N THR B 55 -83.67 -27.64 -73.84
CA THR B 55 -83.62 -28.84 -74.67
C THR B 55 -83.04 -28.39 -75.99
N GLU B 56 -81.78 -28.71 -76.22
CA GLU B 56 -81.13 -28.31 -77.46
C GLU B 56 -80.69 -29.58 -78.21
N LYS B 57 -80.94 -29.61 -79.51
CA LYS B 57 -80.59 -30.75 -80.37
C LYS B 57 -79.15 -31.22 -80.19
N GLY B 58 -78.90 -32.42 -80.71
CA GLY B 58 -77.57 -33.01 -80.66
C GLY B 58 -77.17 -33.39 -82.07
N ASP B 59 -76.44 -34.49 -82.22
CA ASP B 59 -76.01 -34.95 -83.55
C ASP B 59 -77.03 -35.86 -84.31
N ILE B 60 -77.82 -36.63 -83.56
CA ILE B 60 -78.84 -37.52 -84.14
C ILE B 60 -80.16 -37.29 -83.39
N PRO B 61 -80.87 -36.22 -83.74
CA PRO B 61 -82.15 -35.87 -83.09
C PRO B 61 -83.46 -36.41 -83.69
N ASP B 62 -83.46 -36.57 -85.01
CA ASP B 62 -84.64 -37.04 -85.72
C ASP B 62 -85.23 -38.21 -84.97
N GLY B 63 -86.54 -38.30 -84.89
CA GLY B 63 -87.14 -39.42 -84.22
C GLY B 63 -87.10 -39.34 -82.71
N TYR B 64 -86.38 -38.37 -82.16
CA TYR B 64 -86.32 -38.21 -80.71
C TYR B 64 -86.76 -36.85 -80.21
N LYS B 65 -87.22 -36.83 -78.96
CA LYS B 65 -87.69 -35.59 -78.33
C LYS B 65 -87.38 -35.57 -76.85
N ALA B 66 -86.44 -34.74 -76.43
CA ALA B 66 -86.05 -34.65 -75.04
C ALA B 66 -86.94 -33.67 -74.27
N SER B 67 -86.97 -33.80 -72.95
CA SER B 67 -87.80 -32.88 -72.15
C SER B 67 -87.20 -32.71 -70.77
N ARG B 68 -86.90 -31.45 -70.47
CA ARG B 68 -86.29 -31.05 -69.22
C ARG B 68 -87.25 -30.31 -68.32
N PRO B 69 -88.15 -31.04 -67.64
CA PRO B 69 -89.11 -30.39 -66.75
C PRO B 69 -88.49 -29.77 -65.50
N SER B 70 -87.75 -30.59 -64.76
CA SER B 70 -87.12 -30.21 -63.49
C SER B 70 -85.63 -30.55 -63.42
N GLN B 71 -84.83 -29.58 -62.98
CA GLN B 71 -83.39 -29.77 -62.86
C GLN B 71 -82.99 -31.22 -62.71
N GLU B 72 -83.66 -31.95 -61.83
CA GLU B 72 -83.34 -33.35 -61.60
C GLU B 72 -83.75 -34.31 -62.72
N ASN B 73 -85.01 -34.28 -63.13
CA ASN B 73 -85.44 -35.21 -64.17
C ASN B 73 -85.09 -34.79 -65.59
N PHE B 74 -84.77 -35.77 -66.43
CA PHE B 74 -84.51 -35.56 -67.86
C PHE B 74 -84.90 -36.87 -68.52
N SER B 75 -85.74 -36.79 -69.56
CA SER B 75 -86.28 -37.98 -70.26
C SER B 75 -86.36 -37.84 -71.79
N LEU B 76 -86.28 -38.97 -72.48
CA LEU B 76 -86.33 -38.95 -73.94
C LEU B 76 -87.66 -39.46 -74.44
N ILE B 77 -88.11 -38.92 -75.55
CA ILE B 77 -89.39 -39.32 -76.13
C ILE B 77 -89.22 -39.85 -77.54
N LEU B 78 -90.08 -40.79 -77.90
CA LEU B 78 -90.04 -41.35 -79.22
C LEU B 78 -91.50 -41.62 -79.65
N GLU B 79 -92.21 -40.53 -79.94
CA GLU B 79 -93.60 -40.54 -80.40
C GLU B 79 -93.86 -41.72 -81.32
N LEU B 80 -93.14 -41.76 -82.43
CA LEU B 80 -93.31 -42.86 -83.35
C LEU B 80 -92.04 -43.67 -83.31
N ALA B 81 -92.18 -44.95 -82.99
CA ALA B 81 -91.02 -45.82 -82.87
C ALA B 81 -90.43 -46.33 -84.19
N THR B 82 -89.35 -47.09 -84.10
CA THR B 82 -88.69 -47.66 -85.27
C THR B 82 -87.49 -48.52 -84.84
N PRO B 83 -87.41 -49.76 -85.37
CA PRO B 83 -86.35 -50.73 -85.09
C PRO B 83 -84.98 -50.19 -85.41
N SER B 84 -84.95 -49.10 -86.15
CA SER B 84 -83.68 -48.45 -86.46
C SER B 84 -83.17 -47.95 -85.11
N GLN B 85 -84.15 -47.60 -84.27
CA GLN B 85 -83.95 -47.08 -82.91
C GLN B 85 -83.53 -48.09 -81.84
N THR B 86 -83.59 -49.38 -82.15
CA THR B 86 -83.23 -50.39 -81.17
C THR B 86 -81.81 -50.20 -80.70
N SER B 87 -81.60 -49.98 -79.40
CA SER B 87 -80.26 -49.77 -78.85
C SER B 87 -80.16 -49.63 -77.32
N VAL B 88 -78.99 -49.17 -76.87
CA VAL B 88 -78.69 -48.98 -75.45
C VAL B 88 -78.47 -47.49 -75.20
N TYR B 89 -79.34 -46.84 -74.42
CA TYR B 89 -79.15 -45.42 -74.16
C TYR B 89 -78.65 -45.17 -72.74
N PHE B 90 -78.29 -43.92 -72.46
CA PHE B 90 -77.80 -43.47 -71.18
C PHE B 90 -78.04 -42.00 -71.07
N CYS B 91 -78.64 -41.56 -69.98
CA CYS B 91 -78.76 -40.14 -69.88
C CYS B 91 -77.50 -39.87 -69.07
N ALA B 92 -76.96 -38.65 -69.17
CA ALA B 92 -75.78 -38.26 -68.43
C ALA B 92 -75.85 -36.79 -68.01
N SER B 93 -75.33 -36.49 -66.82
CA SER B 93 -75.30 -35.11 -66.33
C SER B 93 -73.85 -34.72 -66.37
N GLY B 94 -73.56 -33.47 -66.00
CA GLY B 94 -72.16 -33.05 -66.04
C GLY B 94 -71.94 -31.61 -65.68
N GLY B 95 -71.63 -31.36 -64.41
CA GLY B 95 -71.41 -30.01 -63.93
C GLY B 95 -70.21 -29.24 -64.41
N GLY B 96 -69.94 -29.28 -65.71
CA GLY B 96 -68.83 -28.54 -66.22
C GLY B 96 -68.19 -29.14 -67.44
N GLY B 97 -67.65 -30.34 -67.27
CA GLY B 97 -67.00 -31.07 -68.37
C GLY B 97 -66.71 -32.49 -67.90
N THR B 98 -67.11 -32.77 -66.67
CA THR B 98 -66.92 -34.06 -66.05
C THR B 98 -68.23 -34.88 -66.05
N LEU B 99 -68.64 -35.39 -67.21
CA LEU B 99 -69.88 -36.15 -67.30
C LEU B 99 -70.04 -37.35 -66.39
N TYR B 100 -71.29 -37.65 -66.07
CA TYR B 100 -71.64 -38.81 -65.23
C TYR B 100 -72.73 -39.55 -65.96
N PHE B 101 -72.45 -40.80 -66.31
CA PHE B 101 -73.39 -41.62 -67.03
C PHE B 101 -74.21 -42.52 -66.14
N GLY B 102 -75.36 -42.94 -66.67
CA GLY B 102 -76.27 -43.79 -65.92
C GLY B 102 -76.20 -45.23 -66.36
N ALA B 103 -76.76 -46.10 -65.52
CA ALA B 103 -76.77 -47.54 -65.79
C ALA B 103 -76.91 -47.79 -67.28
N GLY B 104 -78.07 -47.45 -67.85
CA GLY B 104 -78.30 -47.66 -69.27
C GLY B 104 -79.70 -48.17 -69.53
N THR B 105 -80.03 -48.45 -70.81
CA THR B 105 -81.36 -48.94 -71.22
C THR B 105 -81.35 -49.82 -72.48
N ARG B 106 -82.05 -50.96 -72.45
CA ARG B 106 -82.13 -51.85 -73.62
C ARG B 106 -83.45 -51.67 -74.35
N LEU B 107 -83.51 -50.85 -75.40
CA LEU B 107 -84.78 -50.73 -76.09
C LEU B 107 -84.67 -51.45 -77.41
N SER B 108 -85.48 -52.47 -77.60
CA SER B 108 -85.53 -53.23 -78.85
C SER B 108 -86.88 -52.88 -79.42
N VAL B 109 -86.89 -52.41 -80.67
CA VAL B 109 -88.11 -52.01 -81.38
C VAL B 109 -88.53 -53.02 -82.44
N LEU B 110 -89.01 -54.17 -81.98
CA LEU B 110 -89.47 -55.24 -82.87
C LEU B 110 -90.66 -54.76 -83.71
N GLU B 111 -90.89 -55.40 -84.86
CA GLU B 111 -92.04 -55.02 -85.69
C GLU B 111 -93.20 -55.84 -85.13
N ASP B 112 -93.00 -57.16 -85.13
CA ASP B 112 -93.96 -58.15 -84.62
C ASP B 112 -93.68 -58.46 -83.16
N LEU B 113 -94.69 -58.32 -82.30
CA LEU B 113 -94.50 -58.55 -80.87
C LEU B 113 -94.54 -60.00 -80.38
N ARG B 114 -95.47 -60.79 -80.87
CA ARG B 114 -95.61 -62.17 -80.43
C ARG B 114 -94.49 -63.01 -81.03
N ASN B 115 -93.41 -62.32 -81.33
CA ASN B 115 -92.22 -62.91 -81.92
C ASN B 115 -91.08 -63.08 -80.86
N VAL B 116 -91.47 -62.96 -79.59
CA VAL B 116 -90.56 -63.10 -78.47
C VAL B 116 -90.68 -64.54 -77.96
N THR B 117 -89.90 -64.88 -76.93
CA THR B 117 -89.92 -66.24 -76.39
C THR B 117 -89.08 -66.31 -75.12
N PRO B 118 -89.69 -66.66 -73.99
CA PRO B 118 -88.91 -66.73 -72.75
C PRO B 118 -87.78 -67.70 -72.98
N PRO B 119 -86.72 -67.62 -72.18
CA PRO B 119 -85.58 -68.55 -72.34
C PRO B 119 -85.90 -69.97 -71.96
N LYS B 120 -84.99 -70.88 -72.30
CA LYS B 120 -85.12 -72.28 -71.89
C LYS B 120 -83.80 -72.56 -71.17
N VAL B 121 -83.86 -72.70 -69.85
CA VAL B 121 -82.63 -72.90 -69.10
C VAL B 121 -82.42 -74.33 -68.63
N SER B 122 -81.17 -74.75 -68.59
CA SER B 122 -80.93 -76.09 -68.20
C SER B 122 -79.49 -76.22 -67.73
N LEU B 123 -79.34 -76.68 -66.50
CA LEU B 123 -78.06 -76.86 -65.85
C LEU B 123 -77.36 -78.20 -66.11
N PHE B 124 -76.34 -78.22 -66.95
CA PHE B 124 -75.64 -79.48 -67.18
C PHE B 124 -74.77 -79.74 -65.95
N GLU B 125 -74.65 -81.02 -65.57
CA GLU B 125 -73.83 -81.39 -64.44
C GLU B 125 -72.42 -81.74 -64.96
N PRO B 126 -71.38 -81.53 -64.13
CA PRO B 126 -69.92 -81.73 -64.30
C PRO B 126 -69.40 -83.08 -64.80
N SER B 127 -68.38 -83.04 -65.65
CA SER B 127 -67.79 -84.27 -66.15
C SER B 127 -67.19 -84.95 -64.93
N LYS B 128 -67.45 -86.24 -64.75
CA LYS B 128 -66.88 -86.96 -63.62
C LYS B 128 -65.37 -86.87 -63.81
N ALA B 129 -64.95 -87.10 -65.05
CA ALA B 129 -63.55 -87.09 -65.44
C ALA B 129 -62.89 -85.83 -64.94
N GLU B 130 -63.53 -84.70 -65.23
CA GLU B 130 -63.01 -83.42 -64.79
C GLU B 130 -62.63 -83.59 -63.33
N ILE B 131 -63.61 -84.00 -62.53
CA ILE B 131 -63.39 -84.19 -61.10
C ILE B 131 -62.16 -85.06 -60.75
N ALA B 132 -62.07 -86.26 -61.32
CA ALA B 132 -60.90 -87.10 -61.04
C ALA B 132 -59.66 -86.31 -61.45
N ASN B 133 -59.66 -85.92 -62.73
CA ASN B 133 -58.59 -85.15 -63.35
C ASN B 133 -58.05 -83.96 -62.53
N LYS B 134 -58.92 -82.96 -62.32
CA LYS B 134 -58.56 -81.73 -61.61
C LYS B 134 -59.07 -81.49 -60.20
N GLN B 135 -59.88 -82.39 -59.65
CA GLN B 135 -60.40 -82.18 -58.29
C GLN B 135 -61.33 -81.00 -58.21
N LYS B 136 -61.89 -80.58 -59.34
CA LYS B 136 -62.78 -79.43 -59.33
C LYS B 136 -63.97 -79.71 -60.21
N ALA B 137 -65.13 -79.23 -59.81
CA ALA B 137 -66.33 -79.44 -60.61
C ALA B 137 -66.66 -78.18 -61.38
N THR B 138 -67.46 -78.34 -62.43
CA THR B 138 -67.84 -77.21 -63.25
C THR B 138 -69.22 -77.38 -63.87
N LEU B 139 -70.24 -76.87 -63.20
CA LEU B 139 -71.60 -76.94 -63.71
C LEU B 139 -71.64 -75.89 -64.82
N VAL B 140 -71.99 -76.33 -66.03
CA VAL B 140 -72.03 -75.41 -67.15
C VAL B 140 -73.47 -75.20 -67.61
N CYS B 141 -73.89 -73.94 -67.52
CA CYS B 141 -75.24 -73.56 -67.89
C CYS B 141 -75.40 -72.91 -69.24
N LEU B 142 -76.44 -73.35 -69.94
CA LEU B 142 -76.75 -72.81 -71.25
C LEU B 142 -78.26 -72.55 -71.38
N ALA B 143 -78.61 -71.34 -71.81
CA ALA B 143 -80.01 -70.99 -72.01
C ALA B 143 -80.29 -70.88 -73.50
N ARG B 144 -81.49 -71.25 -73.94
CA ARG B 144 -81.78 -71.16 -75.38
C ARG B 144 -83.18 -70.69 -75.80
N GLY B 145 -83.31 -70.31 -77.06
CA GLY B 145 -84.57 -69.88 -77.65
C GLY B 145 -85.42 -68.73 -77.12
N PHE B 146 -84.80 -67.59 -76.82
CA PHE B 146 -85.51 -66.40 -76.32
C PHE B 146 -85.10 -65.33 -77.31
N PHE B 147 -85.99 -64.37 -77.62
CA PHE B 147 -85.65 -63.32 -78.58
C PHE B 147 -85.33 -61.97 -77.99
N PRO B 148 -86.25 -61.41 -77.20
CA PRO B 148 -85.73 -60.13 -76.71
C PRO B 148 -84.45 -60.58 -75.98
N ASP B 149 -83.30 -60.11 -76.46
CA ASP B 149 -82.02 -60.47 -75.88
C ASP B 149 -81.73 -59.67 -74.59
N HIS B 150 -82.74 -59.49 -73.77
CA HIS B 150 -82.58 -58.75 -72.54
C HIS B 150 -82.66 -59.81 -71.44
N VAL B 151 -81.51 -60.33 -71.01
CA VAL B 151 -81.45 -61.36 -69.98
C VAL B 151 -80.23 -61.21 -69.08
N GLU B 152 -80.39 -61.58 -67.81
CA GLU B 152 -79.32 -61.50 -66.84
C GLU B 152 -79.30 -62.81 -66.09
N LEU B 153 -78.11 -63.43 -66.06
CA LEU B 153 -77.89 -64.71 -65.41
C LEU B 153 -77.05 -64.56 -64.16
N SER B 154 -77.41 -65.32 -63.13
CA SER B 154 -76.71 -65.33 -61.84
C SER B 154 -76.70 -66.73 -61.16
N TRP B 155 -75.56 -67.11 -60.57
CA TRP B 155 -75.46 -68.41 -59.90
C TRP B 155 -75.88 -68.33 -58.44
N TRP B 156 -76.67 -69.31 -57.99
CA TRP B 156 -77.19 -69.34 -56.61
C TRP B 156 -76.91 -70.65 -55.89
N VAL B 157 -76.02 -70.59 -54.91
CA VAL B 157 -75.64 -71.73 -54.12
C VAL B 157 -76.24 -71.68 -52.72
N ASN B 158 -77.05 -72.67 -52.38
CA ASN B 158 -77.66 -72.73 -51.06
C ASN B 158 -78.44 -71.51 -50.62
N GLY B 159 -78.97 -70.76 -51.59
CA GLY B 159 -79.75 -69.57 -51.28
C GLY B 159 -79.12 -68.21 -51.57
N LYS B 160 -77.79 -68.18 -51.62
CA LYS B 160 -77.05 -66.95 -51.85
C LYS B 160 -76.50 -66.87 -53.27
N GLU B 161 -76.01 -65.70 -53.66
CA GLU B 161 -75.47 -65.57 -55.00
C GLU B 161 -74.01 -65.83 -54.89
N VAL B 162 -73.36 -65.99 -56.03
CA VAL B 162 -71.95 -66.28 -56.04
C VAL B 162 -71.33 -65.67 -57.28
N HIS B 163 -70.31 -64.83 -57.12
CA HIS B 163 -69.68 -64.18 -58.28
C HIS B 163 -68.34 -64.86 -58.57
N SER B 164 -67.82 -65.59 -57.58
CA SER B 164 -66.54 -66.29 -57.69
C SER B 164 -66.64 -67.68 -58.37
N GLY B 165 -65.79 -67.91 -59.37
CA GLY B 165 -65.79 -69.16 -60.09
C GLY B 165 -66.83 -69.18 -61.19
N VAL B 166 -67.24 -67.96 -61.56
CA VAL B 166 -68.25 -67.72 -62.59
C VAL B 166 -67.66 -67.09 -63.86
N SER B 167 -68.19 -67.44 -65.03
CA SER B 167 -67.74 -66.88 -66.30
C SER B 167 -68.91 -66.69 -67.27
N THR B 168 -69.94 -65.97 -66.82
CA THR B 168 -71.12 -65.71 -67.64
C THR B 168 -70.65 -64.98 -68.93
N ASP B 169 -70.95 -65.54 -70.10
CA ASP B 169 -70.61 -64.94 -71.40
C ASP B 169 -71.01 -63.48 -71.46
N PRO B 170 -70.20 -62.66 -72.15
CA PRO B 170 -70.39 -61.21 -72.35
C PRO B 170 -71.84 -60.85 -72.69
N GLN B 171 -72.24 -61.11 -73.94
CA GLN B 171 -73.60 -60.86 -74.46
C GLN B 171 -74.24 -62.14 -75.10
N ALA B 172 -75.47 -62.04 -75.61
CA ALA B 172 -76.16 -63.19 -76.21
C ALA B 172 -75.83 -63.51 -77.67
N TYR B 173 -75.29 -64.71 -77.91
CA TYR B 173 -74.97 -65.11 -79.28
C TYR B 173 -76.23 -65.61 -79.95
N LYS B 174 -76.65 -64.92 -81.01
CA LYS B 174 -77.84 -65.34 -81.75
C LYS B 174 -77.76 -66.82 -82.16
N GLU B 175 -78.67 -67.61 -81.63
CA GLU B 175 -78.74 -69.04 -81.93
C GLU B 175 -79.08 -69.09 -83.40
N SER B 176 -80.36 -68.87 -83.68
CA SER B 176 -80.90 -68.81 -85.04
C SER B 176 -81.48 -67.38 -85.20
N ASN B 177 -81.96 -67.07 -86.40
CA ASN B 177 -82.51 -65.75 -86.71
C ASN B 177 -83.47 -65.11 -85.69
N TYR B 178 -84.05 -65.91 -84.80
CA TYR B 178 -84.97 -65.34 -83.82
C TYR B 178 -84.84 -65.85 -82.39
N SER B 179 -83.64 -66.26 -82.00
CA SER B 179 -83.44 -66.69 -80.64
C SER B 179 -81.94 -66.68 -80.35
N TYR B 180 -81.59 -66.50 -79.08
CA TYR B 180 -80.19 -66.44 -78.69
C TYR B 180 -79.89 -67.48 -77.62
N CYS B 181 -78.68 -67.44 -77.09
CA CYS B 181 -78.28 -68.35 -76.05
C CYS B 181 -77.16 -67.74 -75.23
N LEU B 182 -77.25 -67.93 -73.92
CA LEU B 182 -76.25 -67.42 -73.00
C LEU B 182 -75.72 -68.63 -72.20
N SER B 183 -74.43 -68.92 -72.36
CA SER B 183 -73.84 -70.03 -71.63
C SER B 183 -72.89 -69.48 -70.58
N SER B 184 -73.16 -69.80 -69.31
CA SER B 184 -72.32 -69.35 -68.21
C SER B 184 -71.79 -70.55 -67.45
N ARG B 185 -70.68 -70.40 -66.73
CA ARG B 185 -70.18 -71.51 -65.93
C ARG B 185 -69.83 -71.16 -64.48
N LEU B 186 -69.74 -72.21 -63.67
CA LEU B 186 -69.41 -72.11 -62.26
C LEU B 186 -68.41 -73.23 -62.02
N ARG B 187 -67.57 -73.11 -61.00
CA ARG B 187 -66.59 -74.16 -60.79
C ARG B 187 -66.06 -74.20 -59.38
N VAL B 188 -66.59 -75.15 -58.64
CA VAL B 188 -66.20 -75.33 -57.26
C VAL B 188 -65.27 -76.53 -57.20
N SER B 189 -64.83 -76.81 -55.99
CA SER B 189 -63.94 -77.93 -55.71
C SER B 189 -64.68 -79.23 -55.91
N ALA B 190 -63.98 -80.35 -55.92
CA ALA B 190 -64.74 -81.57 -56.06
C ALA B 190 -65.35 -81.82 -54.69
N THR B 191 -64.60 -81.48 -53.65
CA THR B 191 -65.08 -81.66 -52.29
C THR B 191 -66.49 -81.10 -52.20
N PHE B 192 -66.66 -79.90 -52.73
CA PHE B 192 -67.92 -79.14 -52.70
C PHE B 192 -69.08 -79.78 -53.49
N TRP B 193 -68.81 -80.25 -54.70
CA TRP B 193 -69.85 -80.87 -55.48
C TRP B 193 -70.44 -82.12 -54.80
N HIS B 194 -69.54 -82.90 -54.22
CA HIS B 194 -69.82 -84.16 -53.55
C HIS B 194 -70.63 -84.14 -52.25
N ASN B 195 -71.21 -83.00 -51.90
CA ASN B 195 -72.02 -82.95 -50.70
C ASN B 195 -73.45 -82.58 -51.02
N PRO B 196 -74.35 -83.55 -50.92
CA PRO B 196 -75.79 -83.40 -51.19
C PRO B 196 -76.54 -82.53 -50.20
N ARG B 197 -75.81 -81.63 -49.54
CA ARG B 197 -76.42 -80.69 -48.62
C ARG B 197 -76.29 -79.34 -49.36
N ASN B 198 -75.61 -79.38 -50.50
CA ASN B 198 -75.44 -78.21 -51.33
C ASN B 198 -76.58 -78.16 -52.32
N HIS B 199 -76.90 -76.93 -52.73
CA HIS B 199 -77.97 -76.66 -53.67
C HIS B 199 -77.28 -75.79 -54.71
N PHE B 200 -77.62 -75.97 -55.98
CA PHE B 200 -77.02 -75.17 -57.05
C PHE B 200 -78.08 -74.81 -58.07
N ARG B 201 -78.40 -73.53 -58.17
CA ARG B 201 -79.39 -73.10 -59.12
C ARG B 201 -78.76 -72.18 -60.12
N CYS B 202 -79.17 -72.29 -61.38
CA CYS B 202 -78.67 -71.37 -62.40
C CYS B 202 -79.93 -70.69 -62.81
N GLN B 203 -79.98 -69.37 -62.71
CA GLN B 203 -81.20 -68.66 -63.10
C GLN B 203 -81.00 -67.49 -64.04
N VAL B 204 -81.94 -67.36 -64.97
CA VAL B 204 -81.88 -66.30 -65.94
C VAL B 204 -83.02 -65.31 -65.75
N GLN B 205 -82.68 -64.02 -65.78
CA GLN B 205 -83.70 -63.01 -65.66
C GLN B 205 -84.01 -62.68 -67.11
N PHE B 206 -85.30 -62.58 -67.46
CA PHE B 206 -85.73 -62.26 -68.81
C PHE B 206 -86.79 -61.16 -68.88
N HIS B 207 -86.37 -59.99 -69.35
CA HIS B 207 -87.32 -58.89 -69.44
C HIS B 207 -88.17 -59.08 -70.67
N GLY B 208 -89.42 -59.46 -70.44
CA GLY B 208 -90.36 -59.65 -71.52
C GLY B 208 -91.26 -58.45 -71.63
N LEU B 209 -92.51 -58.69 -72.03
CA LEU B 209 -93.54 -57.67 -72.22
C LEU B 209 -94.19 -57.18 -70.93
N SER B 210 -94.91 -56.07 -71.05
CA SER B 210 -95.58 -55.47 -69.89
C SER B 210 -96.75 -56.32 -69.44
N GLU B 211 -97.38 -55.86 -68.35
CA GLU B 211 -98.57 -56.50 -67.83
C GLU B 211 -99.55 -55.71 -68.68
N GLU B 212 -99.50 -54.40 -68.49
CA GLU B 212 -100.32 -53.50 -69.24
C GLU B 212 -99.66 -53.62 -70.58
N ASP B 213 -100.22 -54.49 -71.42
CA ASP B 213 -99.68 -54.72 -72.74
C ASP B 213 -100.45 -55.90 -73.35
N LYS B 214 -100.87 -55.80 -74.60
CA LYS B 214 -101.67 -56.85 -75.22
C LYS B 214 -101.06 -58.11 -75.82
N TRP B 215 -101.48 -59.25 -75.28
CA TRP B 215 -101.01 -60.55 -75.74
C TRP B 215 -102.18 -61.33 -76.34
N PRO B 216 -102.09 -61.66 -77.63
CA PRO B 216 -103.12 -62.39 -78.36
C PRO B 216 -103.25 -63.90 -78.10
N GLU B 217 -104.39 -64.43 -78.52
CA GLU B 217 -104.66 -65.84 -78.42
C GLU B 217 -104.78 -66.41 -76.99
N GLY B 218 -104.33 -67.66 -76.80
CA GLY B 218 -104.43 -68.28 -75.50
C GLY B 218 -103.12 -68.69 -74.82
N SER B 219 -102.06 -68.94 -75.61
CA SER B 219 -100.74 -69.32 -75.08
C SER B 219 -100.23 -68.35 -74.03
N PRO B 220 -99.28 -68.78 -73.18
CA PRO B 220 -98.70 -67.95 -72.12
C PRO B 220 -97.96 -66.71 -72.61
N LYS B 221 -98.24 -65.60 -71.94
CA LYS B 221 -97.68 -64.29 -72.23
C LYS B 221 -96.21 -64.13 -71.80
N PRO B 222 -95.32 -63.80 -72.76
CA PRO B 222 -93.88 -63.60 -72.57
C PRO B 222 -93.54 -62.37 -71.73
N VAL B 223 -94.02 -62.31 -70.50
CA VAL B 223 -93.75 -61.18 -69.62
C VAL B 223 -92.36 -61.28 -68.98
N THR B 224 -92.14 -60.46 -67.95
CA THR B 224 -90.88 -60.48 -67.22
C THR B 224 -90.93 -61.67 -66.28
N GLN B 225 -89.93 -62.55 -66.35
CA GLN B 225 -89.90 -63.70 -65.45
C GLN B 225 -88.51 -64.30 -65.33
N ASN B 226 -88.24 -64.98 -64.22
CA ASN B 226 -86.95 -65.62 -63.99
C ASN B 226 -87.02 -67.16 -64.12
N ILE B 227 -86.26 -67.68 -65.09
CA ILE B 227 -86.21 -69.11 -65.39
C ILE B 227 -84.95 -69.71 -64.79
N SER B 228 -85.12 -70.72 -63.93
CA SER B 228 -83.99 -71.38 -63.30
C SER B 228 -84.03 -72.89 -63.54
N ALA B 229 -82.83 -73.47 -63.54
CA ALA B 229 -82.59 -74.89 -63.77
C ALA B 229 -81.60 -75.41 -62.72
N GLU B 230 -82.10 -75.84 -61.57
CA GLU B 230 -81.23 -76.31 -60.50
C GLU B 230 -80.45 -77.61 -60.76
N ALA B 231 -79.65 -78.01 -59.77
CA ALA B 231 -78.86 -79.22 -59.85
C ALA B 231 -78.31 -79.54 -58.46
N TRP B 232 -78.22 -80.82 -58.14
CA TRP B 232 -77.76 -81.22 -56.82
C TRP B 232 -76.46 -82.03 -56.73
N GLY B 233 -75.63 -81.67 -55.76
CA GLY B 233 -74.36 -82.37 -55.60
C GLY B 233 -74.49 -83.81 -55.13
N ARG B 234 -73.80 -84.71 -55.81
CA ARG B 234 -73.84 -86.13 -55.47
C ARG B 234 -72.48 -86.71 -55.13
N ALA B 235 -72.44 -87.58 -54.12
CA ALA B 235 -71.20 -88.22 -53.68
C ALA B 235 -70.74 -89.29 -54.66
N ASP B 236 -69.44 -89.56 -54.69
CA ASP B 236 -68.90 -90.58 -55.58
C ASP B 236 -68.92 -91.98 -54.96
N CYS B 237 -69.32 -92.95 -55.77
CA CYS B 237 -69.42 -94.34 -55.34
C CYS B 237 -70.91 -94.57 -55.14
N GLY C 1 -44.16 -5.10 -69.81
CA GLY C 1 -44.97 -4.62 -68.65
C GLY C 1 -46.19 -5.47 -68.55
N PRO C 2 -46.86 -5.49 -67.38
CA PRO C 2 -48.06 -6.32 -67.21
C PRO C 2 -49.12 -6.13 -68.26
N HIS C 3 -49.79 -7.21 -68.65
CA HIS C 3 -50.89 -7.12 -69.61
C HIS C 3 -52.01 -7.98 -69.08
N SER C 4 -53.09 -8.06 -69.84
CA SER C 4 -54.21 -8.87 -69.39
C SER C 4 -55.22 -9.08 -70.47
N LEU C 5 -56.03 -10.09 -70.28
CA LEU C 5 -57.10 -10.43 -71.20
C LEU C 5 -58.36 -10.58 -70.36
N ARG C 6 -59.32 -9.69 -70.57
CA ARG C 6 -60.58 -9.77 -69.84
C ARG C 6 -61.67 -10.02 -70.83
N TYR C 7 -62.82 -10.47 -70.36
CA TYR C 7 -63.98 -10.70 -71.23
C TYR C 7 -65.24 -10.15 -70.58
N PHE C 8 -65.84 -9.14 -71.19
CA PHE C 8 -67.05 -8.65 -70.61
C PHE C 8 -68.25 -9.27 -71.28
N VAL C 9 -68.90 -10.15 -70.50
CA VAL C 9 -70.09 -10.86 -70.96
C VAL C 9 -71.30 -10.11 -70.41
N THR C 10 -72.43 -10.20 -71.09
CA THR C 10 -73.63 -9.53 -70.63
C THR C 10 -74.87 -10.05 -71.34
N ALA C 11 -75.94 -10.17 -70.57
CA ALA C 11 -77.21 -10.68 -71.06
C ALA C 11 -78.32 -10.04 -70.26
N VAL C 12 -79.24 -9.40 -70.97
CA VAL C 12 -80.35 -8.71 -70.34
C VAL C 12 -81.66 -9.31 -70.82
N SER C 13 -82.54 -9.68 -69.88
CA SER C 13 -83.80 -10.29 -70.25
C SER C 13 -84.70 -9.29 -70.94
N ARG C 14 -85.51 -9.81 -71.87
CA ARG C 14 -86.44 -8.97 -72.63
C ARG C 14 -87.87 -9.48 -72.52
N PRO C 15 -88.44 -9.44 -71.31
CA PRO C 15 -89.81 -9.91 -71.07
C PRO C 15 -90.80 -9.18 -71.98
N GLY C 16 -91.20 -9.87 -73.05
CA GLY C 16 -92.12 -9.29 -74.01
C GLY C 16 -91.39 -9.05 -75.31
N LEU C 17 -90.23 -8.39 -75.24
CA LEU C 17 -89.43 -8.09 -76.43
C LEU C 17 -88.43 -9.18 -76.86
N GLY C 18 -88.91 -10.42 -77.00
CA GLY C 18 -88.04 -11.51 -77.43
C GLY C 18 -86.85 -11.96 -76.59
N GLU C 19 -86.13 -12.95 -77.11
CA GLU C 19 -84.95 -13.53 -76.46
C GLU C 19 -83.92 -12.49 -76.05
N PRO C 20 -83.76 -12.28 -74.74
CA PRO C 20 -82.79 -11.33 -74.15
C PRO C 20 -81.47 -11.19 -74.92
N ARG C 21 -80.88 -9.99 -74.86
CA ARG C 21 -79.61 -9.70 -75.53
C ARG C 21 -78.42 -10.27 -74.77
N TYR C 22 -77.50 -10.93 -75.47
CA TYR C 22 -76.33 -11.48 -74.83
C TYR C 22 -75.13 -11.00 -75.63
N MET C 23 -74.07 -10.57 -74.94
CA MET C 23 -72.89 -10.07 -75.63
C MET C 23 -71.60 -10.53 -75.02
N GLU C 24 -70.61 -10.71 -75.87
CA GLU C 24 -69.30 -11.12 -75.44
C GLU C 24 -68.32 -10.13 -76.03
N VAL C 25 -67.60 -9.43 -75.15
CA VAL C 25 -66.61 -8.46 -75.61
C VAL C 25 -65.29 -8.66 -74.87
N GLY C 26 -64.24 -8.95 -75.62
CA GLY C 26 -62.96 -9.17 -75.00
C GLY C 26 -62.12 -7.91 -75.01
N TYR C 27 -61.10 -7.88 -74.16
CA TYR C 27 -60.23 -6.72 -74.11
C TYR C 27 -58.80 -7.08 -73.75
N VAL C 28 -57.85 -6.50 -74.49
CA VAL C 28 -56.43 -6.69 -74.20
C VAL C 28 -55.96 -5.30 -73.75
N ASP C 29 -55.56 -5.19 -72.49
CA ASP C 29 -55.16 -3.88 -71.97
C ASP C 29 -56.35 -2.97 -72.17
N ASP C 30 -57.52 -3.37 -71.71
CA ASP C 30 -58.71 -2.52 -71.86
C ASP C 30 -58.89 -2.00 -73.30
N THR C 31 -58.41 -2.77 -74.26
CA THR C 31 -58.53 -2.41 -75.66
C THR C 31 -59.51 -3.37 -76.35
N GLU C 32 -60.79 -3.03 -76.48
CA GLU C 32 -61.68 -3.99 -77.17
C GLU C 32 -61.01 -4.46 -78.47
N PHE C 33 -61.08 -5.76 -78.74
CA PHE C 33 -60.47 -6.30 -79.95
C PHE C 33 -61.38 -7.29 -80.64
N VAL C 34 -62.39 -7.78 -79.92
CA VAL C 34 -63.29 -8.74 -80.50
C VAL C 34 -64.62 -8.76 -79.78
N ARG C 35 -65.70 -8.92 -80.53
CA ARG C 35 -66.99 -9.04 -79.87
C ARG C 35 -68.04 -9.83 -80.65
N PHE C 36 -69.09 -10.21 -79.93
CA PHE C 36 -70.21 -10.96 -80.47
C PHE C 36 -71.45 -10.28 -79.89
N ASP C 37 -72.49 -10.16 -80.70
CA ASP C 37 -73.73 -9.50 -80.26
C ASP C 37 -74.95 -10.29 -80.72
N SER C 38 -75.73 -10.80 -79.78
CA SER C 38 -76.90 -11.60 -80.14
C SER C 38 -77.85 -10.87 -81.06
N ASP C 39 -77.82 -9.55 -81.04
CA ASP C 39 -78.74 -8.77 -81.85
C ASP C 39 -78.20 -8.09 -83.09
N ALA C 40 -77.15 -8.63 -83.69
CA ALA C 40 -76.59 -8.02 -84.88
C ALA C 40 -77.18 -8.64 -86.14
N GLU C 41 -76.60 -8.31 -87.30
CA GLU C 41 -77.08 -8.83 -88.58
C GLU C 41 -77.30 -10.34 -88.46
N ASN C 42 -76.22 -11.05 -88.18
CA ASN C 42 -76.21 -12.50 -87.98
C ASN C 42 -75.17 -12.69 -86.88
N PRO C 43 -75.61 -12.70 -85.62
CA PRO C 43 -74.75 -12.86 -84.46
C PRO C 43 -73.55 -13.73 -84.78
N ARG C 44 -72.36 -13.20 -84.52
CA ARG C 44 -71.11 -13.91 -84.75
C ARG C 44 -69.99 -13.15 -84.06
N TYR C 45 -68.95 -13.87 -83.64
CA TYR C 45 -67.82 -13.19 -83.03
C TYR C 45 -67.16 -12.45 -84.22
N GLU C 46 -66.94 -11.15 -84.07
CA GLU C 46 -66.29 -10.37 -85.12
C GLU C 46 -65.08 -9.57 -84.60
N PRO C 47 -64.07 -9.34 -85.47
CA PRO C 47 -62.86 -8.60 -85.10
C PRO C 47 -63.12 -7.13 -84.93
N ARG C 48 -62.82 -6.62 -83.73
CA ARG C 48 -62.98 -5.21 -83.49
C ARG C 48 -61.64 -4.61 -83.91
N ALA C 49 -60.61 -4.87 -83.11
CA ALA C 49 -59.26 -4.41 -83.38
C ALA C 49 -58.82 -4.92 -84.77
N ARG C 50 -58.14 -4.09 -85.54
CA ARG C 50 -57.73 -4.48 -86.88
C ARG C 50 -56.72 -5.66 -86.93
N TRP C 51 -55.82 -5.75 -85.97
CA TRP C 51 -54.84 -6.83 -86.02
C TRP C 51 -55.41 -8.24 -85.87
N MET C 52 -56.71 -8.33 -85.62
CA MET C 52 -57.37 -9.63 -85.45
C MET C 52 -57.55 -10.32 -86.80
N GLU C 53 -57.46 -9.53 -87.85
CA GLU C 53 -57.56 -9.99 -89.22
C GLU C 53 -56.59 -11.16 -89.45
N GLN C 54 -55.57 -11.25 -88.59
CA GLN C 54 -54.56 -12.30 -88.70
C GLN C 54 -55.02 -13.69 -88.21
N GLU C 55 -56.26 -13.78 -87.74
CA GLU C 55 -56.81 -15.05 -87.30
C GLU C 55 -57.66 -15.52 -88.47
N GLY C 56 -57.69 -16.83 -88.69
CA GLY C 56 -58.46 -17.36 -89.80
C GLY C 56 -59.88 -17.69 -89.45
N PRO C 57 -60.63 -18.19 -90.43
CA PRO C 57 -62.05 -18.59 -90.32
C PRO C 57 -62.36 -19.55 -89.17
N GLU C 58 -61.56 -20.59 -89.01
CA GLU C 58 -61.79 -21.55 -87.95
C GLU C 58 -62.02 -20.77 -86.67
N TYR C 59 -61.08 -19.87 -86.37
CA TYR C 59 -61.11 -19.02 -85.16
C TYR C 59 -62.52 -18.50 -84.90
N TRP C 60 -63.00 -17.70 -85.85
CA TRP C 60 -64.32 -17.12 -85.73
C TRP C 60 -65.41 -18.15 -85.49
N GLU C 61 -65.67 -19.01 -86.47
CA GLU C 61 -66.70 -20.02 -86.31
C GLU C 61 -66.63 -20.62 -84.91
N ARG C 62 -65.41 -20.93 -84.48
CA ARG C 62 -65.18 -21.52 -83.18
C ARG C 62 -65.76 -20.68 -82.06
N GLU C 63 -65.18 -19.51 -81.84
CA GLU C 63 -65.65 -18.62 -80.78
C GLU C 63 -67.11 -18.36 -80.93
N THR C 64 -67.49 -18.20 -82.19
CA THR C 64 -68.86 -17.92 -82.58
C THR C 64 -69.82 -18.94 -82.00
N GLN C 65 -69.49 -20.23 -82.18
CA GLN C 65 -70.35 -21.28 -81.65
C GLN C 65 -70.23 -21.25 -80.15
N LYS C 66 -69.01 -21.06 -79.67
CA LYS C 66 -68.77 -20.99 -78.25
C LYS C 66 -69.79 -19.97 -77.76
N ALA C 67 -69.77 -18.79 -78.39
CA ALA C 67 -70.73 -17.72 -78.03
C ALA C 67 -72.12 -18.33 -77.97
N LYS C 68 -72.62 -18.80 -79.10
CA LYS C 68 -73.93 -19.41 -79.16
C LYS C 68 -74.23 -20.30 -77.98
N GLY C 69 -73.24 -21.06 -77.54
CA GLY C 69 -73.44 -21.93 -76.38
C GLY C 69 -73.63 -21.07 -75.14
N ASN C 70 -72.60 -20.30 -74.81
CA ASN C 70 -72.62 -19.40 -73.65
C ASN C 70 -73.92 -18.59 -73.63
N GLU C 71 -74.40 -18.22 -74.82
CA GLU C 71 -75.62 -17.46 -74.89
C GLU C 71 -76.71 -18.25 -74.16
N GLN C 72 -77.13 -19.34 -74.77
CA GLN C 72 -78.17 -20.18 -74.18
C GLN C 72 -77.90 -20.31 -72.70
N SER C 73 -76.65 -20.65 -72.37
CA SER C 73 -76.21 -20.83 -70.99
C SER C 73 -76.80 -19.82 -70.01
N PHE C 74 -76.49 -18.54 -70.22
CA PHE C 74 -76.97 -17.46 -69.37
C PHE C 74 -78.48 -17.29 -69.51
N ARG C 75 -78.99 -17.46 -70.73
CA ARG C 75 -80.43 -17.32 -70.96
C ARG C 75 -81.17 -18.02 -69.80
N VAL C 76 -80.76 -19.24 -69.48
CA VAL C 76 -81.39 -19.95 -68.39
C VAL C 76 -81.01 -19.32 -67.06
N ASP C 77 -79.75 -18.91 -66.93
CA ASP C 77 -79.26 -18.32 -65.69
C ASP C 77 -80.27 -17.29 -65.22
N LEU C 78 -80.78 -16.55 -66.18
CA LEU C 78 -81.78 -15.52 -65.95
C LEU C 78 -82.89 -16.18 -65.14
N ARG C 79 -83.56 -17.19 -65.70
CA ARG C 79 -84.61 -17.88 -64.96
C ARG C 79 -84.09 -18.13 -63.54
N THR C 80 -83.08 -19.02 -63.44
CA THR C 80 -82.46 -19.41 -62.17
C THR C 80 -82.50 -18.32 -61.12
N LEU C 81 -81.93 -17.16 -61.46
CA LEU C 81 -81.89 -16.03 -60.54
C LEU C 81 -83.31 -15.75 -60.08
N LEU C 82 -84.15 -15.45 -61.05
CA LEU C 82 -85.55 -15.18 -60.79
C LEU C 82 -86.04 -16.15 -59.72
N GLY C 83 -85.58 -17.39 -59.77
CA GLY C 83 -86.00 -18.36 -58.78
C GLY C 83 -85.43 -18.14 -57.39
N TYR C 84 -84.10 -17.98 -57.31
CA TYR C 84 -83.44 -17.78 -56.03
C TYR C 84 -84.01 -16.53 -55.41
N TYR C 85 -84.32 -15.59 -56.29
CA TYR C 85 -84.85 -14.29 -55.93
C TYR C 85 -86.37 -14.15 -55.92
N ASN C 86 -87.07 -15.21 -56.28
CA ASN C 86 -88.53 -15.17 -56.33
C ASN C 86 -88.98 -13.87 -56.96
N GLN C 87 -88.64 -13.68 -58.23
CA GLN C 87 -89.02 -12.48 -58.94
C GLN C 87 -90.18 -12.73 -59.91
N SER C 88 -90.87 -11.66 -60.31
CA SER C 88 -91.99 -11.77 -61.25
C SER C 88 -91.43 -11.61 -62.65
N LYS C 89 -91.49 -12.69 -63.44
CA LYS C 89 -90.98 -12.65 -64.79
C LYS C 89 -91.13 -11.27 -65.46
N GLY C 90 -92.35 -10.73 -65.47
CA GLY C 90 -92.62 -9.44 -66.07
C GLY C 90 -91.46 -8.49 -66.37
N GLY C 91 -90.89 -7.85 -65.33
CA GLY C 91 -89.77 -6.93 -65.51
C GLY C 91 -88.51 -7.55 -66.08
N SER C 92 -87.58 -6.70 -66.51
CA SER C 92 -86.32 -7.18 -67.10
C SER C 92 -85.09 -7.11 -66.19
N HIS C 93 -84.15 -8.05 -66.35
CA HIS C 93 -82.96 -8.05 -65.52
C HIS C 93 -81.67 -8.20 -66.29
N THR C 94 -80.55 -8.12 -65.60
CA THR C 94 -79.26 -8.18 -66.29
C THR C 94 -78.13 -8.93 -65.59
N ILE C 95 -77.31 -9.56 -66.41
CA ILE C 95 -76.16 -10.29 -65.91
C ILE C 95 -74.94 -9.87 -66.71
N GLN C 96 -73.86 -9.63 -65.96
CA GLN C 96 -72.59 -9.25 -66.54
C GLN C 96 -71.50 -10.04 -65.82
N VAL C 97 -70.43 -10.38 -66.55
CA VAL C 97 -69.34 -11.10 -65.93
C VAL C 97 -67.97 -10.66 -66.42
N ILE C 98 -67.05 -10.69 -65.45
CA ILE C 98 -65.66 -10.31 -65.61
C ILE C 98 -64.81 -11.58 -65.60
N SER C 99 -64.24 -11.89 -66.75
CA SER C 99 -63.39 -13.06 -66.87
C SER C 99 -62.10 -12.45 -67.36
N GLY C 100 -60.98 -12.90 -66.81
CA GLY C 100 -59.71 -12.35 -67.23
C GLY C 100 -58.56 -12.82 -66.36
N CYS C 101 -57.35 -12.53 -66.80
CA CYS C 101 -56.14 -12.93 -66.08
C CYS C 101 -55.06 -11.86 -66.29
N GLU C 102 -54.16 -11.72 -65.33
CA GLU C 102 -53.08 -10.74 -65.46
C GLU C 102 -51.73 -11.42 -65.32
N VAL C 103 -50.86 -11.13 -66.29
CA VAL C 103 -49.51 -11.71 -66.31
C VAL C 103 -48.42 -10.62 -66.24
N GLY C 104 -47.23 -10.98 -65.78
CA GLY C 104 -46.18 -9.99 -65.69
C GLY C 104 -45.24 -10.07 -66.88
N SER C 105 -44.18 -9.27 -66.86
CA SER C 105 -43.18 -9.24 -67.94
C SER C 105 -42.42 -10.56 -68.00
N ASP C 106 -42.53 -11.36 -66.93
CA ASP C 106 -41.87 -12.66 -66.83
C ASP C 106 -42.74 -13.75 -67.46
N GLY C 107 -44.05 -13.61 -67.35
CA GLY C 107 -44.95 -14.61 -67.92
C GLY C 107 -45.70 -15.24 -66.76
N ARG C 108 -45.32 -14.82 -65.56
CA ARG C 108 -45.93 -15.33 -64.35
C ARG C 108 -47.36 -14.83 -64.32
N LEU C 109 -48.17 -15.35 -63.41
CA LEU C 109 -49.58 -14.93 -63.33
C LEU C 109 -49.89 -14.00 -62.17
N LEU C 110 -50.09 -12.72 -62.47
CA LEU C 110 -50.39 -11.72 -61.43
C LEU C 110 -51.71 -12.00 -60.72
N ARG C 111 -52.82 -11.88 -61.42
CA ARG C 111 -54.12 -12.13 -60.80
C ARG C 111 -55.13 -12.79 -61.73
N GLY C 112 -56.08 -13.52 -61.14
CA GLY C 112 -57.14 -14.18 -61.91
C GLY C 112 -58.51 -13.83 -61.35
N TYR C 113 -59.39 -13.32 -62.21
CA TYR C 113 -60.73 -12.93 -61.78
C TYR C 113 -61.93 -13.54 -62.52
N GLN C 114 -63.05 -13.62 -61.81
CA GLN C 114 -64.30 -14.12 -62.34
C GLN C 114 -65.37 -13.40 -61.53
N GLN C 115 -66.02 -12.40 -62.13
CA GLN C 115 -67.00 -11.60 -61.42
C GLN C 115 -68.42 -11.60 -61.96
N TYR C 116 -69.35 -12.12 -61.15
CA TYR C 116 -70.76 -12.22 -61.53
C TYR C 116 -71.64 -11.12 -60.98
N ALA C 117 -72.15 -10.27 -61.89
CA ALA C 117 -73.03 -9.14 -61.53
C ALA C 117 -74.45 -9.21 -62.09
N TYR C 118 -75.41 -9.20 -61.18
CA TYR C 118 -76.82 -9.24 -61.57
C TYR C 118 -77.40 -7.85 -61.37
N ASP C 119 -78.20 -7.41 -62.34
CA ASP C 119 -78.82 -6.08 -62.29
C ASP C 119 -77.92 -5.03 -61.64
N GLY C 120 -76.74 -4.83 -62.24
CA GLY C 120 -75.78 -3.88 -61.71
C GLY C 120 -75.44 -4.17 -60.26
N CYS C 121 -75.13 -5.41 -59.94
CA CYS C 121 -74.80 -5.77 -58.57
C CYS C 121 -74.00 -7.08 -58.42
N ASP C 122 -73.00 -7.00 -57.54
CA ASP C 122 -72.13 -8.13 -57.26
C ASP C 122 -72.93 -9.32 -56.76
N TYR C 123 -72.95 -10.36 -57.56
CA TYR C 123 -73.66 -11.58 -57.22
C TYR C 123 -72.70 -12.62 -56.63
N ILE C 124 -71.63 -12.93 -57.35
CA ILE C 124 -70.69 -13.93 -56.84
C ILE C 124 -69.34 -13.76 -57.55
N ALA C 125 -68.26 -14.08 -56.84
CA ALA C 125 -66.93 -13.94 -57.42
C ALA C 125 -65.90 -14.89 -56.84
N LEU C 126 -64.91 -15.21 -57.67
CA LEU C 126 -63.81 -16.09 -57.34
C LEU C 126 -62.75 -15.32 -56.56
N ASN C 127 -62.32 -15.89 -55.44
CA ASN C 127 -61.31 -15.24 -54.60
C ASN C 127 -59.97 -15.24 -55.31
N GLU C 128 -58.95 -14.62 -54.73
CA GLU C 128 -57.65 -14.59 -55.40
C GLU C 128 -56.99 -15.97 -55.28
N ASP C 129 -57.44 -16.78 -54.32
CA ASP C 129 -56.85 -18.09 -54.14
C ASP C 129 -57.28 -18.98 -55.29
N LEU C 130 -58.01 -18.39 -56.23
CA LEU C 130 -58.50 -19.10 -57.42
C LEU C 130 -58.95 -20.51 -57.02
N LYS C 131 -59.69 -20.61 -55.93
CA LYS C 131 -60.17 -21.89 -55.44
C LYS C 131 -61.45 -21.82 -54.61
N THR C 132 -61.71 -20.66 -54.01
CA THR C 132 -62.92 -20.50 -53.17
C THR C 132 -63.97 -19.57 -53.77
N TRP C 133 -65.01 -19.31 -52.99
CA TRP C 133 -66.08 -18.46 -53.45
C TRP C 133 -66.52 -17.38 -52.46
N THR C 134 -66.93 -16.24 -53.01
CA THR C 134 -67.43 -15.11 -52.23
C THR C 134 -68.86 -14.86 -52.75
N ALA C 135 -69.85 -15.00 -51.89
CA ALA C 135 -71.24 -14.77 -52.30
C ALA C 135 -71.62 -13.35 -51.92
N ALA C 136 -72.89 -13.00 -52.09
CA ALA C 136 -73.30 -11.64 -51.75
C ALA C 136 -74.56 -11.64 -50.89
N ASP C 137 -75.42 -12.62 -51.13
CA ASP C 137 -76.68 -12.74 -50.42
C ASP C 137 -77.14 -14.17 -50.54
N MET C 138 -78.29 -14.47 -49.92
CA MET C 138 -78.86 -15.81 -49.96
C MET C 138 -78.65 -16.43 -51.34
N ALA C 139 -79.14 -15.74 -52.37
CA ALA C 139 -79.05 -16.21 -53.75
C ALA C 139 -77.68 -16.82 -54.11
N ALA C 140 -76.65 -16.00 -54.01
CA ALA C 140 -75.29 -16.43 -54.33
C ALA C 140 -74.93 -17.76 -53.67
N LEU C 141 -75.31 -17.94 -52.40
CA LEU C 141 -75.01 -19.17 -51.64
C LEU C 141 -75.48 -20.43 -52.38
N ILE C 142 -76.77 -20.49 -52.66
CA ILE C 142 -77.36 -21.59 -53.41
C ILE C 142 -76.52 -21.78 -54.68
N THR C 143 -76.04 -20.66 -55.23
CA THR C 143 -75.20 -20.68 -56.41
C THR C 143 -73.75 -21.07 -56.11
N LYS C 144 -73.38 -21.07 -54.83
CA LYS C 144 -72.04 -21.45 -54.46
C LYS C 144 -71.99 -22.95 -54.24
N HIS C 145 -72.75 -23.42 -53.24
CA HIS C 145 -72.83 -24.84 -52.91
C HIS C 145 -72.83 -25.62 -54.23
N LYS C 146 -73.78 -25.24 -55.10
CA LYS C 146 -73.94 -25.86 -56.40
C LYS C 146 -72.69 -25.67 -57.26
N TRP C 147 -72.26 -24.42 -57.40
CA TRP C 147 -71.09 -24.10 -58.20
C TRP C 147 -69.88 -24.93 -57.78
N GLU C 148 -69.37 -24.68 -56.59
CA GLU C 148 -68.21 -25.42 -56.10
C GLU C 148 -68.31 -26.92 -56.42
N GLN C 149 -69.33 -27.57 -55.85
CA GLN C 149 -69.58 -29.01 -55.99
C GLN C 149 -69.80 -29.59 -57.38
N ALA C 150 -69.09 -29.03 -58.36
CA ALA C 150 -69.18 -29.49 -59.75
C ALA C 150 -67.74 -29.41 -60.25
N GLY C 151 -66.87 -29.09 -59.31
CA GLY C 151 -65.45 -28.95 -59.58
C GLY C 151 -65.22 -27.61 -60.25
N GLU C 152 -66.23 -26.72 -60.23
CA GLU C 152 -66.16 -25.41 -60.91
C GLU C 152 -64.87 -24.63 -60.73
N ALA C 153 -64.50 -24.37 -59.48
CA ALA C 153 -63.27 -23.64 -59.22
C ALA C 153 -62.10 -24.21 -60.03
N GLU C 154 -61.96 -25.53 -59.97
CA GLU C 154 -60.93 -26.27 -60.66
C GLU C 154 -60.85 -25.91 -62.14
N ARG C 155 -61.86 -26.29 -62.90
CA ARG C 155 -61.87 -26.01 -64.32
C ARG C 155 -61.70 -24.53 -64.61
N LEU C 156 -62.24 -23.70 -63.72
CA LEU C 156 -62.10 -22.28 -63.89
C LEU C 156 -60.59 -22.04 -63.87
N ARG C 157 -59.96 -22.27 -62.70
CA ARG C 157 -58.52 -22.06 -62.52
C ARG C 157 -57.65 -22.55 -63.67
N ALA C 158 -58.10 -23.57 -64.38
CA ALA C 158 -57.34 -24.10 -65.50
C ALA C 158 -57.26 -23.00 -66.52
N TYR C 159 -58.43 -22.56 -66.97
CA TYR C 159 -58.55 -21.50 -67.95
C TYR C 159 -57.62 -20.35 -67.56
N LEU C 160 -57.95 -19.70 -66.45
CA LEU C 160 -57.18 -18.60 -65.90
C LEU C 160 -55.66 -18.90 -65.85
N GLU C 161 -55.30 -19.90 -65.03
CA GLU C 161 -53.90 -20.29 -64.91
C GLU C 161 -53.29 -20.71 -66.22
N GLY C 162 -54.11 -21.13 -67.18
CA GLY C 162 -53.55 -21.63 -68.43
C GLY C 162 -54.06 -21.22 -69.80
N THR C 163 -55.30 -21.55 -70.13
CA THR C 163 -55.85 -21.17 -71.43
C THR C 163 -55.72 -19.66 -71.57
N CYS C 164 -56.41 -18.93 -70.70
CA CYS C 164 -56.41 -17.49 -70.70
C CYS C 164 -55.07 -16.92 -71.13
N VAL C 165 -54.00 -17.48 -70.56
CA VAL C 165 -52.65 -17.04 -70.81
C VAL C 165 -52.03 -17.47 -72.12
N GLU C 166 -52.41 -18.63 -72.63
CA GLU C 166 -51.82 -19.08 -73.88
C GLU C 166 -52.25 -18.10 -74.92
N TRP C 167 -53.46 -17.59 -74.75
CA TRP C 167 -54.04 -16.65 -75.71
C TRP C 167 -53.55 -15.23 -75.52
N LEU C 168 -53.73 -14.71 -74.30
CA LEU C 168 -53.29 -13.37 -74.00
C LEU C 168 -51.91 -13.13 -74.60
N ARG C 169 -51.06 -14.14 -74.49
CA ARG C 169 -49.72 -14.06 -75.03
C ARG C 169 -49.81 -14.04 -76.55
N ARG C 170 -50.62 -14.92 -77.09
CA ARG C 170 -50.78 -15.04 -78.54
C ARG C 170 -51.27 -13.75 -79.13
N TYR C 171 -52.31 -13.21 -78.51
CA TYR C 171 -52.89 -11.98 -79.01
C TYR C 171 -51.79 -10.96 -79.11
N LEU C 172 -51.17 -10.68 -77.97
CA LEU C 172 -50.09 -9.71 -77.91
C LEU C 172 -49.13 -9.88 -79.10
N LYS C 173 -48.64 -11.08 -79.31
CA LYS C 173 -47.70 -11.34 -80.41
C LYS C 173 -48.20 -10.83 -81.75
N ASN C 174 -49.51 -10.73 -81.90
CA ASN C 174 -50.06 -10.28 -83.16
C ASN C 174 -50.46 -8.82 -83.18
N GLY C 175 -50.67 -8.24 -82.00
CA GLY C 175 -51.09 -6.86 -81.94
C GLY C 175 -50.27 -5.94 -81.07
N ASN C 176 -48.95 -6.09 -81.08
CA ASN C 176 -48.12 -5.22 -80.26
C ASN C 176 -47.89 -3.94 -81.04
N ALA C 177 -47.70 -4.05 -82.35
CA ALA C 177 -47.46 -2.86 -83.16
C ALA C 177 -48.52 -1.82 -82.81
N THR C 178 -49.69 -2.32 -82.41
CA THR C 178 -50.80 -1.48 -82.00
C THR C 178 -50.66 -1.37 -80.50
N LEU C 179 -51.57 -2.05 -79.80
CA LEU C 179 -51.62 -2.08 -78.34
C LEU C 179 -50.87 -0.99 -77.59
N LEU C 180 -49.56 -1.10 -77.45
CA LEU C 180 -48.83 -0.04 -76.76
C LEU C 180 -48.08 0.94 -77.65
N ARG C 181 -48.85 1.63 -78.49
CA ARG C 181 -48.34 2.65 -79.40
C ARG C 181 -48.44 3.88 -78.52
N THR C 182 -47.87 5.00 -78.97
CA THR C 182 -47.89 6.23 -78.17
C THR C 182 -48.51 7.47 -78.84
N ASP C 183 -49.39 8.15 -78.12
CA ASP C 183 -50.02 9.37 -78.62
C ASP C 183 -49.93 10.43 -77.55
N SER C 184 -49.10 11.42 -77.83
CA SER C 184 -48.81 12.50 -76.90
C SER C 184 -49.87 13.59 -76.76
N PRO C 185 -50.20 13.97 -75.51
CA PRO C 185 -51.18 15.00 -75.22
C PRO C 185 -50.66 16.33 -75.69
N LYS C 186 -51.57 17.17 -76.16
CA LYS C 186 -51.21 18.50 -76.59
C LYS C 186 -51.97 19.40 -75.62
N ALA C 187 -51.24 20.16 -74.81
CA ALA C 187 -51.90 21.03 -73.87
C ALA C 187 -51.85 22.51 -74.25
N HIS C 188 -52.57 23.30 -73.45
CA HIS C 188 -52.68 24.74 -73.59
C HIS C 188 -53.66 25.18 -72.51
N VAL C 189 -53.57 26.44 -72.08
CA VAL C 189 -54.48 26.92 -71.05
C VAL C 189 -55.43 27.93 -71.66
N THR C 190 -56.53 28.18 -70.96
CA THR C 190 -57.52 29.14 -71.43
C THR C 190 -57.99 29.91 -70.20
N HIS C 191 -58.09 31.22 -70.36
CA HIS C 191 -58.48 32.11 -69.29
C HIS C 191 -59.94 32.50 -69.48
N HIS C 192 -60.72 32.42 -68.41
CA HIS C 192 -62.13 32.75 -68.46
C HIS C 192 -62.55 33.69 -67.34
N SER C 193 -63.19 34.80 -67.72
CA SER C 193 -63.63 35.80 -66.76
C SER C 193 -64.68 35.26 -65.80
N ARG C 194 -64.91 35.98 -64.71
CA ARG C 194 -65.85 35.55 -63.68
C ARG C 194 -66.06 36.73 -62.75
N PRO C 195 -67.23 36.82 -62.10
CA PRO C 195 -67.49 37.94 -61.21
C PRO C 195 -66.49 38.04 -60.07
N GLU C 196 -66.58 39.14 -59.32
CA GLU C 196 -65.74 39.42 -58.16
C GLU C 196 -64.27 39.59 -58.56
N ASP C 197 -64.03 39.93 -59.83
CA ASP C 197 -62.65 40.11 -60.32
C ASP C 197 -61.79 38.85 -60.17
N LYS C 198 -62.42 37.69 -60.27
CA LYS C 198 -61.73 36.41 -60.17
C LYS C 198 -61.62 35.84 -61.58
N VAL C 199 -61.15 34.61 -61.69
CA VAL C 199 -61.03 33.99 -63.00
C VAL C 199 -60.81 32.50 -62.88
N THR C 200 -61.21 31.78 -63.92
CA THR C 200 -60.98 30.34 -63.99
C THR C 200 -60.10 30.19 -65.23
N LEU C 201 -59.11 29.33 -65.12
CA LEU C 201 -58.24 29.05 -66.24
C LEU C 201 -58.34 27.56 -66.15
N ARG C 202 -58.60 26.89 -67.27
CA ARG C 202 -58.70 25.45 -67.23
C ARG C 202 -57.60 24.89 -68.12
N CYS C 203 -56.99 23.79 -67.69
CA CYS C 203 -55.94 23.25 -68.51
C CYS C 203 -56.42 22.10 -69.36
N TRP C 204 -56.06 22.17 -70.64
CA TRP C 204 -56.47 21.17 -71.59
C TRP C 204 -55.45 20.11 -71.99
N ALA C 205 -55.96 18.89 -72.19
CA ALA C 205 -55.15 17.76 -72.58
C ALA C 205 -55.92 17.14 -73.73
N LEU C 206 -55.43 17.32 -74.95
CA LEU C 206 -56.12 16.80 -76.10
C LEU C 206 -55.26 16.03 -77.08
N GLY C 207 -55.85 14.97 -77.65
CA GLY C 207 -55.18 14.14 -78.64
C GLY C 207 -54.25 13.09 -78.07
N PHE C 208 -54.63 12.46 -76.97
CA PHE C 208 -53.74 11.47 -76.37
C PHE C 208 -54.28 10.08 -76.14
N TYR C 209 -53.43 9.10 -76.48
CA TYR C 209 -53.72 7.67 -76.30
C TYR C 209 -52.43 7.12 -75.68
N PRO C 210 -52.53 6.30 -74.61
CA PRO C 210 -53.69 5.82 -73.86
C PRO C 210 -54.56 6.87 -73.18
N ALA C 211 -55.42 6.42 -72.27
CA ALA C 211 -56.33 7.33 -71.58
C ALA C 211 -55.99 7.70 -70.14
N ASP C 212 -55.35 6.78 -69.42
CA ASP C 212 -54.99 7.04 -68.03
C ASP C 212 -54.12 8.29 -68.08
N ILE C 213 -54.31 9.17 -67.10
CA ILE C 213 -53.56 10.42 -67.07
C ILE C 213 -53.99 11.34 -65.95
N THR C 214 -53.02 11.92 -65.26
CA THR C 214 -53.28 12.85 -64.17
C THR C 214 -52.81 14.23 -64.57
N LEU C 215 -53.57 15.25 -64.17
CA LEU C 215 -53.23 16.65 -64.47
C LEU C 215 -53.45 17.51 -63.25
N THR C 216 -52.58 18.49 -63.05
CA THR C 216 -52.74 19.36 -61.90
C THR C 216 -52.39 20.84 -62.06
N TRP C 217 -52.85 21.60 -61.08
CA TRP C 217 -52.63 23.03 -60.98
C TRP C 217 -51.79 23.18 -59.75
N GLN C 218 -50.84 24.10 -59.76
CA GLN C 218 -50.00 24.22 -58.58
C GLN C 218 -49.92 25.59 -57.93
N LEU C 219 -49.91 25.57 -56.60
CA LEU C 219 -49.80 26.78 -55.77
C LEU C 219 -48.35 27.25 -55.84
N ASN C 220 -47.84 27.42 -57.05
CA ASN C 220 -46.45 27.85 -57.29
C ASN C 220 -45.48 26.88 -56.58
N GLY C 221 -46.01 25.74 -56.15
CA GLY C 221 -45.24 24.74 -55.45
C GLY C 221 -46.12 23.70 -54.78
N GLU C 222 -47.17 24.13 -54.07
CA GLU C 222 -48.08 23.19 -53.37
C GLU C 222 -49.09 22.45 -54.25
N GLU C 223 -49.65 21.39 -53.67
CA GLU C 223 -50.62 20.52 -54.31
C GLU C 223 -51.97 21.19 -54.49
N LEU C 224 -52.07 22.15 -55.41
CA LEU C 224 -53.35 22.82 -55.63
C LEU C 224 -54.40 21.81 -56.05
N ILE C 225 -54.95 21.09 -55.06
CA ILE C 225 -55.95 20.08 -55.34
C ILE C 225 -57.28 20.32 -54.61
N GLN C 226 -57.27 20.33 -53.27
CA GLN C 226 -58.49 20.47 -52.46
C GLN C 226 -59.72 21.17 -53.06
N ASP C 227 -59.52 22.18 -53.92
CA ASP C 227 -60.63 22.93 -54.56
C ASP C 227 -60.55 23.15 -56.09
N MET C 228 -60.69 22.09 -56.88
CA MET C 228 -60.63 22.22 -58.35
C MET C 228 -61.85 21.71 -59.11
N GLU C 229 -61.66 21.51 -60.41
CA GLU C 229 -62.72 21.03 -61.30
C GLU C 229 -62.05 20.01 -62.21
N LEU C 230 -62.61 18.82 -62.29
CA LEU C 230 -62.04 17.78 -63.13
C LEU C 230 -63.15 17.13 -63.92
N VAL C 231 -62.82 16.61 -65.09
CA VAL C 231 -63.79 15.96 -65.94
C VAL C 231 -63.28 14.60 -66.42
N GLU C 232 -63.98 13.53 -66.02
CA GLU C 232 -63.67 12.14 -66.41
C GLU C 232 -63.06 12.28 -67.81
N THR C 233 -61.95 11.61 -68.05
CA THR C 233 -61.31 11.73 -69.34
C THR C 233 -62.40 11.42 -70.34
N ARG C 234 -62.24 11.84 -71.59
CA ARG C 234 -63.29 11.56 -72.54
C ARG C 234 -62.75 11.09 -73.87
N PRO C 235 -63.53 10.23 -74.55
CA PRO C 235 -63.18 9.67 -75.86
C PRO C 235 -63.39 10.73 -76.91
N ALA C 236 -62.35 11.03 -77.67
CA ALA C 236 -62.51 12.04 -78.71
C ALA C 236 -63.42 11.49 -79.80
N GLY C 237 -62.89 10.54 -80.56
CA GLY C 237 -63.63 9.94 -81.64
C GLY C 237 -62.69 9.20 -82.59
N ASP C 238 -61.42 9.62 -82.62
CA ASP C 238 -60.45 8.98 -83.49
C ASP C 238 -59.44 8.14 -82.70
N GLY C 239 -59.90 7.62 -81.56
CA GLY C 239 -59.03 6.78 -80.75
C GLY C 239 -58.28 7.52 -79.68
N THR C 240 -58.39 8.85 -79.68
CA THR C 240 -57.69 9.66 -78.69
C THR C 240 -58.65 10.10 -77.59
N PHE C 241 -58.14 10.78 -76.57
CA PHE C 241 -58.98 11.24 -75.48
C PHE C 241 -58.78 12.73 -75.19
N GLN C 242 -59.46 13.22 -74.16
CA GLN C 242 -59.35 14.62 -73.80
C GLN C 242 -59.62 14.76 -72.31
N LYS C 243 -59.18 15.86 -71.73
CA LYS C 243 -59.42 16.11 -70.31
C LYS C 243 -58.93 17.48 -69.88
N TRP C 244 -59.62 18.07 -68.92
CA TRP C 244 -59.21 19.37 -68.42
C TRP C 244 -59.50 19.51 -66.94
N ALA C 245 -58.68 20.31 -66.28
CA ALA C 245 -58.82 20.58 -64.86
C ALA C 245 -58.71 22.10 -64.74
N SER C 246 -59.12 22.63 -63.59
CA SER C 246 -59.08 24.06 -63.38
C SER C 246 -59.59 24.54 -62.02
N VAL C 247 -59.46 25.84 -61.80
CA VAL C 247 -59.95 26.46 -60.57
C VAL C 247 -59.94 27.99 -60.65
N VAL C 248 -60.54 28.63 -59.66
CA VAL C 248 -60.60 30.08 -59.65
C VAL C 248 -59.33 30.68 -59.11
N VAL C 249 -58.98 31.83 -59.65
CA VAL C 249 -57.80 32.52 -59.19
C VAL C 249 -58.08 34.00 -59.29
N PRO C 250 -57.44 34.80 -58.42
CA PRO C 250 -57.67 36.25 -58.49
C PRO C 250 -56.88 36.85 -59.66
N LEU C 251 -57.41 37.91 -60.28
CA LEU C 251 -56.68 38.53 -61.40
C LEU C 251 -55.28 38.95 -60.92
N GLY C 252 -54.38 39.23 -61.87
CA GLY C 252 -53.03 39.64 -61.50
C GLY C 252 -52.26 38.54 -60.79
N LYS C 253 -52.85 37.35 -60.73
CA LYS C 253 -52.24 36.19 -60.08
C LYS C 253 -52.13 34.99 -61.00
N GLU C 254 -52.87 35.05 -62.11
CA GLU C 254 -52.86 33.99 -63.10
C GLU C 254 -51.45 33.45 -63.31
N GLN C 255 -50.62 34.24 -63.99
CA GLN C 255 -49.22 33.90 -64.34
C GLN C 255 -48.43 33.19 -63.24
N TYR C 256 -48.93 33.27 -62.01
CA TYR C 256 -48.29 32.65 -60.85
C TYR C 256 -48.81 31.23 -60.64
N TYR C 257 -49.55 30.73 -61.63
CA TYR C 257 -50.13 29.40 -61.57
C TYR C 257 -49.57 28.52 -62.64
N THR C 258 -49.22 27.30 -62.24
CA THR C 258 -48.65 26.35 -63.17
C THR C 258 -49.51 25.13 -63.28
N CYS C 259 -49.63 24.65 -64.52
CA CYS C 259 -50.37 23.43 -64.74
C CYS C 259 -49.36 22.42 -65.15
N HIS C 260 -49.59 21.19 -64.70
CA HIS C 260 -48.73 20.09 -65.04
C HIS C 260 -49.50 18.98 -65.74
N VAL C 261 -48.87 18.42 -66.79
CA VAL C 261 -49.47 17.35 -67.57
C VAL C 261 -48.64 16.05 -67.63
N TYR C 262 -49.11 15.02 -66.94
CA TYR C 262 -48.41 13.73 -66.88
C TYR C 262 -48.98 12.60 -67.78
N HIS C 263 -48.22 12.22 -68.81
CA HIS C 263 -48.65 11.17 -69.73
C HIS C 263 -47.47 10.37 -70.29
N GLN C 264 -47.55 9.06 -70.11
CA GLN C 264 -46.54 8.12 -70.53
C GLN C 264 -45.95 8.35 -71.92
N GLY C 265 -46.56 9.21 -72.71
CA GLY C 265 -46.01 9.46 -74.03
C GLY C 265 -45.18 10.73 -73.99
N LEU C 266 -45.08 11.31 -72.79
CA LEU C 266 -44.33 12.54 -72.60
C LEU C 266 -42.91 12.32 -72.12
N PRO C 267 -41.93 12.69 -72.97
CA PRO C 267 -40.51 12.52 -72.63
C PRO C 267 -40.26 13.13 -71.26
N GLU C 268 -41.12 14.08 -70.89
CA GLU C 268 -41.08 14.76 -69.60
C GLU C 268 -42.48 15.30 -69.31
N PRO C 269 -42.84 15.42 -68.03
CA PRO C 269 -44.19 15.95 -67.76
C PRO C 269 -44.32 17.34 -68.42
N LEU C 270 -45.54 17.86 -68.51
CA LEU C 270 -45.69 19.17 -69.12
C LEU C 270 -45.98 20.29 -68.12
N THR C 271 -45.46 21.48 -68.42
CA THR C 271 -45.68 22.62 -67.55
C THR C 271 -46.33 23.78 -68.28
N LEU C 272 -47.58 24.04 -67.94
CA LEU C 272 -48.33 25.12 -68.56
C LEU C 272 -48.47 26.22 -67.56
N ARG C 273 -48.42 27.45 -68.05
CA ARG C 273 -48.52 28.66 -67.22
C ARG C 273 -49.21 29.74 -68.09
N TRP C 274 -50.08 30.56 -67.50
CA TRP C 274 -50.75 31.63 -68.25
C TRP C 274 -49.94 32.90 -68.03
N ILE D 1 -78.59 -1.42 -59.21
CA ILE D 1 -79.98 -1.34 -59.75
C ILE D 1 -80.09 -0.21 -60.76
N GLN D 2 -79.69 0.98 -60.32
CA GLN D 2 -79.77 2.15 -61.13
C GLN D 2 -78.81 3.25 -60.71
N LYS D 3 -78.04 3.72 -61.69
CA LYS D 3 -77.10 4.80 -61.45
C LYS D 3 -77.36 5.87 -62.50
N THR D 4 -77.78 7.05 -62.08
CA THR D 4 -78.08 8.11 -63.04
C THR D 4 -76.89 8.35 -63.95
N PRO D 5 -77.12 8.32 -65.28
CA PRO D 5 -76.05 8.54 -66.25
C PRO D 5 -75.46 9.95 -66.15
N GLN D 6 -74.18 10.06 -66.47
CA GLN D 6 -73.49 11.34 -66.47
C GLN D 6 -73.25 11.72 -67.95
N ILE D 7 -73.53 12.96 -68.29
CA ILE D 7 -73.39 13.42 -69.67
C ILE D 7 -72.31 14.47 -69.88
N GLN D 8 -71.75 14.46 -71.08
CA GLN D 8 -70.72 15.43 -71.42
C GLN D 8 -70.95 15.80 -72.89
N VAL D 9 -71.12 17.11 -73.16
CA VAL D 9 -71.32 17.52 -74.55
C VAL D 9 -70.05 18.25 -74.96
N TYR D 10 -69.53 17.91 -76.13
CA TYR D 10 -68.31 18.54 -76.60
C TYR D 10 -68.03 18.18 -78.04
N SER D 11 -67.00 18.82 -78.60
CA SER D 11 -66.61 18.55 -79.97
C SER D 11 -65.39 17.69 -79.84
N ARG D 12 -64.94 17.12 -80.95
CA ARG D 12 -63.79 16.29 -80.84
C ARG D 12 -62.60 17.16 -81.10
N HIS D 13 -62.67 18.00 -82.13
CA HIS D 13 -61.58 18.92 -82.43
C HIS D 13 -61.89 20.29 -81.86
N PRO D 14 -60.86 21.03 -81.42
CA PRO D 14 -61.09 22.36 -80.87
C PRO D 14 -62.03 23.17 -81.76
N PRO D 15 -63.15 23.66 -81.20
CA PRO D 15 -64.15 24.45 -81.93
C PRO D 15 -63.55 25.48 -82.89
N GLU D 16 -64.38 26.01 -83.78
CA GLU D 16 -63.97 27.01 -84.77
C GLU D 16 -65.04 27.09 -85.84
N ASN D 17 -65.89 28.10 -85.73
CA ASN D 17 -66.97 28.29 -86.68
C ASN D 17 -66.50 28.35 -88.13
N GLY D 18 -67.37 27.89 -89.03
CA GLY D 18 -67.06 27.85 -90.45
C GLY D 18 -66.51 26.50 -90.88
N LYS D 19 -65.67 25.94 -90.00
CA LYS D 19 -65.03 24.65 -90.23
C LYS D 19 -65.85 23.44 -89.76
N PRO D 20 -65.94 22.41 -90.62
CA PRO D 20 -66.70 21.21 -90.28
C PRO D 20 -66.06 20.45 -89.13
N ASN D 21 -66.87 20.04 -88.16
CA ASN D 21 -66.36 19.28 -87.01
C ASN D 21 -67.29 18.10 -86.69
N ILE D 22 -67.19 17.61 -85.47
CA ILE D 22 -67.98 16.47 -84.99
C ILE D 22 -68.34 16.77 -83.52
N LEU D 23 -69.53 16.39 -83.07
CA LEU D 23 -69.89 16.67 -81.68
C LEU D 23 -70.38 15.45 -80.92
N ASN D 24 -69.65 15.08 -79.89
CA ASN D 24 -69.99 13.89 -79.12
C ASN D 24 -70.93 14.11 -77.95
N CYS D 25 -71.38 13.01 -77.37
CA CYS D 25 -72.22 13.04 -76.17
C CYS D 25 -71.96 11.80 -75.36
N TYR D 26 -70.83 11.79 -74.68
CA TYR D 26 -70.37 10.68 -73.83
C TYR D 26 -71.31 10.44 -72.66
N VAL D 27 -72.24 9.51 -72.77
CA VAL D 27 -73.12 9.26 -71.64
C VAL D 27 -72.54 8.05 -70.90
N THR D 28 -72.45 8.13 -69.57
CA THR D 28 -71.91 6.99 -68.84
C THR D 28 -72.55 6.76 -67.48
N GLN D 29 -71.96 5.80 -66.77
CA GLN D 29 -72.36 5.40 -65.42
C GLN D 29 -73.84 5.24 -65.21
N PHE D 30 -74.48 4.39 -66.02
CA PHE D 30 -75.92 4.20 -65.93
C PHE D 30 -76.37 2.77 -65.97
N HIS D 31 -77.48 2.49 -65.33
CA HIS D 31 -77.98 1.12 -65.28
C HIS D 31 -79.42 1.20 -64.80
N PRO D 32 -80.34 0.38 -65.34
CA PRO D 32 -80.22 -0.63 -66.41
C PRO D 32 -79.59 -0.13 -67.69
N PRO D 33 -79.18 -1.05 -68.55
CA PRO D 33 -78.55 -0.71 -69.83
C PRO D 33 -79.45 0.15 -70.72
N HIS D 34 -80.75 -0.14 -70.72
CA HIS D 34 -81.68 0.60 -71.56
C HIS D 34 -81.75 2.07 -71.24
N ILE D 35 -81.49 2.91 -72.23
CA ILE D 35 -81.49 4.35 -72.04
C ILE D 35 -81.69 4.95 -73.43
N GLU D 36 -82.35 6.10 -73.49
CA GLU D 36 -82.67 6.76 -74.76
C GLU D 36 -81.84 8.01 -74.92
N ILE D 37 -81.05 8.10 -75.99
CA ILE D 37 -80.22 9.28 -76.16
C ILE D 37 -80.34 10.00 -77.49
N GLN D 38 -80.78 11.25 -77.41
CA GLN D 38 -80.97 12.11 -78.56
C GLN D 38 -80.05 13.35 -78.54
N MET D 39 -79.62 13.71 -79.75
CA MET D 39 -78.75 14.82 -80.06
C MET D 39 -79.60 15.79 -80.89
N LEU D 40 -79.34 17.09 -80.80
CA LEU D 40 -80.16 18.03 -81.58
C LEU D 40 -79.56 19.45 -81.72
N LYS D 41 -79.91 20.13 -82.82
CA LYS D 41 -79.45 21.49 -83.13
C LYS D 41 -80.58 22.53 -83.11
N ASN D 42 -80.48 23.50 -82.20
CA ASN D 42 -81.51 24.53 -82.13
C ASN D 42 -82.81 23.99 -81.52
N GLY D 43 -82.73 22.85 -80.85
CA GLY D 43 -83.90 22.27 -80.22
C GLY D 43 -84.67 21.32 -81.13
N LYS D 44 -84.29 21.31 -82.40
CA LYS D 44 -84.93 20.45 -83.39
C LYS D 44 -84.09 19.19 -83.51
N LYS D 45 -84.58 18.10 -82.94
CA LYS D 45 -83.88 16.82 -82.93
C LYS D 45 -83.10 16.48 -84.20
N ILE D 46 -81.77 16.53 -84.11
CA ILE D 46 -80.88 16.25 -85.24
C ILE D 46 -81.03 14.83 -85.80
N PRO D 47 -81.03 14.70 -87.14
CA PRO D 47 -81.19 13.44 -87.87
C PRO D 47 -80.07 12.41 -87.68
N LYS D 48 -79.26 12.23 -88.72
CA LYS D 48 -78.17 11.28 -88.72
C LYS D 48 -77.31 11.39 -87.46
N VAL D 49 -77.61 10.54 -86.47
CA VAL D 49 -76.86 10.50 -85.21
C VAL D 49 -76.14 9.15 -85.09
N GLU D 50 -74.80 9.20 -85.07
CA GLU D 50 -73.93 8.02 -84.94
C GLU D 50 -73.97 7.38 -83.55
N MET D 51 -73.77 6.07 -83.50
CA MET D 51 -73.81 5.41 -82.21
C MET D 51 -72.83 4.26 -82.00
N SER D 52 -71.99 4.40 -80.98
CA SER D 52 -70.99 3.38 -80.68
C SER D 52 -71.63 2.17 -80.00
N ASP D 53 -71.01 1.00 -80.08
CA ASP D 53 -71.61 -0.14 -79.42
C ASP D 53 -71.55 0.13 -77.92
N MET D 54 -72.54 -0.35 -77.18
CA MET D 54 -72.55 -0.13 -75.75
C MET D 54 -71.45 -0.95 -75.09
N SER D 55 -71.05 -0.56 -73.89
CA SER D 55 -70.02 -1.28 -73.16
C SER D 55 -70.27 -1.09 -71.67
N PHE D 56 -69.27 -1.37 -70.83
CA PHE D 56 -69.41 -1.13 -69.39
C PHE D 56 -68.13 -1.25 -68.58
N SER D 57 -67.91 -0.23 -67.74
CA SER D 57 -66.73 -0.13 -66.89
C SER D 57 -66.59 -1.25 -65.86
N LYS D 58 -65.51 -1.20 -65.09
CA LYS D 58 -65.27 -2.23 -64.10
C LYS D 58 -66.27 -2.17 -62.91
N ASP D 59 -67.02 -1.07 -62.76
CA ASP D 59 -67.99 -0.92 -61.65
C ASP D 59 -69.42 -1.32 -62.01
N TRP D 60 -69.55 -1.83 -63.24
CA TRP D 60 -70.78 -2.35 -63.86
C TRP D 60 -71.56 -1.30 -64.67
N SER D 61 -71.15 -0.04 -64.59
CA SER D 61 -71.82 1.01 -65.34
C SER D 61 -71.52 0.86 -66.83
N PHE D 62 -72.53 1.18 -67.65
CA PHE D 62 -72.37 1.08 -69.09
C PHE D 62 -71.95 2.43 -69.58
N TYR D 63 -71.42 2.46 -70.78
CA TYR D 63 -70.98 3.69 -71.37
C TYR D 63 -71.20 3.65 -72.89
N ILE D 64 -71.69 4.76 -73.41
CA ILE D 64 -71.98 4.87 -74.83
C ILE D 64 -71.67 6.30 -75.30
N LEU D 65 -71.10 6.41 -76.51
CA LEU D 65 -70.72 7.69 -77.13
C LEU D 65 -71.52 7.91 -78.40
N ALA D 66 -72.15 9.08 -78.48
CA ALA D 66 -72.95 9.51 -79.62
C ALA D 66 -72.22 10.68 -80.21
N HIS D 67 -72.20 10.75 -81.55
CA HIS D 67 -71.55 11.85 -82.27
C HIS D 67 -72.23 12.26 -83.58
N THR D 68 -72.31 13.56 -83.84
CA THR D 68 -72.92 14.05 -85.08
C THR D 68 -71.90 14.87 -85.85
N GLU D 69 -71.78 14.61 -87.14
CA GLU D 69 -70.86 15.38 -87.96
C GLU D 69 -71.57 16.73 -88.00
N PHE D 70 -70.84 17.83 -87.90
CA PHE D 70 -71.49 19.14 -87.91
C PHE D 70 -70.54 20.32 -88.14
N THR D 71 -71.11 21.52 -88.16
CA THR D 71 -70.32 22.73 -88.35
C THR D 71 -70.91 23.88 -87.54
N PRO D 72 -70.17 24.30 -86.50
CA PRO D 72 -70.49 25.38 -85.55
C PRO D 72 -70.64 26.80 -86.15
N THR D 73 -71.59 27.57 -85.63
CA THR D 73 -71.81 28.92 -86.12
C THR D 73 -72.34 29.83 -85.03
N GLU D 74 -71.41 30.51 -84.36
CA GLU D 74 -71.68 31.41 -83.26
C GLU D 74 -73.07 31.41 -82.68
N THR D 75 -74.07 31.56 -83.55
CA THR D 75 -75.46 31.64 -83.14
C THR D 75 -76.19 30.35 -82.73
N ASP D 76 -76.43 29.43 -83.66
CA ASP D 76 -77.15 28.19 -83.35
C ASP D 76 -76.62 27.45 -82.14
N THR D 77 -77.34 26.42 -81.69
CA THR D 77 -76.90 25.66 -80.52
C THR D 77 -77.10 24.13 -80.59
N TYR D 78 -76.51 23.41 -79.64
CA TYR D 78 -76.60 21.94 -79.59
C TYR D 78 -76.73 21.42 -78.16
N ALA D 79 -77.41 20.29 -78.01
CA ALA D 79 -77.59 19.71 -76.68
C ALA D 79 -77.92 18.23 -76.78
N CYS D 80 -77.81 17.51 -75.68
CA CYS D 80 -78.11 16.09 -75.69
C CYS D 80 -79.16 15.71 -74.68
N ARG D 81 -80.15 14.99 -75.19
CA ARG D 81 -81.25 14.55 -74.37
C ARG D 81 -81.16 13.05 -74.20
N VAL D 82 -81.20 12.60 -72.95
CA VAL D 82 -81.14 11.19 -72.67
C VAL D 82 -82.32 10.84 -71.78
N LYS D 83 -82.71 9.56 -71.78
CA LYS D 83 -83.85 9.10 -71.01
C LYS D 83 -83.51 7.75 -70.34
N HIS D 84 -83.70 7.67 -69.03
CA HIS D 84 -83.37 6.45 -68.27
C HIS D 84 -84.31 6.24 -67.09
N ASP D 85 -84.91 5.05 -67.05
CA ASP D 85 -85.84 4.63 -66.01
C ASP D 85 -85.59 5.20 -64.62
N SER D 86 -84.34 5.58 -64.35
CA SER D 86 -83.96 6.12 -63.05
C SER D 86 -84.55 7.51 -62.84
N MET D 87 -83.80 8.52 -63.28
CA MET D 87 -84.21 9.93 -63.18
C MET D 87 -85.66 10.10 -63.65
N ALA D 88 -86.49 10.73 -62.82
CA ALA D 88 -87.91 10.93 -63.15
C ALA D 88 -88.15 11.63 -64.48
N GLU D 89 -87.64 12.85 -64.60
CA GLU D 89 -87.83 13.61 -65.83
C GLU D 89 -86.64 13.42 -66.76
N PRO D 90 -86.92 13.17 -68.05
CA PRO D 90 -85.85 12.98 -69.04
C PRO D 90 -84.83 14.09 -68.88
N LYS D 91 -83.56 13.81 -69.16
CA LYS D 91 -82.59 14.89 -69.04
C LYS D 91 -81.87 15.30 -70.33
N THR D 92 -81.70 16.60 -70.45
CA THR D 92 -81.09 17.21 -71.60
C THR D 92 -79.89 18.03 -71.11
N VAL D 93 -78.95 18.29 -71.99
CA VAL D 93 -77.78 19.07 -71.63
C VAL D 93 -77.27 19.79 -72.86
N TYR D 94 -77.05 21.08 -72.71
CA TYR D 94 -76.58 21.91 -73.81
C TYR D 94 -75.07 21.97 -73.81
N TRP D 95 -74.52 21.94 -75.02
CA TRP D 95 -73.08 22.01 -75.29
C TRP D 95 -72.48 23.31 -74.83
N ASP D 96 -71.64 23.26 -73.81
CA ASP D 96 -71.04 24.48 -73.32
C ASP D 96 -69.76 24.79 -74.09
N ARG D 97 -69.86 24.83 -75.42
CA ARG D 97 -68.71 25.08 -76.31
C ARG D 97 -67.28 24.96 -75.75
N ASP D 98 -66.96 25.65 -74.66
CA ASP D 98 -65.62 25.53 -74.08
C ASP D 98 -65.68 24.66 -72.80
N MET D 99 -65.83 23.34 -72.99
CA MET D 99 -65.94 22.41 -71.86
C MET D 99 -65.63 20.93 -72.23
N SER E 1 -59.64 -16.85 -77.05
CA SER E 1 -60.88 -17.63 -76.72
C SER E 1 -61.30 -17.34 -75.30
N ILE E 2 -62.60 -17.19 -75.10
CA ILE E 2 -63.13 -16.89 -73.79
C ILE E 2 -63.43 -18.22 -73.14
N TYR E 3 -63.73 -18.23 -71.84
CA TYR E 3 -64.04 -19.46 -71.10
C TYR E 3 -65.28 -20.14 -71.68
N ARG E 4 -65.94 -21.01 -70.90
CA ARG E 4 -67.19 -21.62 -71.34
C ARG E 4 -68.12 -21.83 -70.16
N TYR E 5 -68.43 -20.74 -69.49
CA TYR E 5 -69.29 -20.70 -68.32
C TYR E 5 -70.24 -21.85 -68.05
N TYR E 6 -70.50 -22.07 -66.76
CA TYR E 6 -71.38 -23.13 -66.27
C TYR E 6 -72.49 -22.43 -65.53
N GLY E 7 -73.68 -23.01 -65.55
CA GLY E 7 -74.84 -22.43 -64.88
C GLY E 7 -74.75 -21.91 -63.45
N LEU E 8 -75.69 -21.03 -63.10
CA LEU E 8 -75.76 -20.46 -61.76
C LEU E 8 -76.49 -21.40 -60.82
N GLN F 1 76.68 31.40 60.52
CA GLN F 1 76.42 30.13 61.21
C GLN F 1 76.64 28.91 60.32
N SER F 2 77.86 28.38 60.33
CA SER F 2 78.20 27.19 59.54
C SER F 2 78.87 26.16 60.47
N VAL F 3 78.73 24.88 60.14
CA VAL F 3 79.32 23.82 60.95
C VAL F 3 79.82 22.66 60.09
N THR F 4 81.07 22.27 60.31
CA THR F 4 81.69 21.20 59.52
C THR F 4 82.34 20.07 60.31
N GLN F 5 81.62 18.94 60.44
CA GLN F 5 82.10 17.73 61.13
C GLN F 5 82.69 16.78 60.08
N PRO F 6 83.99 16.90 59.81
CA PRO F 6 84.80 16.12 58.85
C PRO F 6 84.63 14.60 58.74
N ASP F 7 84.15 13.94 59.80
CA ASP F 7 84.01 12.49 59.75
C ASP F 7 82.63 12.06 60.20
N ALA F 8 81.92 11.33 59.33
CA ALA F 8 80.58 10.87 59.65
C ALA F 8 80.62 9.60 60.46
N ARG F 9 81.80 9.03 60.63
CA ARG F 9 81.94 7.80 61.40
C ARG F 9 83.38 7.59 61.85
N VAL F 10 83.54 7.41 63.16
CA VAL F 10 84.85 7.18 63.75
C VAL F 10 84.77 5.87 64.55
N THR F 11 85.88 5.18 64.70
CA THR F 11 85.90 3.93 65.44
C THR F 11 87.18 3.75 66.24
N VAL F 12 87.04 3.56 67.54
CA VAL F 12 88.21 3.40 68.40
C VAL F 12 88.01 2.27 69.40
N SER F 13 89.09 1.56 69.71
CA SER F 13 89.04 0.46 70.66
C SER F 13 88.58 0.96 72.02
N GLU F 14 87.83 0.14 72.75
CA GLU F 14 87.36 0.56 74.06
C GLU F 14 88.58 0.90 74.92
N GLY F 15 88.40 1.83 75.86
CA GLY F 15 89.49 2.20 76.73
C GLY F 15 90.39 3.35 76.31
N ALA F 16 90.50 3.63 75.01
CA ALA F 16 91.37 4.72 74.55
C ALA F 16 90.69 6.09 74.32
N SER F 17 91.53 7.07 73.97
CA SER F 17 91.16 8.48 73.73
C SER F 17 90.23 8.79 72.55
N LEU F 18 89.27 9.69 72.77
CA LEU F 18 88.34 10.07 71.70
C LEU F 18 88.65 11.45 71.10
N GLN F 19 88.40 11.59 69.79
CA GLN F 19 88.65 12.82 69.05
C GLN F 19 87.58 13.16 68.01
N LEU F 20 86.54 13.88 68.43
CA LEU F 20 85.45 14.27 67.54
C LEU F 20 85.67 15.67 67.02
N ARG F 21 86.27 15.79 65.83
CA ARG F 21 86.55 17.11 65.29
C ARG F 21 85.42 17.86 64.56
N CYS F 22 85.25 19.13 64.94
CA CYS F 22 84.26 20.04 64.34
C CYS F 22 84.96 21.26 63.75
N LYS F 23 84.15 22.08 63.09
CA LYS F 23 84.61 23.31 62.46
C LYS F 23 83.45 24.27 62.23
N TYR F 24 83.78 25.56 62.02
CA TYR F 24 82.75 26.57 61.74
C TYR F 24 83.29 27.85 61.09
N SER F 25 82.38 28.60 60.49
CA SER F 25 82.66 29.87 59.84
C SER F 25 81.53 30.82 60.25
N TYR F 26 81.96 31.91 60.86
CA TYR F 26 81.09 32.96 61.38
C TYR F 26 82.15 33.96 61.79
N SER F 27 82.05 35.19 61.31
CA SER F 27 83.07 36.18 61.62
C SER F 27 82.91 36.70 63.05
N ALA F 28 82.22 35.95 63.92
CA ALA F 28 82.04 36.37 65.30
C ALA F 28 81.96 35.11 66.13
N THR F 29 81.70 35.25 67.44
CA THR F 29 81.63 34.13 68.36
C THR F 29 80.24 33.59 68.68
N PRO F 30 79.80 32.59 67.90
CA PRO F 30 78.49 31.92 67.99
C PRO F 30 78.56 30.84 69.04
N TYR F 31 77.47 30.62 69.76
CA TYR F 31 77.47 29.59 70.79
C TYR F 31 77.66 28.21 70.15
N LEU F 32 78.55 27.39 70.70
CA LEU F 32 78.79 26.07 70.13
C LEU F 32 78.31 24.94 71.06
N PHE F 33 77.88 23.83 70.46
CA PHE F 33 77.35 22.68 71.22
C PHE F 33 77.73 21.28 70.71
N TRP F 34 77.49 20.31 71.58
CA TRP F 34 77.72 18.89 71.33
C TRP F 34 76.56 18.05 71.89
N TYR F 35 75.88 17.36 70.97
CA TYR F 35 74.75 16.50 71.30
C TYR F 35 74.96 15.03 70.93
N VAL F 36 74.50 14.11 71.79
CA VAL F 36 74.67 12.67 71.56
C VAL F 36 73.40 11.94 71.12
N GLN F 37 73.41 11.30 69.97
CA GLN F 37 72.21 10.59 69.55
C GLN F 37 72.37 9.11 69.85
N TYR F 38 71.48 8.60 70.71
CA TYR F 38 71.46 7.18 71.12
C TYR F 38 70.46 6.35 70.29
N PRO F 39 70.48 5.00 70.44
CA PRO F 39 69.56 4.11 69.69
C PRO F 39 68.14 4.67 69.43
N ARG F 40 67.21 4.49 70.36
CA ARG F 40 65.87 5.03 70.13
C ARG F 40 65.75 6.40 70.78
N GLN F 41 66.90 6.90 71.24
CA GLN F 41 66.96 8.20 71.92
C GLN F 41 66.91 9.51 71.13
N GLY F 42 66.68 10.58 71.88
CA GLY F 42 66.66 11.90 71.27
C GLY F 42 68.05 12.45 71.53
N LEU F 43 68.39 13.55 70.86
CA LEU F 43 69.71 14.15 71.06
C LEU F 43 69.84 14.69 72.47
N GLN F 44 70.82 14.17 73.20
CA GLN F 44 71.09 14.60 74.57
C GLN F 44 72.16 15.66 74.58
N LEU F 45 71.98 16.67 75.43
CA LEU F 45 72.92 17.78 75.53
C LEU F 45 74.23 17.44 76.24
N LEU F 46 75.35 17.68 75.57
CA LEU F 46 76.64 17.43 76.18
C LEU F 46 77.28 18.73 76.65
N LEU F 47 77.53 19.65 75.72
CA LEU F 47 78.15 20.91 76.11
C LEU F 47 77.36 22.16 75.72
N LYS F 48 78.00 23.30 75.95
CA LYS F 48 77.45 24.60 75.63
C LYS F 48 78.45 25.67 76.03
N TYR F 49 79.25 26.06 75.05
CA TYR F 49 80.24 27.10 75.25
C TYR F 49 79.57 28.40 74.91
N TYR F 50 79.78 29.41 75.73
CA TYR F 50 79.20 30.71 75.46
C TYR F 50 80.35 31.64 75.11
N SER F 51 81.26 31.77 76.07
CA SER F 51 82.46 32.61 75.95
C SER F 51 83.31 32.30 77.18
N GLY F 52 84.24 33.19 77.53
CA GLY F 52 85.06 32.93 78.69
C GLY F 52 86.01 31.77 78.49
N ASP F 53 86.01 30.85 79.44
CA ASP F 53 86.91 29.69 79.40
C ASP F 53 86.77 28.73 78.23
N PRO F 54 87.71 28.79 77.29
CA PRO F 54 87.77 27.97 76.08
C PRO F 54 87.75 26.46 76.33
N VAL F 55 87.70 26.02 77.58
CA VAL F 55 87.68 24.58 77.85
C VAL F 55 86.45 24.17 78.63
N VAL F 56 85.48 23.64 77.91
CA VAL F 56 84.23 23.22 78.52
C VAL F 56 84.35 21.93 79.31
N GLN F 57 83.72 21.93 80.49
CA GLN F 57 83.74 20.79 81.40
C GLN F 57 82.46 19.98 81.27
N GLY F 58 82.38 19.19 80.21
CA GLY F 58 81.21 18.37 79.96
C GLY F 58 81.13 17.12 80.80
N VAL F 59 79.91 16.74 81.17
CA VAL F 59 79.68 15.54 81.98
C VAL F 59 80.20 14.28 81.32
N ASN F 60 80.64 13.33 82.16
CA ASN F 60 81.14 12.05 81.67
C ASN F 60 82.36 12.19 80.77
N GLY F 61 83.48 12.58 81.38
CA GLY F 61 84.73 12.72 80.64
C GLY F 61 84.59 13.27 79.24
N PHE F 62 83.60 14.14 79.05
CA PHE F 62 83.37 14.76 77.76
C PHE F 62 83.73 16.24 77.85
N GLU F 63 84.73 16.66 77.08
CA GLU F 63 85.13 18.05 77.11
C GLU F 63 85.73 18.52 75.80
N ALA F 64 85.35 19.73 75.42
CA ALA F 64 85.80 20.36 74.19
C ALA F 64 86.29 21.78 74.46
N GLU F 65 87.23 22.23 73.63
CA GLU F 65 87.76 23.58 73.79
C GLU F 65 87.45 24.44 72.57
N PHE F 66 86.85 25.60 72.79
CA PHE F 66 86.55 26.54 71.72
C PHE F 66 87.91 27.06 71.35
N SER F 67 88.11 27.43 70.09
CA SER F 67 89.42 27.94 69.68
C SER F 67 89.30 28.82 68.45
N LYS F 68 88.80 30.03 68.63
CA LYS F 68 88.65 30.95 67.52
C LYS F 68 89.94 30.96 66.72
N SER F 69 91.05 30.66 67.41
CA SER F 69 92.37 30.63 66.75
C SER F 69 92.25 29.84 65.46
N ASN F 70 91.65 28.65 65.54
CA ASN F 70 91.43 27.83 64.36
C ASN F 70 89.95 27.43 64.26
N SER F 71 89.09 28.33 64.77
CA SER F 71 87.62 28.21 64.79
C SER F 71 86.99 26.85 65.05
N SER F 72 87.44 26.17 66.10
CA SER F 72 86.92 24.85 66.42
C SER F 72 86.47 24.61 67.86
N PHE F 73 85.61 23.60 68.01
CA PHE F 73 85.09 23.20 69.30
C PHE F 73 84.94 21.68 69.29
N HIS F 74 86.07 20.99 69.10
CA HIS F 74 86.12 19.53 69.06
C HIS F 74 85.82 18.97 70.43
N LEU F 75 84.94 17.98 70.50
CA LEU F 75 84.59 17.32 71.74
C LEU F 75 85.58 16.18 71.95
N ARG F 76 86.15 16.11 73.15
CA ARG F 76 87.14 15.08 73.48
C ARG F 76 86.89 14.29 74.77
N LYS F 77 87.27 13.03 74.76
CA LYS F 77 87.13 12.16 75.94
C LYS F 77 88.40 11.35 76.17
N ALA F 78 88.70 11.09 77.44
CA ALA F 78 89.87 10.35 77.85
C ALA F 78 89.81 8.85 77.52
N SER F 79 88.79 8.17 78.04
CA SER F 79 88.63 6.74 77.79
C SER F 79 87.20 6.41 77.37
N VAL F 80 87.00 6.23 76.07
CA VAL F 80 85.69 5.92 75.58
C VAL F 80 85.32 4.48 75.92
N HIS F 81 84.27 4.31 76.71
CA HIS F 81 83.87 2.96 77.09
C HIS F 81 82.45 2.57 76.74
N TRP F 82 82.37 1.48 75.99
CA TRP F 82 81.14 0.86 75.50
C TRP F 82 79.83 1.71 75.47
N SER F 83 79.17 1.92 76.62
CA SER F 83 77.92 2.67 76.62
C SER F 83 77.91 4.00 75.88
N ASP F 84 79.09 4.55 75.65
CA ASP F 84 79.19 5.82 74.97
C ASP F 84 79.33 5.72 73.45
N SER F 85 79.12 4.56 72.84
CA SER F 85 79.25 4.47 71.36
C SER F 85 77.99 4.97 70.66
N ALA F 86 78.15 5.94 69.75
CA ALA F 86 76.99 6.50 69.04
C ALA F 86 77.31 7.66 68.08
N VAL F 87 76.34 8.55 67.85
CA VAL F 87 76.59 9.67 66.97
C VAL F 87 76.53 10.92 67.81
N TYR F 88 77.44 11.85 67.56
CA TYR F 88 77.50 13.11 68.31
C TYR F 88 77.21 14.26 67.37
N PHE F 89 76.74 15.38 67.89
CA PHE F 89 76.39 16.51 67.03
C PHE F 89 76.90 17.86 67.50
N CYS F 90 77.63 18.55 66.63
CA CYS F 90 78.09 19.86 67.03
C CYS F 90 77.07 20.87 66.59
N ALA F 91 76.96 21.98 67.32
CA ALA F 91 75.95 22.98 66.97
C ALA F 91 76.20 24.44 67.39
N VAL F 92 75.94 25.37 66.45
CA VAL F 92 76.10 26.82 66.66
C VAL F 92 74.76 27.55 66.85
N SER F 93 74.79 28.77 67.37
CA SER F 93 73.57 29.57 67.59
C SER F 93 73.78 31.09 67.47
N GLY F 94 74.54 31.50 66.45
CA GLY F 94 74.82 32.92 66.23
C GLY F 94 73.61 33.80 65.95
N PHE F 95 73.27 33.95 64.67
CA PHE F 95 72.14 34.78 64.20
C PHE F 95 70.89 34.80 65.09
N ALA F 96 70.04 33.79 64.89
CA ALA F 96 68.80 33.68 65.65
C ALA F 96 68.79 32.46 66.56
N SER F 97 68.00 32.57 67.63
CA SER F 97 67.83 31.53 68.63
C SER F 97 68.11 30.09 68.15
N ALA F 98 67.72 29.78 66.92
CA ALA F 98 67.88 28.43 66.35
C ALA F 98 69.29 27.88 66.21
N LEU F 99 69.38 26.54 66.22
CA LEU F 99 70.66 25.85 66.10
C LEU F 99 71.01 25.45 64.67
N THR F 100 72.28 25.08 64.46
CA THR F 100 72.78 24.64 63.15
C THR F 100 73.76 23.47 63.30
N PHE F 101 73.30 22.27 62.91
CA PHE F 101 74.09 21.06 63.03
C PHE F 101 74.87 20.67 61.79
N GLY F 102 76.02 20.05 62.02
CA GLY F 102 76.83 19.61 60.91
C GLY F 102 76.38 18.18 60.64
N SER F 103 77.07 17.49 59.75
CA SER F 103 76.69 16.11 59.42
C SER F 103 76.38 15.28 60.66
N GLY F 104 77.33 15.23 61.59
CA GLY F 104 77.17 14.43 62.80
C GLY F 104 78.12 13.27 62.60
N THR F 105 78.81 12.83 63.65
CA THR F 105 79.74 11.73 63.49
C THR F 105 79.26 10.45 64.18
N LYS F 106 79.52 9.32 63.52
CA LYS F 106 79.15 8.00 64.04
C LYS F 106 80.39 7.42 64.72
N VAL F 107 80.37 7.29 66.04
CA VAL F 107 81.53 6.74 66.74
C VAL F 107 81.26 5.34 67.29
N ILE F 108 82.15 4.43 66.95
CA ILE F 108 82.07 3.02 67.35
C ILE F 108 83.18 2.64 68.34
N VAL F 109 82.77 2.12 69.49
CA VAL F 109 83.69 1.67 70.54
C VAL F 109 83.78 0.13 70.54
N LEU F 110 84.93 -0.38 70.10
CA LEU F 110 85.17 -1.82 70.02
C LEU F 110 85.65 -2.37 71.36
N PRO F 111 84.73 -2.92 72.17
CA PRO F 111 85.08 -3.49 73.48
C PRO F 111 85.96 -4.73 73.28
N TYR F 112 86.36 -5.37 74.37
CA TYR F 112 87.20 -6.55 74.22
C TYR F 112 86.84 -7.69 75.18
N ILE F 113 87.46 -8.84 74.94
CA ILE F 113 87.28 -10.02 75.77
C ILE F 113 88.65 -10.63 75.88
N GLN F 114 89.14 -10.78 77.10
CA GLN F 114 90.47 -11.36 77.32
C GLN F 114 90.43 -12.84 76.91
N ASN F 115 89.40 -13.22 76.16
CA ASN F 115 89.25 -14.59 75.73
C ASN F 115 88.33 -14.72 74.51
N PRO F 116 88.89 -14.47 73.31
CA PRO F 116 88.09 -14.57 72.09
C PRO F 116 87.75 -16.04 71.79
N GLU F 117 86.59 -16.27 71.19
CA GLU F 117 86.16 -17.64 70.86
C GLU F 117 85.37 -17.69 69.56
N PRO F 118 86.01 -17.27 68.45
CA PRO F 118 85.37 -17.24 67.13
C PRO F 118 84.68 -18.55 66.72
N ALA F 119 83.43 -18.71 67.13
CA ALA F 119 82.65 -19.94 66.84
C ALA F 119 81.39 -19.72 65.97
N VAL F 120 81.11 -20.67 65.08
CA VAL F 120 79.96 -20.62 64.18
C VAL F 120 78.97 -21.75 64.44
N TYR F 121 77.69 -21.49 64.26
CA TYR F 121 76.66 -22.50 64.49
C TYR F 121 75.52 -22.49 63.47
N ALA F 122 74.49 -23.27 63.77
CA ALA F 122 73.32 -23.38 62.92
C ALA F 122 72.08 -23.68 63.76
N LEU F 123 71.11 -22.78 63.72
CA LEU F 123 69.88 -22.92 64.49
C LEU F 123 68.68 -22.86 63.55
N LYS F 124 67.69 -23.72 63.77
CA LYS F 124 66.50 -23.76 62.92
C LYS F 124 65.23 -23.32 63.65
N ASP F 125 64.27 -22.81 62.89
CA ASP F 125 63.01 -22.35 63.46
C ASP F 125 62.19 -23.58 63.88
N PRO F 126 61.84 -23.68 65.17
CA PRO F 126 61.06 -24.80 65.71
C PRO F 126 59.62 -24.87 65.17
N ARG F 127 59.37 -24.13 64.09
CA ARG F 127 58.05 -24.09 63.45
C ARG F 127 58.13 -23.91 61.92
N SER F 128 59.35 -23.86 61.42
CA SER F 128 59.65 -23.76 60.00
C SER F 128 60.74 -24.80 59.69
N GLN F 129 60.33 -26.01 59.34
CA GLN F 129 61.25 -27.08 58.98
C GLN F 129 62.15 -26.72 57.79
N ASP F 130 63.47 -26.75 58.02
CA ASP F 130 64.50 -26.45 57.03
C ASP F 130 65.07 -25.03 57.24
N SER F 131 64.29 -24.13 57.86
CA SER F 131 64.73 -22.75 58.10
C SER F 131 66.18 -22.67 58.61
N THR F 132 67.08 -22.25 57.72
CA THR F 132 68.51 -22.12 58.02
C THR F 132 68.89 -20.77 58.65
N LEU F 133 69.94 -20.75 59.49
CA LEU F 133 70.40 -19.53 60.17
C LEU F 133 71.80 -19.62 60.82
N CYS F 134 72.75 -18.90 60.24
CA CYS F 134 74.13 -18.87 60.75
C CYS F 134 74.20 -17.79 61.82
N LEU F 135 75.05 -17.99 62.81
CA LEU F 135 75.24 -17.03 63.88
C LEU F 135 76.69 -16.97 64.31
N PHE F 136 77.41 -15.96 63.82
CA PHE F 136 78.81 -15.80 64.18
C PHE F 136 78.81 -15.13 65.56
N THR F 137 79.63 -15.65 66.48
CA THR F 137 79.66 -15.09 67.83
C THR F 137 81.02 -15.11 68.50
N ASP F 138 81.14 -14.36 69.60
CA ASP F 138 82.37 -14.25 70.39
C ASP F 138 83.64 -14.25 69.54
N PHE F 139 83.69 -13.36 68.56
CA PHE F 139 84.86 -13.25 67.68
C PHE F 139 85.57 -11.92 67.91
N ASP F 140 86.78 -11.79 67.34
CA ASP F 140 87.52 -10.55 67.51
C ASP F 140 86.82 -9.42 66.74
N SER F 141 86.83 -8.22 67.30
CA SER F 141 86.20 -7.09 66.64
C SER F 141 87.11 -6.48 65.58
N GLN F 142 88.42 -6.68 65.75
CA GLN F 142 89.41 -6.18 64.82
C GLN F 142 89.26 -6.86 63.46
N ILE F 143 88.34 -7.82 63.38
CA ILE F 143 88.09 -8.53 62.13
C ILE F 143 86.72 -8.18 61.55
N ASN F 144 86.73 -7.82 60.27
CA ASN F 144 85.50 -7.46 59.58
C ASN F 144 84.89 -8.74 59.05
N VAL F 145 83.65 -8.98 59.43
CA VAL F 145 82.95 -10.17 58.96
C VAL F 145 82.74 -10.02 57.45
N PRO F 146 83.14 -11.04 56.67
CA PRO F 146 82.96 -10.97 55.21
C PRO F 146 81.52 -10.68 54.84
N LYS F 147 81.32 -9.71 53.95
CA LYS F 147 79.97 -9.32 53.56
C LYS F 147 79.48 -10.06 52.33
N THR F 148 78.18 -10.03 52.11
CA THR F 148 77.56 -10.73 51.00
C THR F 148 77.12 -9.84 49.83
N MET F 149 76.98 -10.46 48.66
CA MET F 149 76.54 -9.77 47.44
C MET F 149 75.57 -10.68 46.71
N GLU F 150 75.03 -11.67 47.44
CA GLU F 150 74.08 -12.62 46.89
C GLU F 150 72.69 -12.43 47.48
N SER F 151 71.69 -12.29 46.62
CA SER F 151 70.32 -12.11 47.08
C SER F 151 69.92 -13.29 47.98
N GLY F 152 68.91 -13.07 48.82
CA GLY F 152 68.46 -14.13 49.70
C GLY F 152 69.54 -14.60 50.65
N THR F 153 70.54 -13.74 50.86
CA THR F 153 71.65 -14.06 51.75
C THR F 153 72.23 -12.75 52.27
N PHE F 154 71.66 -12.21 53.34
CA PHE F 154 72.19 -10.96 53.88
C PHE F 154 73.07 -11.28 55.09
N ILE F 155 73.74 -10.26 55.60
CA ILE F 155 74.63 -10.44 56.74
C ILE F 155 74.62 -9.22 57.66
N THR F 156 74.04 -9.40 58.86
CA THR F 156 73.96 -8.34 59.85
C THR F 156 75.36 -8.05 60.40
N ASP F 157 75.75 -6.78 60.40
CA ASP F 157 77.07 -6.38 60.89
C ASP F 157 77.24 -6.61 62.39
N ALA F 158 78.43 -7.04 62.78
CA ALA F 158 78.77 -7.34 64.17
C ALA F 158 78.11 -6.43 65.18
N THR F 159 76.94 -6.84 65.67
CA THR F 159 76.22 -6.06 66.67
C THR F 159 76.72 -6.55 68.02
N VAL F 160 77.21 -5.62 68.85
CA VAL F 160 77.73 -5.97 70.17
C VAL F 160 76.65 -6.48 71.13
N LEU F 161 77.05 -7.34 72.07
CA LEU F 161 76.11 -7.87 73.06
C LEU F 161 76.77 -8.14 74.42
N ASP F 162 75.99 -8.05 75.49
CA ASP F 162 76.52 -8.25 76.84
C ASP F 162 75.45 -8.69 77.84
N MET F 163 75.80 -9.67 78.66
CA MET F 163 74.93 -10.22 79.70
C MET F 163 75.34 -9.64 81.05
N LYS F 164 74.58 -9.92 82.10
CA LYS F 164 74.91 -9.41 83.44
C LYS F 164 76.27 -9.93 83.93
N ALA F 165 76.88 -10.82 83.15
CA ALA F 165 78.18 -11.39 83.48
C ALA F 165 79.29 -10.37 83.28
N MET F 166 80.41 -10.59 83.95
CA MET F 166 81.57 -9.69 83.89
C MET F 166 82.08 -9.41 82.47
N ASP F 167 82.92 -10.31 81.96
CA ASP F 167 83.52 -10.18 80.62
C ASP F 167 82.58 -10.78 79.58
N SER F 168 81.28 -10.63 79.81
CA SER F 168 80.27 -11.18 78.92
C SER F 168 80.08 -10.53 77.54
N LYS F 169 80.87 -9.50 77.23
CA LYS F 169 80.73 -8.82 75.95
C LYS F 169 81.03 -9.72 74.75
N SER F 170 79.98 -10.29 74.17
CA SER F 170 80.08 -11.19 73.03
C SER F 170 79.87 -10.46 71.70
N ASN F 171 80.17 -11.13 70.59
CA ASN F 171 80.01 -10.55 69.26
C ASN F 171 78.92 -11.28 68.47
N GLY F 172 78.19 -10.56 67.61
CA GLY F 172 77.13 -11.19 66.84
C GLY F 172 76.79 -10.55 65.51
N ALA F 173 77.04 -11.29 64.42
CA ALA F 173 76.76 -10.83 63.06
C ALA F 173 76.08 -11.95 62.26
N ILE F 174 74.75 -12.00 62.36
CA ILE F 174 73.95 -13.03 61.68
C ILE F 174 74.12 -13.06 60.16
N ALA F 175 73.73 -14.18 59.57
CA ALA F 175 73.83 -14.36 58.13
C ALA F 175 72.90 -15.48 57.67
N TRP F 176 71.99 -15.15 56.76
CA TRP F 176 71.03 -16.13 56.25
C TRP F 176 71.26 -16.40 54.78
N SER F 177 70.54 -17.41 54.27
CA SER F 177 70.65 -17.80 52.87
C SER F 177 69.52 -18.76 52.48
N ASN F 178 68.87 -18.47 51.36
CA ASN F 178 67.77 -19.32 50.88
C ASN F 178 68.18 -20.15 49.66
N GLN F 179 69.47 -20.24 49.38
CA GLN F 179 69.93 -21.03 48.25
C GLN F 179 69.93 -22.52 48.57
N THR F 180 69.05 -23.25 47.91
CA THR F 180 68.89 -24.70 48.07
C THR F 180 69.74 -25.26 49.21
N SER F 181 70.81 -25.99 48.84
CA SER F 181 71.72 -26.57 49.82
C SER F 181 72.91 -25.65 50.05
N PHE F 182 72.92 -24.97 51.18
CA PHE F 182 73.99 -24.04 51.52
C PHE F 182 74.35 -24.15 53.00
N THR F 183 75.52 -24.71 53.26
CA THR F 183 76.01 -24.87 54.63
C THR F 183 76.83 -23.66 55.06
N CYS F 184 76.66 -23.25 56.33
CA CYS F 184 77.35 -22.10 56.90
C CYS F 184 78.85 -22.12 56.57
N GLN F 185 79.32 -23.24 56.01
CA GLN F 185 80.73 -23.38 55.67
C GLN F 185 81.06 -22.64 54.39
N ASP F 186 80.03 -22.24 53.66
CA ASP F 186 80.19 -21.53 52.40
C ASP F 186 80.13 -20.00 52.59
N ILE F 187 79.16 -19.56 53.37
CA ILE F 187 78.98 -18.14 53.63
C ILE F 187 80.23 -17.55 54.29
N PHE F 188 80.48 -17.93 55.54
CA PHE F 188 81.63 -17.45 56.29
C PHE F 188 82.92 -18.01 55.68
N LYS F 189 83.03 -17.91 54.35
CA LYS F 189 84.18 -18.43 53.62
C LYS F 189 85.50 -18.58 54.39
N GLU F 190 85.85 -17.61 55.22
CA GLU F 190 87.11 -17.68 55.95
C GLU F 190 87.12 -17.05 57.34
N THR F 191 87.05 -17.90 58.36
CA THR F 191 87.05 -17.48 59.76
C THR F 191 87.57 -18.62 60.65
N ASN F 192 86.98 -18.79 61.85
CA ASN F 192 87.37 -19.84 62.80
C ASN F 192 86.19 -20.62 63.42
N ALA F 193 86.38 -21.93 63.61
CA ALA F 193 85.43 -22.91 64.21
C ALA F 193 83.95 -22.81 63.79
N THR F 194 83.46 -23.88 63.16
CA THR F 194 82.05 -23.98 62.73
C THR F 194 81.44 -25.29 63.23
N TYR F 195 81.25 -25.41 64.55
CA TYR F 195 80.68 -26.62 65.12
C TYR F 195 79.50 -27.18 64.32
N PRO F 196 79.60 -28.45 63.87
CA PRO F 196 78.60 -29.18 63.09
C PRO F 196 77.20 -29.20 63.74
N SER F 197 76.18 -28.92 62.94
CA SER F 197 74.79 -28.88 63.39
C SER F 197 74.28 -30.26 63.85
N SER F 198 75.18 -31.23 63.90
CA SER F 198 74.85 -32.59 64.32
C SER F 198 74.89 -32.67 65.83
N ASP F 199 73.74 -32.91 66.45
CA ASP F 199 73.63 -33.00 67.89
C ASP F 199 74.57 -34.08 68.45
N VAL F 200 75.53 -33.66 69.27
CA VAL F 200 76.49 -34.58 69.88
C VAL F 200 75.74 -35.74 70.53
N PRO F 201 76.17 -36.98 70.26
CA PRO F 201 75.51 -38.16 70.82
C PRO F 201 75.11 -38.02 72.29
N CYS F 202 73.98 -38.61 72.66
CA CYS F 202 73.44 -38.56 74.02
C CYS F 202 74.50 -38.81 75.09
N GLU G 1 61.26 17.49 85.41
CA GLU G 1 61.28 16.80 84.09
C GLU G 1 62.33 17.33 83.12
N ALA G 2 61.99 18.45 82.47
CA ALA G 2 62.82 19.11 81.47
C ALA G 2 62.87 18.27 80.19
N ALA G 3 61.69 17.88 79.68
CA ALA G 3 61.59 17.08 78.47
C ALA G 3 60.55 17.58 77.44
N VAL G 4 60.79 17.26 76.18
CA VAL G 4 59.89 17.66 75.10
C VAL G 4 59.14 16.44 74.56
N THR G 5 57.81 16.55 74.52
CA THR G 5 56.96 15.47 74.04
C THR G 5 56.74 15.60 72.53
N GLN G 6 56.63 14.46 71.85
CA GLN G 6 56.43 14.50 70.40
C GLN G 6 55.70 13.27 69.84
N SER G 7 54.36 13.35 69.87
CA SER G 7 53.55 12.27 69.33
C SER G 7 52.74 12.86 68.17
N PRO G 8 52.22 12.01 67.27
CA PRO G 8 52.35 10.55 67.30
C PRO G 8 53.80 10.14 67.29
N ARG G 9 54.08 8.94 67.80
CA ARG G 9 55.44 8.46 67.81
C ARG G 9 55.78 8.11 66.37
N ASN G 10 54.99 7.20 65.80
CA ASN G 10 55.18 6.73 64.43
C ASN G 10 53.97 7.06 63.55
N LYS G 11 54.22 7.27 62.26
CA LYS G 11 53.15 7.58 61.33
C LYS G 11 53.57 7.46 59.87
N VAL G 12 52.60 7.15 59.03
CA VAL G 12 52.81 6.99 57.61
C VAL G 12 51.48 7.21 56.90
N ALA G 13 51.55 7.56 55.62
CA ALA G 13 50.37 7.81 54.83
C ALA G 13 50.80 7.94 53.39
N VAL G 14 49.83 7.93 52.48
CA VAL G 14 50.16 8.06 51.07
C VAL G 14 50.11 9.51 50.58
N THR G 15 50.86 9.78 49.50
CA THR G 15 50.94 11.10 48.88
C THR G 15 49.72 12.01 49.07
N GLY G 16 49.95 13.32 48.97
CA GLY G 16 48.89 14.29 49.10
C GLY G 16 48.20 14.30 50.45
N GLY G 17 48.49 13.28 51.26
CA GLY G 17 47.88 13.21 52.58
C GLY G 17 48.23 14.39 53.47
N LYS G 18 47.50 14.50 54.58
CA LYS G 18 47.72 15.57 55.54
C LYS G 18 47.70 15.07 56.99
N VAL G 19 48.84 15.19 57.68
CA VAL G 19 48.98 14.75 59.06
C VAL G 19 49.33 15.91 60.01
N THR G 20 48.94 15.78 61.29
CA THR G 20 49.23 16.81 62.29
C THR G 20 50.01 16.25 63.48
N LEU G 21 51.33 16.17 63.33
CA LEU G 21 52.19 15.68 64.40
C LEU G 21 52.21 16.72 65.52
N SER G 22 51.66 16.35 66.66
CA SER G 22 51.59 17.26 67.80
C SER G 22 52.88 17.36 68.61
N CYS G 23 52.84 18.17 69.67
CA CYS G 23 53.99 18.35 70.56
C CYS G 23 53.72 19.26 71.72
N ASN G 24 53.63 18.70 72.90
CA ASN G 24 53.40 19.48 74.12
C ASN G 24 54.70 20.11 74.64
N GLN G 25 54.76 20.37 75.94
CA GLN G 25 55.94 20.97 76.54
C GLN G 25 55.72 21.39 78.00
N THR G 26 56.58 20.92 78.90
CA THR G 26 56.48 21.28 80.32
C THR G 26 57.76 21.95 80.79
N ASN G 27 58.22 22.94 80.02
CA ASN G 27 59.44 23.69 80.36
C ASN G 27 59.35 25.19 80.06
N ASN G 28 58.13 25.67 79.84
CA ASN G 28 57.84 27.09 79.58
C ASN G 28 58.70 27.83 78.55
N HIS G 29 59.50 27.11 77.77
CA HIS G 29 60.37 27.75 76.78
C HIS G 29 59.65 28.46 75.64
N ASN G 30 59.80 29.78 75.60
CA ASN G 30 59.15 30.58 74.58
C ASN G 30 59.56 30.08 73.21
N ASN G 31 60.81 29.62 73.11
CA ASN G 31 61.33 29.12 71.84
C ASN G 31 60.91 27.68 71.59
N MET G 32 60.62 27.38 70.34
CA MET G 32 60.23 26.04 69.92
C MET G 32 60.58 25.92 68.46
N TYR G 33 60.96 24.71 68.03
CA TYR G 33 61.36 24.50 66.64
C TYR G 33 60.91 23.11 66.16
N TRP G 34 61.50 22.70 65.03
CA TRP G 34 61.27 21.40 64.40
C TRP G 34 62.37 21.13 63.38
N TYR G 35 63.14 20.08 63.61
CA TYR G 35 64.21 19.74 62.68
C TYR G 35 63.87 18.49 61.88
N ARG G 36 64.58 18.35 60.76
CA ARG G 36 64.38 17.21 59.87
C ARG G 36 65.71 16.46 59.80
N GLN G 37 65.77 15.35 60.52
CA GLN G 37 66.97 14.53 60.56
C GLN G 37 67.05 13.65 59.34
N ASP G 38 68.04 13.91 58.49
CA ASP G 38 68.25 13.13 57.29
C ASP G 38 69.69 12.73 57.05
N THR G 39 69.90 11.48 56.66
CA THR G 39 71.23 10.98 56.39
C THR G 39 71.90 11.91 55.38
N GLY G 40 73.20 12.12 55.53
CA GLY G 40 73.93 12.98 54.60
C GLY G 40 73.92 14.46 54.93
N HIS G 41 72.94 14.91 55.72
CA HIS G 41 72.82 16.32 56.07
C HIS G 41 72.67 16.49 57.57
N GLY G 42 72.25 15.44 58.25
CA GLY G 42 72.03 15.51 59.68
C GLY G 42 70.69 16.19 59.84
N LEU G 43 70.52 16.96 60.91
CA LEU G 43 69.28 17.69 61.10
C LEU G 43 69.36 18.96 60.27
N ARG G 44 68.20 19.58 60.04
CA ARG G 44 68.13 20.81 59.29
C ARG G 44 66.88 21.51 59.77
N LEU G 45 66.93 22.84 59.82
CA LEU G 45 65.81 23.63 60.31
C LEU G 45 64.76 23.97 59.26
N ILE G 46 63.49 23.87 59.65
CA ILE G 46 62.38 24.17 58.75
C ILE G 46 61.56 25.33 59.30
N HIS G 47 61.01 25.16 60.51
CA HIS G 47 60.19 26.20 61.12
C HIS G 47 60.38 26.30 62.64
N TYR G 48 60.40 27.54 63.15
CA TYR G 48 60.54 27.80 64.59
C TYR G 48 59.60 28.89 65.12
N SER G 49 59.43 28.92 66.44
CA SER G 49 58.54 29.88 67.08
C SER G 49 58.98 30.44 68.43
N TYR G 50 58.75 31.74 68.63
CA TYR G 50 59.10 32.45 69.88
C TYR G 50 57.93 32.42 70.86
N GLY G 51 57.00 31.51 70.65
CA GLY G 51 55.86 31.43 71.53
C GLY G 51 54.62 32.02 70.89
N ALA G 52 53.53 31.99 71.65
CA ALA G 52 52.23 32.49 71.21
C ALA G 52 52.24 33.22 69.88
N GLY G 53 51.48 32.69 68.93
CA GLY G 53 51.35 33.30 67.61
C GLY G 53 52.58 33.48 66.75
N SER G 54 53.68 32.83 67.09
CA SER G 54 54.88 32.99 66.28
C SER G 54 55.24 31.71 65.53
N THR G 55 55.78 31.87 64.34
CA THR G 55 56.17 30.73 63.53
C THR G 55 56.88 31.29 62.32
N GLU G 56 58.18 31.43 62.45
CA GLU G 56 59.00 31.97 61.38
C GLU G 56 59.69 30.83 60.64
N LYS G 57 59.82 30.99 59.33
CA LYS G 57 60.44 29.99 58.48
C LYS G 57 61.82 29.56 58.98
N GLY G 58 62.35 28.53 58.32
CA GLY G 58 63.65 27.99 58.66
C GLY G 58 64.58 27.93 57.46
N ASP G 59 64.85 26.71 56.99
CA ASP G 59 65.74 26.52 55.85
C ASP G 59 65.16 25.54 54.83
N ILE G 60 64.10 24.85 55.22
CA ILE G 60 63.42 23.89 54.33
C ILE G 60 61.93 24.03 54.64
N PRO G 61 61.35 25.18 54.29
CA PRO G 61 59.93 25.47 54.52
C PRO G 61 59.03 24.77 53.51
N ASP G 62 59.45 24.80 52.27
CA ASP G 62 58.73 24.19 51.16
C ASP G 62 58.01 22.88 51.49
N GLY G 63 56.71 22.99 51.75
CA GLY G 63 55.90 21.83 52.07
C GLY G 63 55.52 21.71 53.54
N TYR G 64 55.96 22.66 54.35
CA TYR G 64 55.65 22.63 55.76
C TYR G 64 54.96 23.89 56.24
N LYS G 65 54.07 23.71 57.20
CA LYS G 65 53.31 24.83 57.77
C LYS G 65 53.24 24.69 59.29
N ALA G 66 54.06 25.45 60.01
CA ALA G 66 54.06 25.37 61.46
C ALA G 66 52.97 26.24 62.07
N SER G 67 52.33 25.74 63.14
CA SER G 67 51.27 26.48 63.81
C SER G 67 51.49 26.60 65.31
N ARG G 68 51.68 27.83 65.79
CA ARG G 68 51.92 28.05 67.21
C ARG G 68 50.69 28.59 67.91
N PRO G 69 49.92 27.70 68.56
CA PRO G 69 48.71 28.03 69.30
C PRO G 69 49.06 28.81 70.55
N SER G 70 49.27 28.10 71.65
CA SER G 70 49.65 28.72 72.91
C SER G 70 51.02 28.19 73.30
N GLN G 71 51.70 28.92 74.19
CA GLN G 71 53.04 28.54 74.64
C GLN G 71 53.27 27.03 74.64
N GLU G 72 52.46 26.34 75.41
CA GLU G 72 52.57 24.89 75.54
C GLU G 72 52.79 24.16 74.21
N ASN G 73 51.74 24.05 73.41
CA ASN G 73 51.79 23.31 72.13
C ASN G 73 52.51 23.93 70.94
N PHE G 74 52.77 23.08 69.94
CA PHE G 74 53.45 23.45 68.69
C PHE G 74 53.60 22.23 67.79
N SER G 75 52.76 22.18 66.75
CA SER G 75 52.76 21.09 65.77
C SER G 75 53.11 21.63 64.37
N LEU G 76 53.50 20.74 63.46
CA LEU G 76 53.85 21.15 62.10
C LEU G 76 52.70 20.82 61.15
N ILE G 77 52.78 21.27 59.90
CA ILE G 77 51.71 21.00 58.95
C ILE G 77 52.19 20.77 57.51
N LEU G 78 51.63 19.72 56.91
CA LEU G 78 51.94 19.32 55.54
C LEU G 78 50.66 19.07 54.71
N GLU G 79 49.98 20.15 54.33
CA GLU G 79 48.75 20.05 53.54
C GLU G 79 48.92 18.98 52.47
N LEU G 80 49.76 19.28 51.49
CA LEU G 80 50.07 18.35 50.42
C LEU G 80 51.13 17.41 50.97
N ALA G 81 50.93 16.12 50.80
CA ALA G 81 51.91 15.16 51.28
C ALA G 81 52.87 14.79 50.17
N THR G 82 53.99 14.15 50.54
CA THR G 82 55.01 13.72 49.58
C THR G 82 56.10 12.92 50.29
N PRO G 83 56.52 11.78 49.69
CA PRO G 83 57.55 10.88 50.24
C PRO G 83 58.90 11.57 50.33
N SER G 84 59.01 12.73 49.67
CA SER G 84 60.23 13.50 49.70
C SER G 84 60.30 13.91 51.16
N GLN G 85 59.13 14.08 51.76
CA GLN G 85 59.00 14.47 53.17
C GLN G 85 59.10 13.32 54.14
N THR G 86 59.58 12.18 53.66
CA THR G 86 59.74 11.00 54.51
C THR G 86 61.05 11.08 55.31
N SER G 87 60.96 11.04 56.63
CA SER G 87 62.14 11.11 57.51
C SER G 87 61.82 11.19 59.00
N VAL G 88 62.79 11.65 59.78
CA VAL G 88 62.66 11.80 61.22
C VAL G 88 62.64 13.26 61.60
N TYR G 89 61.55 13.72 62.20
CA TYR G 89 61.43 15.11 62.62
C TYR G 89 61.31 15.18 64.14
N PHE G 90 61.69 16.33 64.70
CA PHE G 90 61.63 16.59 66.13
C PHE G 90 61.25 18.06 66.36
N CYS G 91 60.55 18.29 67.46
CA CYS G 91 60.10 19.61 67.91
C CYS G 91 61.06 19.90 69.04
N ALA G 92 61.66 21.09 69.06
CA ALA G 92 62.60 21.37 70.13
C ALA G 92 62.35 22.74 70.74
N SER G 93 62.75 22.90 72.00
CA SER G 93 62.60 24.18 72.69
C SER G 93 63.99 24.72 72.99
N GLY G 94 64.08 25.75 73.82
CA GLY G 94 65.37 26.31 74.16
C GLY G 94 65.35 27.71 74.73
N GLY G 95 64.84 27.83 75.95
CA GLY G 95 64.75 29.12 76.63
C GLY G 95 66.04 29.90 76.79
N GLY G 96 66.68 30.17 75.65
CA GLY G 96 67.93 30.91 75.64
C GLY G 96 68.77 30.46 74.45
N GLY G 97 69.43 29.31 74.63
CA GLY G 97 70.29 28.76 73.60
C GLY G 97 70.60 27.30 73.86
N THR G 98 70.12 26.78 74.99
CA THR G 98 70.33 25.38 75.39
C THR G 98 69.07 24.57 75.05
N LEU G 99 68.87 24.34 73.74
CA LEU G 99 67.70 23.62 73.25
C LEU G 99 67.49 22.23 73.85
N TYR G 100 66.22 21.79 73.81
CA TYR G 100 65.78 20.48 74.30
C TYR G 100 64.98 19.85 73.16
N PHE G 101 65.33 18.64 72.76
CA PHE G 101 64.62 17.99 71.68
C PHE G 101 63.41 17.16 72.12
N GLY G 102 62.61 16.78 71.14
CA GLY G 102 61.43 15.97 71.40
C GLY G 102 61.80 14.53 71.09
N ALA G 103 61.00 13.59 71.60
CA ALA G 103 61.26 12.17 71.38
C ALA G 103 61.69 11.94 69.94
N GLY G 104 60.73 11.96 69.03
CA GLY G 104 61.03 11.75 67.63
C GLY G 104 59.87 11.15 66.88
N THR G 105 59.83 11.37 65.57
CA THR G 105 58.75 10.85 64.76
C THR G 105 59.27 10.25 63.47
N ARG G 106 58.57 9.20 63.03
CA ARG G 106 58.91 8.51 61.79
C ARG G 106 57.74 8.72 60.82
N LEU G 107 57.94 9.56 59.81
CA LEU G 107 56.89 9.82 58.83
C LEU G 107 57.28 9.30 57.46
N SER G 108 56.62 8.23 57.02
CA SER G 108 56.90 7.64 55.72
C SER G 108 55.70 7.88 54.81
N VAL G 109 55.92 8.57 53.70
CA VAL G 109 54.85 8.89 52.76
C VAL G 109 54.85 7.89 51.60
N LEU G 110 54.41 6.68 51.88
CA LEU G 110 54.36 5.62 50.87
C LEU G 110 53.32 5.95 49.81
N GLU G 111 53.70 5.84 48.55
CA GLU G 111 52.79 6.14 47.45
C GLU G 111 51.57 5.19 47.47
N ASP G 112 51.83 3.89 47.46
CA ASP G 112 50.76 2.89 47.48
C ASP G 112 50.49 2.48 48.93
N LEU G 113 49.25 2.63 49.38
CA LEU G 113 48.85 2.31 50.76
C LEU G 113 48.80 0.82 51.14
N ARG G 114 48.07 0.02 50.37
CA ARG G 114 47.98 -1.41 50.68
C ARG G 114 49.30 -2.09 50.33
N ASN G 115 50.36 -1.29 50.29
CA ASN G 115 51.70 -1.75 49.97
C ASN G 115 52.46 -1.99 51.30
N VAL G 116 51.71 -1.94 52.39
CA VAL G 116 52.25 -2.15 53.73
C VAL G 116 52.06 -3.59 54.17
N THR G 117 52.95 -4.08 55.03
CA THR G 117 52.85 -5.45 55.51
C THR G 117 53.32 -5.65 56.95
N PRO G 118 52.55 -6.43 57.74
CA PRO G 118 52.87 -6.73 59.14
C PRO G 118 54.09 -7.66 59.27
N PRO G 119 54.86 -7.55 60.37
CA PRO G 119 56.04 -8.39 60.59
C PRO G 119 55.69 -9.88 60.73
N LYS G 120 56.72 -10.72 60.69
CA LYS G 120 56.54 -12.15 60.85
C LYS G 120 57.74 -12.60 61.68
N VAL G 121 57.58 -12.51 62.99
CA VAL G 121 58.63 -12.87 63.93
C VAL G 121 58.78 -14.37 64.07
N SER G 122 60.03 -14.82 64.14
CA SER G 122 60.35 -16.24 64.28
C SER G 122 61.55 -16.38 65.23
N LEU G 123 61.36 -17.10 66.33
CA LEU G 123 62.41 -17.31 67.33
C LEU G 123 63.16 -18.63 67.22
N PHE G 124 64.27 -18.63 66.49
CA PHE G 124 65.10 -19.83 66.32
C PHE G 124 65.70 -20.19 67.68
N GLU G 125 65.73 -21.49 67.98
CA GLU G 125 66.28 -21.96 69.25
C GLU G 125 67.79 -22.21 69.23
N PRO G 126 68.48 -21.76 70.29
CA PRO G 126 69.94 -21.88 70.48
C PRO G 126 70.51 -23.20 69.98
N SER G 127 71.82 -23.21 69.77
CA SER G 127 72.52 -24.41 69.31
C SER G 127 72.89 -25.36 70.45
N LYS G 128 72.75 -26.65 70.18
CA LYS G 128 73.08 -27.66 71.17
C LYS G 128 74.58 -27.59 71.45
N ALA G 129 75.38 -27.56 70.38
CA ALA G 129 76.83 -27.49 70.50
C ALA G 129 77.23 -26.26 71.30
N GLU G 130 76.67 -25.11 70.92
CA GLU G 130 76.93 -23.82 71.58
C GLU G 130 76.75 -23.94 73.09
N ILE G 131 75.74 -24.70 73.49
CA ILE G 131 75.44 -24.90 74.91
C ILE G 131 76.58 -25.65 75.60
N ALA G 132 77.03 -26.73 74.95
CA ALA G 132 78.12 -27.54 75.50
C ALA G 132 79.45 -26.80 75.40
N ASN G 133 79.59 -25.97 74.38
CA ASN G 133 80.81 -25.21 74.17
C ASN G 133 80.97 -24.04 75.17
N LYS G 134 80.12 -23.03 75.03
CA LYS G 134 80.17 -21.84 75.89
C LYS G 134 79.39 -21.94 77.20
N GLN G 135 78.30 -22.71 77.18
CA GLN G 135 77.44 -22.90 78.36
C GLN G 135 76.36 -21.83 78.51
N LYS G 136 76.04 -21.16 77.40
CA LYS G 136 75.02 -20.10 77.37
C LYS G 136 74.21 -20.24 76.08
N ALA G 137 72.94 -19.83 76.11
CA ALA G 137 72.10 -19.94 74.92
C ALA G 137 71.75 -18.57 74.31
N THR G 138 71.63 -18.53 72.98
CA THR G 138 71.32 -17.30 72.26
C THR G 138 70.08 -17.37 71.35
N LEU G 139 68.94 -16.93 71.87
CA LEU G 139 67.68 -16.93 71.12
C LEU G 139 67.79 -15.87 70.03
N VAL G 140 68.08 -16.29 68.81
CA VAL G 140 68.21 -15.33 67.72
C VAL G 140 66.88 -15.10 66.99
N CYS G 141 66.29 -13.91 67.15
CA CYS G 141 65.02 -13.65 66.45
C CYS G 141 65.16 -12.82 65.20
N LEU G 142 64.44 -13.26 64.16
CA LEU G 142 64.44 -12.57 62.87
C LEU G 142 63.05 -12.13 62.39
N ALA G 143 62.84 -10.83 62.27
CA ALA G 143 61.56 -10.28 61.79
C ALA G 143 61.65 -10.03 60.28
N ARG G 144 60.64 -10.46 59.54
CA ARG G 144 60.64 -10.29 58.10
C ARG G 144 59.33 -9.72 57.54
N GLY G 145 59.25 -9.63 56.21
CA GLY G 145 58.07 -9.12 55.53
C GLY G 145 57.23 -8.01 56.14
N PHE G 146 57.72 -6.78 56.04
CA PHE G 146 57.01 -5.60 56.55
C PHE G 146 57.69 -4.39 55.93
N PHE G 147 56.90 -3.40 55.49
CA PHE G 147 57.52 -2.23 54.86
C PHE G 147 57.68 -1.05 55.81
N PRO G 148 56.59 -0.65 56.49
CA PRO G 148 56.75 0.48 57.41
C PRO G 148 57.79 0.08 58.44
N ASP G 149 59.05 0.43 58.19
CA ASP G 149 60.12 0.08 59.09
C ASP G 149 59.93 0.66 60.50
N HIS G 150 58.68 0.95 60.85
CA HIS G 150 58.34 1.50 62.17
C HIS G 150 58.00 0.37 63.14
N VAL G 151 59.04 -0.37 63.55
CA VAL G 151 58.88 -1.49 64.46
C VAL G 151 59.75 -1.37 65.72
N GLU G 152 59.33 -2.04 66.79
CA GLU G 152 60.06 -2.02 68.06
C GLU G 152 60.10 -3.41 68.70
N LEU G 153 61.28 -4.03 68.71
CA LEU G 153 61.48 -5.37 69.25
C LEU G 153 61.92 -5.40 70.72
N SER G 154 61.53 -6.48 71.42
CA SER G 154 61.86 -6.64 72.84
C SER G 154 61.77 -8.09 73.37
N TRP G 155 62.61 -8.40 74.37
CA TRP G 155 62.67 -9.72 75.00
C TRP G 155 62.04 -9.84 76.39
N TRP G 156 61.07 -10.74 76.51
CA TRP G 156 60.38 -10.94 77.77
C TRP G 156 60.56 -12.37 78.24
N VAL G 157 60.72 -12.54 79.55
CA VAL G 157 60.87 -13.87 80.13
C VAL G 157 59.87 -14.05 81.27
N ASN G 158 58.96 -15.00 81.11
CA ASN G 158 57.93 -15.28 82.11
C ASN G 158 56.98 -14.09 82.28
N GLY G 159 56.87 -13.26 81.23
CA GLY G 159 55.98 -12.12 81.28
C GLY G 159 56.68 -10.79 81.58
N LYS G 160 57.98 -10.84 81.83
CA LYS G 160 58.74 -9.63 82.13
C LYS G 160 59.73 -9.36 81.01
N GLU G 161 60.26 -8.16 80.96
CA GLU G 161 61.21 -7.80 79.93
C GLU G 161 62.66 -8.05 80.34
N VAL G 162 63.53 -8.16 79.35
CA VAL G 162 64.95 -8.42 79.61
C VAL G 162 65.86 -7.50 78.77
N HIS G 163 66.52 -6.55 79.42
CA HIS G 163 67.43 -5.63 78.73
C HIS G 163 68.78 -6.33 78.64
N SER G 164 69.25 -6.85 79.77
CA SER G 164 70.52 -7.55 79.84
C SER G 164 70.61 -8.64 78.79
N GLY G 165 71.72 -8.63 78.04
CA GLY G 165 71.92 -9.65 77.02
C GLY G 165 71.05 -9.54 75.78
N VAL G 166 70.99 -8.36 75.19
CA VAL G 166 70.21 -8.15 73.98
C VAL G 166 71.00 -7.27 73.02
N SER G 167 71.07 -7.67 71.76
CA SER G 167 71.80 -6.89 70.76
C SER G 167 70.89 -6.56 69.59
N THR G 168 69.69 -6.07 69.91
CA THR G 168 68.71 -5.70 68.90
C THR G 168 69.31 -4.73 67.89
N ASP G 169 69.32 -5.12 66.62
CA ASP G 169 69.86 -4.29 65.56
C ASP G 169 69.40 -2.85 65.75
N PRO G 170 70.16 -1.89 65.19
CA PRO G 170 69.84 -0.47 65.29
C PRO G 170 68.52 -0.16 64.58
N GLN G 171 68.53 -0.27 63.26
CA GLN G 171 67.34 -0.05 62.42
C GLN G 171 67.03 -1.35 61.68
N ALA G 172 66.38 -1.24 60.52
CA ALA G 172 66.03 -2.43 59.73
C ALA G 172 66.75 -2.50 58.39
N TYR G 173 67.29 -3.69 58.06
CA TYR G 173 68.00 -3.89 56.80
C TYR G 173 67.00 -4.27 55.72
N LYS G 174 67.04 -3.57 54.59
CA LYS G 174 66.11 -3.86 53.51
C LYS G 174 66.34 -5.24 52.92
N GLU G 175 65.49 -6.18 53.32
CA GLU G 175 65.56 -7.55 52.83
C GLU G 175 65.37 -7.44 51.32
N SER G 176 64.23 -6.87 50.94
CA SER G 176 63.89 -6.68 49.54
C SER G 176 63.43 -5.23 49.34
N ASN G 177 63.04 -4.91 48.11
CA ASN G 177 62.62 -3.56 47.73
C ASN G 177 61.48 -2.96 48.57
N TYR G 178 60.52 -3.78 49.00
CA TYR G 178 59.38 -3.27 49.78
C TYR G 178 59.13 -3.95 51.13
N SER G 179 60.18 -4.40 51.80
CA SER G 179 60.03 -5.04 53.11
C SER G 179 61.41 -5.17 53.75
N TYR G 180 61.46 -5.07 55.07
CA TYR G 180 62.71 -5.16 55.80
C TYR G 180 62.88 -6.46 56.60
N CYS G 181 63.84 -6.43 57.52
CA CYS G 181 64.14 -7.56 58.38
C CYS G 181 64.99 -7.08 59.57
N LEU G 182 64.55 -7.45 60.77
CA LEU G 182 65.20 -7.08 62.03
C LEU G 182 65.67 -8.34 62.77
N SER G 183 66.95 -8.39 63.19
CA SER G 183 67.47 -9.58 63.88
C SER G 183 68.10 -9.34 65.26
N SER G 184 67.29 -9.46 66.31
CA SER G 184 67.77 -9.26 67.68
C SER G 184 68.14 -10.60 68.35
N ARG G 185 68.68 -10.53 69.56
CA ARG G 185 69.05 -11.75 70.27
C ARG G 185 68.99 -11.63 71.79
N LEU G 186 69.22 -12.76 72.45
CA LEU G 186 69.21 -12.86 73.90
C LEU G 186 70.11 -14.04 74.23
N ARG G 187 70.87 -13.96 75.32
CA ARG G 187 71.78 -15.05 75.67
C ARG G 187 71.76 -15.36 77.15
N VAL G 188 71.01 -16.39 77.52
CA VAL G 188 70.93 -16.79 78.93
C VAL G 188 71.84 -17.99 79.21
N SER G 189 72.31 -18.08 80.46
CA SER G 189 73.21 -19.15 80.86
C SER G 189 72.59 -20.53 80.59
N ALA G 190 73.44 -21.55 80.54
CA ALA G 190 72.98 -22.92 80.29
C ALA G 190 71.98 -23.28 81.38
N THR G 191 72.22 -22.76 82.58
CA THR G 191 71.35 -22.97 83.74
C THR G 191 69.93 -22.53 83.38
N PHE G 192 69.82 -21.28 82.97
CA PHE G 192 68.56 -20.65 82.59
C PHE G 192 67.65 -21.57 81.76
N TRP G 193 68.03 -21.79 80.51
CA TRP G 193 67.28 -22.60 79.55
C TRP G 193 66.81 -24.01 79.93
N HIS G 194 67.67 -24.80 80.57
CA HIS G 194 67.35 -26.18 80.96
C HIS G 194 66.15 -26.39 81.88
N ASN G 195 65.56 -25.31 82.38
CA ASN G 195 64.39 -25.41 83.26
C ASN G 195 63.10 -25.06 82.53
N PRO G 196 62.34 -26.08 82.08
CA PRO G 196 61.07 -25.95 81.34
C PRO G 196 59.96 -25.14 82.00
N ARG G 197 60.34 -24.37 83.01
CA ARG G 197 59.40 -23.51 83.74
C ARG G 197 59.65 -22.08 83.27
N ASN G 198 60.63 -21.91 82.40
CA ASN G 198 60.99 -20.60 81.86
C ASN G 198 60.05 -20.19 80.73
N HIS G 199 59.98 -18.89 80.46
CA HIS G 199 59.12 -18.37 79.41
C HIS G 199 59.81 -17.21 78.67
N PHE G 200 60.07 -17.39 77.38
CA PHE G 200 60.70 -16.36 76.56
C PHE G 200 59.72 -15.89 75.49
N ARG G 201 59.82 -14.63 75.10
CA ARG G 201 58.90 -14.12 74.10
C ARG G 201 59.42 -12.96 73.28
N CYS G 202 59.81 -13.23 72.05
CA CYS G 202 60.29 -12.12 71.25
C CYS G 202 59.16 -11.52 70.47
N GLN G 203 58.72 -10.36 70.95
CA GLN G 203 57.64 -9.66 70.29
C GLN G 203 58.08 -8.38 69.60
N VAL G 204 57.35 -8.02 68.55
CA VAL G 204 57.63 -6.82 67.76
C VAL G 204 56.42 -5.89 67.88
N GLN G 205 56.65 -4.59 67.77
CA GLN G 205 55.57 -3.61 67.83
C GLN G 205 55.48 -2.87 66.51
N PHE G 206 54.69 -3.40 65.59
CA PHE G 206 54.53 -2.84 64.26
C PHE G 206 53.47 -1.75 64.21
N HIS G 207 53.84 -0.56 63.74
CA HIS G 207 52.89 0.55 63.62
C HIS G 207 52.32 0.56 62.20
N GLY G 208 51.22 -0.17 62.02
CA GLY G 208 50.60 -0.23 60.71
C GLY G 208 49.72 0.98 60.36
N LEU G 209 48.56 0.71 59.76
CA LEU G 209 47.63 1.77 59.37
C LEU G 209 46.63 2.17 60.46
N SER G 210 46.21 3.43 60.41
CA SER G 210 45.26 3.97 61.38
C SER G 210 43.93 3.24 61.27
N GLU G 211 43.15 3.28 62.35
CA GLU G 211 41.84 2.65 62.36
C GLU G 211 40.96 3.57 61.52
N GLU G 212 41.11 4.88 61.75
CA GLU G 212 40.38 5.88 60.99
C GLU G 212 41.18 6.07 59.71
N ASP G 213 41.13 5.06 58.86
CA ASP G 213 41.83 5.03 57.58
C ASP G 213 41.16 3.88 56.84
N LYS G 214 40.95 4.00 55.54
CA LYS G 214 40.29 2.92 54.81
C LYS G 214 41.23 1.86 54.24
N TRP G 215 40.85 0.59 54.42
CA TRP G 215 41.61 -0.53 53.90
C TRP G 215 40.73 -1.35 52.97
N PRO G 216 40.93 -1.18 51.66
CA PRO G 216 40.19 -1.85 50.57
C PRO G 216 40.27 -3.38 50.57
N GLU G 217 39.32 -4.01 49.88
CA GLU G 217 39.26 -5.47 49.75
C GLU G 217 38.84 -6.21 51.03
N GLY G 218 39.03 -7.53 51.04
CA GLY G 218 38.65 -8.33 52.19
C GLY G 218 39.79 -8.90 53.02
N SER G 219 41.04 -8.67 52.61
CA SER G 219 42.21 -9.17 53.33
C SER G 219 42.53 -8.31 54.56
N PRO G 220 43.18 -8.92 55.58
CA PRO G 220 43.53 -8.22 56.82
C PRO G 220 44.19 -6.85 56.67
N LYS G 221 43.65 -5.88 57.40
CA LYS G 221 44.18 -4.53 57.35
C LYS G 221 45.35 -4.41 58.31
N PRO G 222 46.57 -4.16 57.80
CA PRO G 222 47.77 -4.02 58.64
C PRO G 222 47.69 -2.83 59.60
N VAL G 223 47.15 -3.06 60.80
CA VAL G 223 47.02 -2.00 61.81
C VAL G 223 48.10 -2.13 62.89
N THR G 224 48.01 -1.30 63.93
CA THR G 224 48.97 -1.34 65.03
C THR G 224 48.80 -2.62 65.83
N GLN G 225 49.62 -3.62 65.54
CA GLN G 225 49.56 -4.93 66.20
C GLN G 225 50.92 -5.42 66.65
N ASN G 226 50.93 -6.17 67.74
CA ASN G 226 52.16 -6.75 68.29
C ASN G 226 52.23 -8.23 67.93
N ILE G 227 53.11 -8.59 67.00
CA ILE G 227 53.28 -9.97 66.59
C ILE G 227 54.39 -10.63 67.38
N SER G 228 54.11 -11.80 67.94
CA SER G 228 55.10 -12.51 68.75
C SER G 228 55.38 -13.93 68.28
N ALA G 229 56.41 -14.51 68.89
CA ALA G 229 56.83 -15.87 68.61
C ALA G 229 57.60 -16.36 69.82
N GLU G 230 56.86 -16.73 70.86
CA GLU G 230 57.45 -17.22 72.10
C GLU G 230 58.38 -18.41 71.87
N ALA G 231 58.84 -19.00 72.97
CA ALA G 231 59.73 -20.16 72.92
C ALA G 231 59.67 -20.82 74.28
N TRP G 232 60.52 -21.84 74.50
CA TRP G 232 60.57 -22.55 75.77
C TRP G 232 61.80 -23.43 75.88
N GLY G 233 62.32 -23.55 77.10
CA GLY G 233 63.50 -24.35 77.32
C GLY G 233 63.18 -25.79 77.66
N ARG G 234 63.95 -26.70 77.07
CA ARG G 234 63.80 -28.13 77.31
C ARG G 234 65.07 -28.65 77.99
N ALA G 235 64.90 -29.57 78.95
CA ALA G 235 66.03 -30.15 79.66
C ALA G 235 66.92 -30.94 78.70
N ASP G 236 68.22 -30.89 78.92
CA ASP G 236 69.15 -31.62 78.07
C ASP G 236 68.94 -33.11 78.29
N CYS G 237 69.33 -33.91 77.32
CA CYS G 237 69.16 -35.36 77.40
C CYS G 237 67.67 -35.67 77.48
N GLY H 1 90.54 55.38 82.07
CA GLY H 1 89.39 55.66 82.98
C GLY H 1 88.24 54.73 82.66
N PRO H 2 87.32 54.51 83.60
CA PRO H 2 86.18 53.62 83.36
C PRO H 2 85.39 53.94 82.10
N HIS H 3 84.91 52.91 81.43
CA HIS H 3 84.09 53.09 80.23
C HIS H 3 82.95 52.11 80.37
N SER H 4 82.10 52.06 79.35
CA SER H 4 80.98 51.16 79.41
C SER H 4 80.26 51.07 78.09
N LEU H 5 79.53 49.98 77.92
CA LEU H 5 78.73 49.77 76.73
C LEU H 5 77.32 49.44 77.18
N ARG H 6 76.38 50.33 76.86
CA ARG H 6 74.98 50.10 77.21
C ARG H 6 74.19 49.97 75.92
N TYR H 7 72.99 49.45 76.03
CA TYR H 7 72.11 49.29 74.88
C TYR H 7 70.71 49.68 75.28
N PHE H 8 70.20 50.72 74.64
CA PHE H 8 68.84 51.09 74.97
C PHE H 8 67.88 50.51 73.97
N VAL H 9 67.14 49.49 74.42
CA VAL H 9 66.16 48.81 73.60
C VAL H 9 64.80 49.44 73.92
N THR H 10 63.87 49.37 72.98
CA THR H 10 62.54 49.92 73.20
C THR H 10 61.57 49.47 72.13
N ALA H 11 60.36 49.16 72.59
CA ALA H 11 59.29 48.69 71.73
C ALA H 11 57.96 49.19 72.28
N VAL H 12 57.21 49.90 71.44
CA VAL H 12 55.94 50.43 71.86
C VAL H 12 54.82 49.86 70.98
N SER H 13 53.79 49.32 71.63
CA SER H 13 52.68 48.73 70.87
C SER H 13 51.90 49.78 70.11
N ARG H 14 51.38 49.39 68.95
CA ARG H 14 50.62 50.27 68.10
C ARG H 14 49.25 49.69 67.78
N PRO H 15 48.40 49.52 68.81
CA PRO H 15 47.06 48.96 68.63
C PRO H 15 46.25 49.76 67.62
N GLY H 16 46.20 49.24 66.39
CA GLY H 16 45.49 49.92 65.31
C GLY H 16 46.48 50.40 64.27
N LEU H 17 47.56 51.04 64.73
CA LEU H 17 48.59 51.56 63.83
C LEU H 17 49.74 50.58 63.54
N GLY H 18 49.41 49.37 63.10
CA GLY H 18 50.43 48.38 62.76
C GLY H 18 51.42 47.86 63.81
N GLU H 19 52.31 46.99 63.36
CA GLU H 19 53.34 46.38 64.21
C GLU H 19 54.17 47.39 65.00
N PRO H 20 53.99 47.40 66.33
CA PRO H 20 54.70 48.29 67.26
C PRO H 20 56.17 48.59 66.90
N ARG H 21 56.63 49.79 67.26
CA ARG H 21 57.99 50.24 66.97
C ARG H 21 58.99 49.63 67.94
N TYR H 22 60.10 49.13 67.41
CA TYR H 22 61.13 48.53 68.25
C TYR H 22 62.44 49.16 67.84
N MET H 23 63.25 49.55 68.81
CA MET H 23 64.55 50.16 68.49
C MET H 23 65.67 49.65 69.36
N GLU H 24 66.86 49.65 68.78
CA GLU H 24 68.06 49.22 69.48
C GLU H 24 69.09 50.30 69.30
N VAL H 25 69.47 50.94 70.40
CA VAL H 25 70.48 52.00 70.34
C VAL H 25 71.59 51.74 71.35
N GLY H 26 72.81 51.62 70.86
CA GLY H 26 73.91 51.35 71.75
C GLY H 26 74.63 52.63 72.12
N TYR H 27 75.41 52.57 73.18
CA TYR H 27 76.16 53.73 73.61
C TYR H 27 77.48 53.37 74.29
N VAL H 28 78.52 54.08 73.90
CA VAL H 28 79.84 53.92 74.50
C VAL H 28 80.07 55.25 75.23
N ASP H 29 80.13 55.22 76.55
CA ASP H 29 80.31 56.45 77.31
C ASP H 29 79.14 57.34 76.93
N ASP H 30 77.93 56.81 77.03
CA ASP H 30 76.75 57.61 76.70
C ASP H 30 76.88 58.31 75.34
N THR H 31 77.65 57.73 74.45
CA THR H 31 77.85 58.28 73.12
C THR H 31 77.16 57.39 72.10
N GLU H 32 75.93 57.69 71.68
CA GLU H 32 75.29 56.83 70.68
C GLU H 32 76.30 56.60 69.54
N PHE H 33 76.39 55.36 69.07
CA PHE H 33 77.31 55.04 68.02
C PHE H 33 76.67 54.12 66.98
N VAL H 34 75.56 53.52 67.34
CA VAL H 34 74.90 52.59 66.45
C VAL H 34 73.44 52.40 66.83
N ARG H 35 72.58 52.26 65.82
CA ARG H 35 71.19 52.00 66.12
C ARG H 35 70.44 51.30 65.00
N PHE H 36 69.28 50.78 65.37
CA PHE H 36 68.38 50.08 64.47
C PHE H 36 67.00 50.61 64.78
N ASP H 37 66.17 50.79 63.75
CA ASP H 37 64.82 51.32 63.93
C ASP H 37 63.81 50.55 63.06
N SER H 38 62.87 49.88 63.70
CA SER H 38 61.87 49.11 62.98
C SER H 38 61.12 49.92 61.93
N ASP H 39 61.03 51.23 62.14
CA ASP H 39 60.28 52.10 61.23
C ASP H 39 61.07 52.98 60.27
N ALA H 40 62.28 52.56 59.90
CA ALA H 40 63.09 53.36 58.98
C ALA H 40 62.87 52.92 57.53
N GLU H 41 63.68 53.44 56.61
CA GLU H 41 63.57 53.11 55.21
C GLU H 41 63.43 51.60 55.08
N ASN H 42 64.47 50.89 55.51
CA ASN H 42 64.53 49.43 55.52
C ASN H 42 65.27 49.11 56.80
N PRO H 43 64.53 48.90 57.90
CA PRO H 43 65.10 48.58 59.21
C PRO H 43 66.40 47.79 59.11
N ARG H 44 67.45 48.34 59.74
CA ARG H 44 68.76 47.73 59.73
C ARG H 44 69.62 48.45 60.76
N TYR H 45 70.57 47.74 61.35
CA TYR H 45 71.48 48.36 62.30
C TYR H 45 72.36 49.28 61.44
N GLU H 46 72.45 50.56 61.82
CA GLU H 46 73.27 51.51 61.05
C GLU H 46 74.23 52.29 61.96
N PRO H 47 75.42 52.64 61.42
CA PRO H 47 76.43 53.38 62.16
C PRO H 47 76.03 54.82 62.45
N ARG H 48 75.99 55.16 63.72
CA ARG H 48 75.68 56.51 64.11
C ARG H 48 77.03 57.20 64.13
N ALA H 49 77.84 56.87 65.12
CA ALA H 49 79.18 57.43 65.25
C ALA H 49 79.97 57.12 63.97
N ARG H 50 80.75 58.08 63.51
CA ARG H 50 81.53 57.92 62.29
C ARG H 50 82.58 56.79 62.34
N TRP H 51 83.25 56.61 63.47
CA TRP H 51 84.29 55.58 63.54
C TRP H 51 83.80 54.14 63.35
N MET H 52 82.48 53.95 63.29
CA MET H 52 81.91 52.62 63.11
C MET H 52 82.11 52.14 61.67
N GLU H 53 82.42 53.10 60.80
CA GLU H 53 82.70 52.85 59.38
C GLU H 53 83.78 51.77 59.26
N GLN H 54 84.55 51.59 60.34
CA GLN H 54 85.62 50.60 60.35
C GLN H 54 85.15 49.14 60.51
N GLU H 55 83.84 48.94 60.65
CA GLU H 55 83.28 47.60 60.76
C GLU H 55 82.78 47.23 59.36
N GLY H 56 82.93 45.96 58.99
CA GLY H 56 82.50 45.54 57.67
C GLY H 56 81.05 45.13 57.59
N PRO H 57 80.62 44.73 56.37
CA PRO H 57 79.25 44.30 56.06
C PRO H 57 78.71 43.18 56.95
N GLU H 58 79.54 42.17 57.18
CA GLU H 58 79.12 41.05 58.01
C GLU H 58 78.54 41.62 59.28
N TYR H 59 79.32 42.50 59.91
CA TYR H 59 78.93 43.16 61.17
C TYR H 59 77.47 43.56 61.12
N TRP H 60 77.16 44.48 60.22
CA TRP H 60 75.82 44.99 60.08
C TRP H 60 74.76 43.90 59.90
N GLU H 61 74.82 43.19 58.78
CA GLU H 61 73.85 42.12 58.55
C GLU H 61 73.63 41.33 59.83
N ARG H 62 74.74 41.00 60.48
CA ARG H 62 74.70 40.24 61.71
C ARG H 62 73.80 40.88 62.76
N GLU H 63 74.21 42.04 63.25
CA GLU H 63 73.44 42.73 64.28
C GLU H 63 72.04 42.98 63.78
N THR H 64 71.99 43.29 62.51
CA THR H 64 70.74 43.58 61.83
C THR H 64 69.74 42.44 62.02
N GLN H 65 70.19 41.21 61.76
CA GLN H 65 69.30 40.06 61.91
C GLN H 65 69.01 39.90 63.39
N LYS H 66 70.07 40.01 64.18
CA LYS H 66 69.94 39.91 65.62
C LYS H 66 68.78 40.82 65.96
N ALA H 67 68.86 42.06 65.51
CA ALA H 67 67.80 43.01 65.76
C ALA H 67 66.48 42.35 65.40
N LYS H 68 66.31 42.01 64.13
CA LYS H 68 65.09 41.38 63.63
C LYS H 68 64.56 40.31 64.58
N GLY H 69 65.49 39.53 65.14
CA GLY H 69 65.08 38.53 66.08
C GLY H 69 64.52 39.19 67.33
N ASN H 70 65.39 39.95 68.01
CA ASN H 70 65.02 40.64 69.23
C ASN H 70 63.70 41.38 69.03
N GLU H 71 63.51 41.92 67.83
CA GLU H 71 62.27 42.63 67.55
C GLU H 71 61.09 41.72 67.88
N GLN H 72 60.90 40.70 67.04
CA GLN H 72 59.81 39.77 67.24
C GLN H 72 59.72 39.43 68.72
N SER H 73 60.88 39.10 69.28
CA SER H 73 60.99 38.72 70.69
C SER H 73 60.11 39.56 71.61
N PHE H 74 60.37 40.87 71.64
CA PHE H 74 59.61 41.76 72.50
C PHE H 74 58.16 41.89 72.00
N ARG H 75 58.00 41.88 70.68
CA ARG H 75 56.65 41.99 70.13
C ARG H 75 55.73 41.12 70.97
N VAL H 76 56.11 39.87 71.20
CA VAL H 76 55.28 38.99 72.00
C VAL H 76 55.28 39.45 73.46
N ASP H 77 56.44 39.86 73.95
CA ASP H 77 56.57 40.29 75.34
C ASP H 77 55.41 41.19 75.67
N LEU H 78 55.09 42.05 74.72
CA LEU H 78 53.98 42.98 74.84
C LEU H 78 52.75 42.19 75.26
N ARG H 79 52.33 41.25 74.42
CA ARG H 79 51.17 40.43 74.76
C ARG H 79 51.34 39.99 76.21
N THR H 80 52.34 39.14 76.44
CA THR H 80 52.67 38.59 77.76
C THR H 80 52.28 39.51 78.91
N LEU H 81 52.86 40.71 78.91
CA LEU H 81 52.58 41.70 79.93
C LEU H 81 51.08 41.84 80.05
N LEU H 82 50.47 42.26 78.93
CA LEU H 82 49.04 42.43 78.87
C LEU H 82 48.36 41.29 79.63
N GLY H 83 48.94 40.10 79.55
CA GLY H 83 48.39 38.96 80.25
C GLY H 83 48.58 39.01 81.76
N TYR H 84 49.82 39.20 82.21
CA TYR H 84 50.11 39.24 83.64
C TYR H 84 49.32 40.38 84.22
N TYR H 85 49.17 41.42 83.41
CA TYR H 85 48.47 42.64 83.79
C TYR H 85 46.99 42.71 83.44
N ASN H 86 46.47 41.68 82.78
CA ASN H 86 45.07 41.66 82.37
C ASN H 86 44.68 43.03 81.83
N GLN H 87 45.30 43.42 80.72
CA GLN H 87 45.03 44.70 80.09
C GLN H 87 44.16 44.54 78.85
N SER H 88 43.51 45.63 78.44
CA SER H 88 42.67 45.62 77.25
C SER H 88 43.54 45.99 76.06
N LYS H 89 43.74 45.04 75.15
CA LYS H 89 44.57 45.30 73.98
C LYS H 89 44.52 46.76 73.52
N GLY H 90 43.30 47.24 73.23
CA GLY H 90 43.09 48.61 72.78
C GLY H 90 44.21 49.63 72.92
N GLY H 91 44.45 50.13 74.12
CA GLY H 91 45.50 51.11 74.34
C GLY H 91 46.91 50.62 74.01
N SER H 92 47.87 51.54 73.96
CA SER H 92 49.27 51.20 73.65
C SER H 92 50.21 51.21 74.86
N HIS H 93 51.21 50.34 74.83
CA HIS H 93 52.17 50.29 75.93
C HIS H 93 53.62 50.29 75.48
N THR H 94 54.53 50.35 76.44
CA THR H 94 55.94 50.44 76.10
C THR H 94 56.91 49.64 76.95
N ILE H 95 57.96 49.16 76.30
CA ILE H 95 59.00 48.40 76.98
C ILE H 95 60.35 48.97 76.59
N GLN H 96 61.20 49.12 77.59
CA GLN H 96 62.54 49.64 77.41
C GLN H 96 63.48 48.81 78.27
N VAL H 97 64.72 48.65 77.82
CA VAL H 97 65.67 47.88 78.59
C VAL H 97 67.09 48.43 78.56
N ILE H 98 67.73 48.28 79.70
CA ILE H 98 69.09 48.73 79.94
C ILE H 98 70.00 47.53 80.00
N SER H 99 70.84 47.40 78.99
CA SER H 99 71.79 46.32 78.93
C SER H 99 73.12 47.04 78.88
N GLY H 100 74.09 46.57 79.65
CA GLY H 100 75.38 47.23 79.66
C GLY H 100 76.32 46.64 80.69
N CYS H 101 77.58 47.06 80.61
CA CYS H 101 78.61 46.59 81.53
C CYS H 101 79.62 47.73 81.73
N GLU H 102 80.23 47.77 82.91
CA GLU H 102 81.22 48.80 83.18
C GLU H 102 82.56 48.17 83.57
N VAL H 103 83.62 48.62 82.89
CA VAL H 103 84.96 48.12 83.14
C VAL H 103 85.91 49.23 83.62
N GLY H 104 86.97 48.87 84.33
CA GLY H 104 87.90 49.88 84.80
C GLY H 104 89.10 49.98 83.88
N SER H 105 90.07 50.81 84.28
CA SER H 105 91.30 51.03 83.52
C SER H 105 92.16 49.75 83.48
N ASP H 106 91.83 48.82 84.38
CA ASP H 106 92.55 47.55 84.47
C ASP H 106 91.98 46.54 83.48
N GLY H 107 90.67 46.60 83.27
CA GLY H 107 90.03 45.68 82.38
C GLY H 107 89.06 44.86 83.21
N ARG H 108 89.10 45.11 84.51
CA ARG H 108 88.24 44.41 85.44
C ARG H 108 86.80 44.84 85.17
N LEU H 109 85.82 44.17 85.78
CA LEU H 109 84.42 44.51 85.56
C LEU H 109 83.75 45.25 86.71
N LEU H 110 83.57 46.55 86.56
CA LEU H 110 82.94 47.35 87.59
C LEU H 110 81.52 46.89 87.90
N ARG H 111 80.58 47.11 86.97
CA ARG H 111 79.20 46.70 87.21
C ARG H 111 78.48 46.16 85.98
N GLY H 112 77.47 45.32 86.20
CA GLY H 112 76.71 44.77 85.11
C GLY H 112 75.22 44.97 85.35
N TYR H 113 74.52 45.53 84.36
CA TYR H 113 73.10 45.80 84.48
C TYR H 113 72.18 45.28 83.39
N GLN H 114 70.94 45.03 83.77
CA GLN H 114 69.88 44.55 82.88
C GLN H 114 68.60 45.12 83.49
N GLN H 115 68.06 46.17 82.89
CA GLN H 115 66.86 46.81 83.44
C GLN H 115 65.60 46.82 82.55
N TYR H 116 64.55 46.16 83.03
CA TYR H 116 63.30 46.05 82.28
C TYR H 116 62.22 47.03 82.73
N ALA H 117 61.88 47.97 81.84
CA ALA H 117 60.88 49.00 82.12
C ALA H 117 59.66 48.94 81.20
N TYR H 118 58.49 48.78 81.83
CA TYR H 118 57.25 48.74 81.11
C TYR H 118 56.53 50.07 81.32
N ASP H 119 55.94 50.61 80.25
CA ASP H 119 55.23 51.90 80.32
C ASP H 119 55.86 52.87 81.32
N GLY H 120 57.12 53.21 81.04
CA GLY H 120 57.87 54.11 81.91
C GLY H 120 57.84 53.63 83.36
N CYS H 121 58.17 52.37 83.58
CA CYS H 121 58.19 51.84 84.95
C CYS H 121 59.02 50.58 85.11
N ASP H 122 59.80 50.56 86.19
CA ASP H 122 60.65 49.43 86.53
C ASP H 122 59.86 48.15 86.68
N TYR H 123 60.09 47.23 85.76
CA TYR H 123 59.40 45.96 85.77
C TYR H 123 60.24 44.87 86.46
N ILE H 124 61.46 44.69 86.00
CA ILE H 124 62.34 43.68 86.60
C ILE H 124 63.81 44.03 86.31
N ALA H 125 64.71 43.63 87.18
CA ALA H 125 66.12 43.93 86.97
C ALA H 125 67.06 42.95 87.66
N LEU H 126 68.24 42.81 87.06
CA LEU H 126 69.29 41.93 87.54
C LEU H 126 70.07 42.62 88.67
N ASN H 127 70.24 41.92 89.79
CA ASN H 127 70.97 42.46 90.93
C ASN H 127 72.44 42.60 90.58
N GLU H 128 73.24 43.17 91.48
CA GLU H 128 74.65 43.32 91.18
C GLU H 128 75.37 41.98 91.26
N ASP H 129 74.77 41.03 91.98
CA ASP H 129 75.38 39.72 92.12
C ASP H 129 75.31 38.98 90.80
N LEU H 130 74.81 39.68 89.78
CA LEU H 130 74.68 39.12 88.43
C LEU H 130 74.24 37.67 88.48
N LYS H 131 73.26 37.38 89.33
CA LYS H 131 72.76 36.02 89.50
C LYS H 131 71.32 35.93 89.99
N THR H 132 70.85 36.96 90.69
CA THR H 132 69.47 36.95 91.20
C THR H 132 68.51 37.91 90.47
N TRP H 133 67.30 38.03 91.01
CA TRP H 133 66.30 38.89 90.41
C TRP H 133 65.55 39.79 91.38
N THR H 134 65.21 40.99 90.91
CA THR H 134 64.45 41.97 91.68
C THR H 134 63.20 42.24 90.85
N ALA H 135 62.03 41.94 91.39
CA ALA H 135 60.78 42.18 90.68
C ALA H 135 60.20 43.52 91.14
N ALA H 136 59.00 43.85 90.69
CA ALA H 136 58.40 45.11 91.07
C ALA H 136 56.97 44.94 91.59
N ASP H 137 56.28 43.96 91.00
CA ASP H 137 54.89 43.68 91.35
C ASP H 137 54.58 42.26 90.93
N MET H 138 53.35 41.83 91.18
CA MET H 138 52.91 40.50 90.82
C MET H 138 53.47 40.07 89.47
N ALA H 139 53.22 40.90 88.45
CA ALA H 139 53.68 40.61 87.09
C ALA H 139 55.12 40.14 87.03
N ALA H 140 56.04 40.97 87.51
CA ALA H 140 57.46 40.63 87.49
C ALA H 140 57.77 39.23 88.03
N LEU H 141 57.11 38.86 89.14
CA LEU H 141 57.30 37.56 89.78
C LEU H 141 57.11 36.46 88.78
N ILE H 142 55.92 36.38 88.19
CA ILE H 142 55.63 35.37 87.16
C ILE H 142 56.77 35.39 86.13
N THR H 143 57.28 36.60 85.88
CA THR H 143 58.38 36.77 84.94
C THR H 143 59.74 36.37 85.53
N LYS H 144 59.79 36.23 86.86
CA LYS H 144 61.03 35.85 87.52
C LYS H 144 61.15 34.33 87.54
N HIS H 145 60.20 33.70 88.24
CA HIS H 145 60.15 32.24 88.35
C HIS H 145 60.51 31.66 86.99
N LYS H 146 59.80 32.12 85.97
CA LYS H 146 59.99 31.71 84.59
C LYS H 146 61.38 32.09 84.11
N TRP H 147 61.73 33.36 84.27
CA TRP H 147 63.04 33.84 83.84
C TRP H 147 64.18 32.98 84.42
N GLU H 148 64.39 33.08 85.73
CA GLU H 148 65.45 32.32 86.39
C GLU H 148 65.54 30.86 85.88
N GLN H 149 64.45 30.12 86.06
CA GLN H 149 64.34 28.70 85.68
C GLN H 149 64.51 28.32 84.22
N ALA H 150 65.41 29.03 83.52
CA ALA H 150 65.69 28.78 82.11
C ALA H 150 67.20 28.98 82.01
N GLY H 151 67.79 29.21 83.18
CA GLY H 151 69.21 29.47 83.29
C GLY H 151 69.51 30.90 82.87
N GLU H 152 68.47 31.72 82.74
CA GLU H 152 68.59 33.11 82.29
C GLU H 152 69.75 33.89 82.90
N ALA H 153 69.79 33.99 84.22
CA ALA H 153 70.86 34.73 84.88
C ALA H 153 72.22 34.31 84.32
N GLU H 154 72.42 33.00 84.25
CA GLU H 154 73.66 32.44 83.75
C GLU H 154 74.07 33.02 82.41
N ARG H 155 73.33 32.67 81.35
CA ARG H 155 73.65 33.16 80.02
C ARG H 155 73.76 34.67 79.99
N LEU H 156 72.98 35.35 80.83
CA LEU H 156 73.04 36.80 80.88
C LEU H 156 74.46 37.14 81.33
N ARG H 157 74.80 36.72 82.55
CA ARG H 157 76.13 36.96 83.14
C ARG H 157 77.30 36.70 82.19
N ALA H 158 77.11 35.76 81.28
CA ALA H 158 78.14 35.42 80.30
C ALA H 158 78.39 36.68 79.49
N TYR H 159 77.34 37.11 78.81
CA TYR H 159 77.38 38.31 78.00
C TYR H 159 78.10 39.42 78.76
N LEU H 160 77.46 39.88 79.83
CA LEU H 160 77.99 40.93 80.70
C LEU H 160 79.46 40.69 81.07
N GLU H 161 79.70 39.61 81.82
CA GLU H 161 81.04 39.26 82.25
C GLU H 161 81.98 39.05 81.09
N GLY H 162 81.45 38.71 79.92
CA GLY H 162 82.33 38.42 78.81
C GLY H 162 82.15 39.02 77.43
N THR H 163 81.04 38.71 76.77
CA THR H 163 80.81 39.25 75.42
C THR H 163 80.86 40.78 75.51
N CYS H 164 79.94 41.32 76.28
CA CYS H 164 79.83 42.76 76.45
C CYS H 164 81.18 43.48 76.46
N VAL H 165 82.12 42.83 77.14
CA VAL H 165 83.45 43.38 77.32
C VAL H 165 84.42 43.15 76.17
N GLU H 166 84.23 42.07 75.42
CA GLU H 166 85.14 41.82 74.31
C GLU H 166 84.90 42.93 73.32
N TRP H 167 83.65 43.36 73.25
CA TRP H 167 83.27 44.42 72.34
C TRP H 167 83.61 45.80 72.84
N LEU H 168 83.08 46.14 74.01
CA LEU H 168 83.33 47.44 74.60
C LEU H 168 84.80 47.81 74.40
N ARG H 169 85.66 46.84 74.58
CA ARG H 169 87.08 47.06 74.42
C ARG H 169 87.37 47.29 72.95
N ARG H 170 86.77 46.46 72.11
CA ARG H 170 86.98 46.55 70.68
C ARG H 170 86.56 47.89 70.16
N TYR H 171 85.35 48.29 70.51
CA TYR H 171 84.83 49.56 70.06
C TYR H 171 85.87 50.64 70.37
N LEU H 172 86.16 50.78 71.66
CA LEU H 172 87.11 51.76 72.13
C LEU H 172 88.34 51.79 71.23
N LYS H 173 88.95 50.64 71.00
CA LYS H 173 90.14 50.58 70.15
C LYS H 173 89.96 51.26 68.79
N ASN H 174 88.72 51.36 68.33
CA ASN H 174 88.45 51.97 67.04
C ASN H 174 87.95 53.39 67.12
N GLY H 175 87.39 53.78 68.26
CA GLY H 175 86.87 55.13 68.40
C GLY H 175 87.39 55.93 69.58
N ASN H 176 88.69 55.84 69.87
CA ASN H 176 89.24 56.59 70.99
C ASN H 176 89.56 57.99 70.47
N ALA H 177 90.08 58.07 69.25
CA ALA H 177 90.41 59.37 68.67
C ALA H 177 89.22 60.31 68.88
N THR H 178 88.03 59.72 68.91
CA THR H 178 86.80 60.45 69.12
C THR H 178 86.55 60.35 70.61
N LEU H 179 85.56 59.54 70.98
CA LEU H 179 85.16 59.30 72.36
C LEU H 179 85.61 60.31 73.41
N LEU H 180 86.86 60.23 73.86
CA LEU H 180 87.31 61.20 74.84
C LEU H 180 88.17 62.33 74.30
N ARG H 181 87.58 63.10 73.38
CA ARG H 181 88.23 64.26 72.78
C ARG H 181 87.83 65.35 73.76
N THR H 182 88.40 66.54 73.62
CA THR H 182 88.08 67.63 74.54
C THR H 182 87.59 68.93 73.91
N ASP H 183 86.50 69.45 74.46
CA ASP H 183 85.94 70.71 74.00
C ASP H 183 85.74 71.63 75.19
N SER H 184 86.66 72.58 75.33
CA SER H 184 86.68 73.53 76.43
C SER H 184 85.57 74.56 76.44
N PRO H 185 84.92 74.73 77.60
CA PRO H 185 83.83 75.70 77.77
C PRO H 185 84.37 77.10 77.63
N LYS H 186 83.54 77.97 77.07
CA LYS H 186 83.89 79.37 76.92
C LYS H 186 82.87 80.10 77.79
N ALA H 187 83.34 80.75 78.86
CA ALA H 187 82.41 81.45 79.73
C ALA H 187 82.45 82.96 79.60
N HIS H 188 81.50 83.59 80.26
CA HIS H 188 81.35 85.03 80.31
C HIS H 188 80.09 85.29 81.15
N VAL H 189 79.99 86.46 81.75
CA VAL H 189 78.84 86.76 82.57
C VAL H 189 78.00 87.81 81.88
N THR H 190 76.76 87.95 82.30
CA THR H 190 75.87 88.94 81.74
C THR H 190 75.09 89.52 82.91
N HIS H 191 74.94 90.83 82.91
CA HIS H 191 74.24 91.53 83.96
C HIS H 191 72.84 91.90 83.46
N HIS H 192 71.83 91.65 84.28
CA HIS H 192 70.45 91.94 83.91
C HIS H 192 69.73 92.70 85.01
N SER H 193 69.11 93.81 84.65
CA SER H 193 68.40 94.64 85.61
C SER H 193 67.19 93.90 86.20
N ARG H 194 66.63 94.48 87.27
CA ARG H 194 65.50 93.87 87.97
C ARG H 194 65.01 94.89 88.98
N PRO H 195 63.71 94.87 89.32
CA PRO H 195 63.16 95.82 90.28
C PRO H 195 63.86 95.81 91.63
N GLU H 196 63.51 96.76 92.48
CA GLU H 196 64.06 96.88 93.82
C GLU H 196 65.56 97.13 93.83
N ASP H 197 66.08 97.68 92.74
CA ASP H 197 67.51 97.99 92.64
C ASP H 197 68.40 96.75 92.83
N LYS H 198 67.89 95.60 92.41
CA LYS H 198 68.60 94.34 92.49
C LYS H 198 69.07 93.99 91.09
N VAL H 199 69.65 92.81 90.93
CA VAL H 199 70.11 92.40 89.62
C VAL H 199 70.39 90.92 89.60
N THR H 200 70.32 90.34 88.39
CA THR H 200 70.64 88.94 88.19
C THR H 200 71.78 89.00 87.20
N LEU H 201 72.80 88.19 87.43
CA LEU H 201 73.93 88.07 86.54
C LEU H 201 73.90 86.57 86.38
N ARG H 202 73.97 86.09 85.14
CA ARG H 202 73.95 84.65 84.97
C ARG H 202 75.25 84.27 84.30
N CYS H 203 75.81 83.14 84.73
CA CYS H 203 77.08 82.73 84.14
C CYS H 203 76.89 81.68 83.07
N TRP H 204 77.53 81.96 81.94
CA TRP H 204 77.44 81.11 80.79
C TRP H 204 78.59 80.14 80.54
N ALA H 205 78.22 78.96 80.04
CA ALA H 205 79.16 77.93 79.70
C ALA H 205 78.75 77.48 78.33
N LEU H 206 79.54 77.82 77.32
CA LEU H 206 79.18 77.46 75.96
C LEU H 206 80.30 76.87 75.12
N GLY H 207 79.91 75.90 74.28
CA GLY H 207 80.83 75.22 73.38
C GLY H 207 81.65 74.11 74.02
N PHE H 208 81.07 73.33 74.92
CA PHE H 208 81.87 72.32 75.57
C PHE H 208 81.38 70.88 75.48
N TYR H 209 82.33 69.98 75.26
CA TYR H 209 82.11 68.53 75.16
C TYR H 209 83.26 67.95 76.00
N PRO H 210 82.98 66.97 76.87
CA PRO H 210 81.68 66.33 77.20
C PRO H 210 80.59 67.25 77.77
N ALA H 211 79.59 66.67 78.41
CA ALA H 211 78.48 67.44 78.95
C ALA H 211 78.42 67.57 80.48
N ASP H 212 78.94 66.58 81.21
CA ASP H 212 78.93 66.64 82.66
C ASP H 212 79.69 67.91 83.00
N ILE H 213 79.21 68.63 84.01
CA ILE H 213 79.85 69.89 84.37
C ILE H 213 79.10 70.63 85.48
N THR H 214 79.84 71.15 86.44
CA THR H 214 79.26 71.90 87.54
C THR H 214 79.72 73.35 87.45
N LEU H 215 78.81 74.26 87.78
CA LEU H 215 79.10 75.70 87.77
C LEU H 215 78.55 76.38 89.01
N THR H 216 79.30 77.32 89.57
CA THR H 216 78.82 78.00 90.76
C THR H 216 79.10 79.47 90.90
N TRP H 217 78.36 80.06 91.83
CA TRP H 217 78.47 81.48 92.16
C TRP H 217 78.97 81.49 93.59
N GLN H 218 79.85 82.42 93.93
CA GLN H 218 80.37 82.39 95.28
C GLN H 218 80.22 83.67 96.11
N LEU H 219 79.88 83.46 97.38
CA LEU H 219 79.71 84.52 98.37
C LEU H 219 81.09 85.03 98.73
N ASN H 220 81.89 85.41 97.72
CA ASN H 220 83.27 85.89 97.91
C ASN H 220 84.09 84.87 98.72
N GLY H 221 83.53 83.66 98.83
CA GLY H 221 84.17 82.60 99.56
C GLY H 221 83.22 81.44 99.82
N GLU H 222 82.01 81.74 100.29
CA GLU H 222 81.03 80.68 100.61
C GLU H 222 80.31 80.05 99.44
N GLU H 223 79.68 78.91 99.73
CA GLU H 223 78.95 78.11 98.74
C GLU H 223 77.64 78.76 98.31
N LEU H 224 77.73 79.84 97.54
CA LEU H 224 76.50 80.48 97.08
C LEU H 224 75.65 79.49 96.28
N ILE H 225 74.96 78.61 97.00
CA ILE H 225 74.10 77.63 96.34
C ILE H 225 72.62 77.71 96.75
N GLN H 226 72.30 77.54 98.03
CA GLN H 226 70.90 77.54 98.53
C GLN H 226 69.80 78.29 97.73
N ASP H 227 70.14 79.43 97.09
CA ASP H 227 69.18 80.23 96.30
C ASP H 227 69.63 80.67 94.90
N MET H 228 69.73 79.73 93.96
CA MET H 228 70.14 80.06 92.59
C MET H 228 69.18 79.61 91.49
N GLU H 229 69.67 79.65 90.25
CA GLU H 229 68.92 79.28 89.07
C GLU H 229 69.84 78.44 88.22
N LEU H 230 69.40 77.24 87.87
CA LEU H 230 70.21 76.34 87.05
C LEU H 230 69.38 75.77 85.92
N VAL H 231 70.04 75.45 84.82
CA VAL H 231 69.33 74.91 83.66
C VAL H 231 70.03 73.65 83.14
N GLU H 232 69.32 72.51 83.21
CA GLU H 232 69.81 71.22 82.75
C GLU H 232 70.71 71.58 81.58
N THR H 233 71.92 71.01 81.53
CA THR H 233 72.82 71.33 80.44
C THR H 233 72.02 71.13 79.18
N ARG H 234 72.46 71.71 78.10
CA ARG H 234 71.69 71.55 76.88
C ARG H 234 72.56 71.29 75.67
N PRO H 235 72.03 70.52 74.71
CA PRO H 235 72.72 70.16 73.47
C PRO H 235 72.69 71.36 72.53
N ALA H 236 73.85 71.83 72.11
CA ALA H 236 73.90 72.97 71.22
C ALA H 236 73.31 72.54 69.89
N GLY H 237 74.09 71.77 69.15
CA GLY H 237 73.69 71.30 67.85
C GLY H 237 74.88 70.75 67.08
N ASP H 238 76.08 71.19 67.41
CA ASP H 238 77.26 70.69 66.72
C ASP H 238 78.09 69.78 67.62
N GLY H 239 77.42 69.09 68.53
CA GLY H 239 78.10 68.16 69.40
C GLY H 239 78.55 68.75 70.72
N THR H 240 78.34 70.06 70.88
CA THR H 240 78.72 70.76 72.10
C THR H 240 77.50 71.01 72.99
N PHE H 241 77.71 71.54 74.18
CA PHE H 241 76.60 71.80 75.08
C PHE H 241 76.64 73.23 75.62
N GLN H 242 75.70 73.54 76.51
CA GLN H 242 75.62 74.87 77.07
C GLN H 242 74.99 74.77 78.44
N LYS H 243 75.20 75.79 79.26
CA LYS H 243 74.61 75.82 80.60
C LYS H 243 74.88 77.15 81.32
N TRP H 244 73.94 77.57 82.14
CA TRP H 244 74.15 78.77 82.89
C TRP H 244 73.49 78.71 84.25
N ALA H 245 74.09 79.41 85.20
CA ALA H 245 73.58 79.47 86.56
C ALA H 245 73.55 80.94 86.90
N SER H 246 72.85 81.29 87.98
CA SER H 246 72.76 82.69 88.39
C SER H 246 71.91 82.94 89.63
N VAL H 247 71.88 84.20 90.05
CA VAL H 247 71.07 84.62 91.19
C VAL H 247 71.01 86.15 91.35
N VAL H 248 70.13 86.62 92.21
CA VAL H 248 70.00 88.05 92.42
C VAL H 248 71.06 88.60 93.33
N VAL H 249 71.45 89.83 93.06
CA VAL H 249 72.44 90.47 93.88
C VAL H 249 72.10 91.93 93.91
N PRO H 250 72.45 92.63 95.00
CA PRO H 250 72.14 94.06 95.07
C PRO H 250 73.15 94.83 94.21
N LEU H 251 72.74 95.95 93.63
CA LEU H 251 73.66 96.75 92.81
C LEU H 251 74.85 97.15 93.69
N GLY H 252 75.94 97.60 93.05
CA GLY H 252 77.13 97.99 93.79
C GLY H 252 77.78 96.81 94.53
N LYS H 253 77.27 95.61 94.27
CA LYS H 253 77.78 94.40 94.90
C LYS H 253 78.18 93.36 93.87
N GLU H 254 77.73 93.55 92.64
CA GLU H 254 78.06 92.64 91.54
C GLU H 254 79.50 92.18 91.64
N GLN H 255 80.43 93.07 91.26
CA GLN H 255 81.89 92.84 91.26
C GLN H 255 82.43 91.99 92.42
N TYR H 256 81.63 91.89 93.48
CA TYR H 256 82.01 91.12 94.67
C TYR H 256 81.55 89.66 94.56
N TYR H 257 81.10 89.28 93.37
CA TYR H 257 80.62 87.94 93.11
C TYR H 257 81.48 87.24 92.08
N THR H 258 81.80 86.01 92.37
CA THR H 258 82.63 85.23 91.48
C THR H 258 81.93 83.99 90.99
N CYS H 259 82.13 83.70 89.73
CA CYS H 259 81.55 82.52 89.15
C CYS H 259 82.69 81.60 88.89
N HIS H 260 82.45 80.31 89.09
CA HIS H 260 83.44 79.30 88.84
C HIS H 260 82.92 78.28 87.84
N VAL H 261 83.81 77.90 86.92
CA VAL H 261 83.47 76.94 85.86
C VAL H 261 84.39 75.73 85.84
N TYR H 262 83.83 74.58 86.22
CA TYR H 262 84.59 73.31 86.28
C TYR H 262 84.33 72.33 85.12
N HIS H 263 85.34 72.13 84.29
CA HIS H 263 85.21 71.20 83.15
C HIS H 263 86.54 70.50 82.79
N GLN H 264 86.50 69.17 82.79
CA GLN H 264 87.66 68.32 82.50
C GLN H 264 88.56 68.80 81.34
N GLY H 265 88.08 69.74 80.55
CA GLY H 265 88.92 70.24 79.46
C GLY H 265 89.64 71.50 79.88
N LEU H 266 89.39 71.92 81.12
CA LEU H 266 90.01 73.12 81.66
C LEU H 266 91.27 72.85 82.44
N PRO H 267 92.39 73.38 81.95
CA PRO H 267 93.69 73.19 82.60
C PRO H 267 93.59 73.63 84.07
N GLU H 268 92.57 74.44 84.34
CA GLU H 268 92.28 74.93 85.67
C GLU H 268 90.82 75.39 85.66
N PRO H 269 90.14 75.28 86.82
CA PRO H 269 88.74 75.74 86.80
C PRO H 269 88.69 77.19 86.34
N LEU H 270 87.51 77.71 86.03
CA LEU H 270 87.42 79.10 85.58
C LEU H 270 86.80 80.05 86.61
N THR H 271 87.32 81.28 86.62
CA THR H 271 86.82 82.29 87.54
C THR H 271 86.29 83.53 86.83
N LEU H 272 84.99 83.69 86.87
CA LEU H 272 84.35 84.82 86.24
C LEU H 272 83.91 85.75 87.33
N ARG H 273 83.95 87.05 87.02
CA ARG H 273 83.58 88.11 87.95
C ARG H 273 83.05 89.27 87.10
N TRP H 274 82.03 89.98 87.58
CA TRP H 274 81.51 91.14 86.83
C TRP H 274 82.15 92.39 87.42
N ILE I 1 54.60 56.23 83.85
CA ILE I 1 53.39 56.36 82.99
C ILE I 1 53.46 57.61 82.15
N GLN I 2 53.61 58.74 82.83
CA GLN I 2 53.66 60.03 82.18
C GLN I 2 54.42 61.10 82.98
N LYS I 3 55.38 61.73 82.31
CA LYS I 3 56.17 62.78 82.91
C LYS I 3 56.10 63.98 81.98
N THR I 4 55.49 65.07 82.42
CA THR I 4 55.38 66.26 81.59
C THR I 4 56.75 66.67 81.04
N PRO I 5 56.86 66.83 79.71
CA PRO I 5 58.11 67.21 79.07
C PRO I 5 58.55 68.61 79.49
N GLN I 6 59.87 68.82 79.54
CA GLN I 6 60.45 70.11 79.91
C GLN I 6 61.01 70.68 78.62
N ILE I 7 60.76 71.97 78.38
CA ILE I 7 61.18 72.63 77.14
C ILE I 7 62.19 73.72 77.37
N GLN I 8 63.02 73.93 76.36
CA GLN I 8 64.05 74.97 76.41
C GLN I 8 64.18 75.55 75.00
N VAL I 9 63.98 76.85 74.86
CA VAL I 9 64.11 77.46 73.56
C VAL I 9 65.38 78.29 73.57
N TYR I 10 66.19 78.15 72.55
CA TYR I 10 67.43 78.90 72.48
C TYR I 10 68.08 78.78 71.11
N SER I 11 69.16 79.51 70.92
CA SER I 11 69.89 79.45 69.66
C SER I 11 71.09 78.62 69.97
N ARG I 12 71.85 78.25 68.96
CA ARG I 12 73.00 77.45 69.25
C ARG I 12 74.18 78.36 69.40
N HIS I 13 74.30 79.35 68.53
CA HIS I 13 75.38 80.33 68.65
C HIS I 13 74.83 81.59 69.30
N PRO I 14 75.67 82.30 70.09
CA PRO I 14 75.22 83.53 70.74
C PRO I 14 74.47 84.42 69.76
N PRO I 15 73.22 84.80 70.08
CA PRO I 15 72.38 85.65 69.23
C PRO I 15 73.12 86.82 68.59
N GLU I 16 72.49 87.43 67.59
CA GLU I 16 73.07 88.57 66.88
C GLU I 16 72.30 88.77 65.59
N ASN I 17 71.36 89.72 65.62
CA ASN I 17 70.54 90.02 64.46
C ASN I 17 71.36 90.30 63.19
N GLY I 18 70.76 89.96 62.04
CA GLY I 18 71.40 90.14 60.76
C GLY I 18 72.13 88.89 60.31
N LYS I 19 72.78 88.24 61.28
CA LYS I 19 73.54 87.03 61.02
C LYS I 19 72.70 85.77 61.12
N PRO I 20 72.93 84.84 60.18
CA PRO I 20 72.18 83.58 60.13
C PRO I 20 72.58 82.68 61.31
N ASN I 21 71.59 82.09 61.97
CA ASN I 21 71.85 81.20 63.09
C ASN I 21 70.95 79.96 63.01
N ILE I 22 70.78 79.28 64.14
CA ILE I 22 69.97 78.08 64.23
C ILE I 22 69.27 78.15 65.58
N LEU I 23 68.03 77.65 65.68
CA LEU I 23 67.31 77.70 66.95
C LEU I 23 66.72 76.35 67.37
N ASN I 24 67.20 75.88 68.50
CA ASN I 24 66.77 74.59 69.01
C ASN I 24 65.54 74.62 69.93
N CYS I 25 65.04 73.42 70.22
CA CYS I 25 63.95 73.24 71.16
C CYS I 25 64.10 71.88 71.83
N TYR I 26 65.03 71.82 72.77
CA TYR I 26 65.33 70.61 73.53
C TYR I 26 64.14 70.19 74.41
N VAL I 27 63.34 69.25 73.93
CA VAL I 27 62.22 68.81 74.75
C VAL I 27 62.67 67.53 75.45
N THR I 28 62.42 67.40 76.74
CA THR I 28 62.85 66.20 77.44
C THR I 28 61.93 65.76 78.56
N GLN I 29 62.37 64.71 79.25
CA GLN I 29 61.68 64.12 80.39
C GLN I 29 60.20 63.89 80.17
N PHE I 30 59.86 63.15 79.12
CA PHE I 30 58.46 62.90 78.82
C PHE I 30 58.14 61.47 78.48
N HIS I 31 56.92 61.06 78.80
CA HIS I 31 56.51 59.69 78.53
C HIS I 31 54.98 59.65 78.64
N PRO I 32 54.30 58.88 77.75
CA PRO I 32 54.75 58.01 76.65
C PRO I 32 55.65 58.71 75.66
N PRO I 33 56.29 57.95 74.79
CA PRO I 33 57.20 58.50 73.78
C PRO I 33 56.51 59.46 72.82
N HIS I 34 55.27 59.13 72.44
CA HIS I 34 54.51 59.96 71.51
C HIS I 34 54.24 61.36 72.02
N ILE I 35 54.69 62.34 71.24
CA ILE I 35 54.55 63.74 71.61
C ILE I 35 54.65 64.52 70.30
N GLU I 36 53.94 65.64 70.23
CA GLU I 36 53.92 66.50 69.03
C GLU I 36 54.67 67.80 69.27
N ILE I 37 55.68 68.06 68.45
CA ILE I 37 56.46 69.28 68.65
C ILE I 37 56.61 70.17 67.43
N GLN I 38 56.10 71.39 67.58
CA GLN I 38 56.13 72.39 66.53
C GLN I 38 56.94 73.63 66.93
N MET I 39 57.62 74.16 65.93
CA MET I 39 58.47 75.34 66.01
C MET I 39 57.81 76.41 65.13
N LEU I 40 57.94 77.69 65.48
CA LEU I 40 57.30 78.69 64.65
C LEU I 40 57.78 80.14 64.85
N LYS I 41 57.69 80.95 63.78
CA LYS I 41 58.09 82.36 63.80
C LYS I 41 56.91 83.35 63.67
N ASN I 42 56.72 84.19 64.68
CA ASN I 42 55.63 85.17 64.64
C ASN I 42 54.26 84.52 64.82
N GLY I 43 54.25 83.29 65.31
CA GLY I 43 52.99 82.60 65.55
C GLY I 43 52.55 81.77 64.35
N LYS I 44 53.25 81.95 63.23
CA LYS I 44 52.94 81.22 62.02
C LYS I 44 53.86 80.01 61.96
N LYS I 45 53.32 78.83 62.24
CA LYS I 45 54.07 77.59 62.25
C LYS I 45 55.17 77.46 61.18
N ILE I 46 56.43 77.55 61.61
CA ILE I 46 57.59 77.46 60.71
C ILE I 46 57.65 76.14 59.94
N PRO I 47 58.00 76.21 58.64
CA PRO I 47 58.11 75.07 57.71
C PRO I 47 59.20 74.03 58.05
N LYS I 48 60.26 74.06 57.25
CA LYS I 48 61.40 73.16 57.39
C LYS I 48 61.93 73.08 58.84
N VAL I 49 61.43 72.10 59.59
CA VAL I 49 61.85 71.88 60.96
C VAL I 49 62.62 70.56 61.12
N GLU I 50 63.90 70.65 61.48
CA GLU I 50 64.80 69.52 61.67
C GLU I 50 64.44 68.69 62.89
N MET I 51 64.74 67.39 62.84
CA MET I 51 64.41 66.52 63.95
C MET I 51 65.38 65.39 64.22
N SER I 52 65.95 65.40 65.42
CA SER I 52 66.93 64.39 65.82
C SER I 52 66.20 63.10 66.16
N ASP I 53 66.89 61.96 66.11
CA ASP I 53 66.23 60.71 66.44
C ASP I 53 65.92 60.75 67.91
N MET I 54 64.80 60.15 68.31
CA MET I 54 64.41 60.15 69.71
C MET I 54 65.36 59.26 70.52
N SER I 55 65.44 59.50 71.82
CA SER I 55 66.30 58.74 72.70
C SER I 55 65.68 58.73 74.09
N PHE I 56 66.45 58.34 75.11
CA PHE I 56 65.94 58.36 76.48
C PHE I 56 67.01 58.17 77.56
N SER I 57 66.95 59.05 78.57
CA SER I 57 67.88 59.07 79.70
C SER I 57 67.82 57.82 80.56
N LYS I 58 68.66 57.77 81.59
CA LYS I 58 68.70 56.61 82.47
C LYS I 58 67.44 56.46 83.35
N ASP I 59 66.60 57.50 83.45
CA ASP I 59 65.39 57.48 84.28
C ASP I 59 64.17 57.14 83.45
N TRP I 60 64.41 56.68 82.22
CA TRP I 60 63.39 56.25 81.24
C TRP I 60 62.86 57.37 80.34
N SER I 61 62.95 58.61 80.81
CA SER I 61 62.50 59.73 80.03
C SER I 61 63.16 59.82 78.65
N PHE I 62 62.38 60.24 77.66
CA PHE I 62 62.87 60.37 76.29
C PHE I 62 63.32 61.80 76.13
N TYR I 63 64.11 62.03 75.09
CA TYR I 63 64.61 63.36 74.80
C TYR I 63 64.79 63.52 73.30
N ILE I 64 64.35 64.67 72.81
CA ILE I 64 64.42 64.98 71.40
C ILE I 64 64.73 66.47 71.21
N LEU I 65 65.57 66.76 70.23
CA LEU I 65 66.00 68.11 69.89
C LEU I 65 65.51 68.53 68.50
N ALA I 66 64.82 69.68 68.43
CA ALA I 66 64.29 70.25 67.19
C ALA I 66 65.06 71.53 66.96
N HIS I 67 65.39 71.80 65.70
CA HIS I 67 66.13 73.01 65.34
C HIS I 67 65.80 73.56 63.96
N THR I 68 65.68 74.88 63.87
CA THR I 68 65.37 75.56 62.62
C THR I 68 66.49 76.52 62.23
N GLU I 69 66.95 76.45 60.99
CA GLU I 69 67.99 77.35 60.52
C GLU I 69 67.22 78.66 60.47
N PHE I 70 67.82 79.76 60.93
CA PHE I 70 67.09 81.02 60.92
C PHE I 70 67.98 82.26 61.10
N THR I 71 67.35 83.44 61.08
CA THR I 71 68.08 84.68 61.26
C THR I 71 67.25 85.68 62.04
N PRO I 72 67.67 85.96 63.28
CA PRO I 72 67.06 86.89 64.25
C PRO I 72 66.99 88.36 63.83
N THR I 73 65.90 89.02 64.19
CA THR I 73 65.74 90.43 63.84
C THR I 73 64.87 91.15 64.87
N GLU I 74 65.56 91.77 65.84
CA GLU I 74 64.95 92.49 66.95
C GLU I 74 63.44 92.37 67.15
N THR I 75 62.68 92.60 66.09
CA THR I 75 61.22 92.55 66.16
C THR I 75 60.52 91.19 66.21
N ASP I 76 60.57 90.42 65.12
CA ASP I 76 59.89 89.11 65.06
C ASP I 76 60.17 88.20 66.27
N THR I 77 59.44 87.09 66.38
CA THR I 77 59.65 86.19 67.51
C THR I 77 59.57 84.70 67.16
N TYR I 78 59.93 83.85 68.14
CA TYR I 78 59.93 82.41 67.96
C TYR I 78 59.49 81.70 69.23
N ALA I 79 58.90 80.51 69.07
CA ALA I 79 58.43 79.74 70.22
C ALA I 79 58.25 78.29 69.85
N CYS I 80 58.10 77.43 70.85
CA CYS I 80 57.90 76.03 70.56
C CYS I 80 56.65 75.48 71.20
N ARG I 81 55.87 74.80 70.38
CA ARG I 81 54.65 74.19 70.81
C ARG I 81 54.78 72.68 70.78
N VAL I 82 54.49 72.06 71.90
CA VAL I 82 54.57 70.61 72.01
C VAL I 82 53.23 70.08 72.48
N LYS I 83 52.96 68.81 72.21
CA LYS I 83 51.70 68.19 72.61
C LYS I 83 51.95 66.78 73.15
N HIS I 84 51.48 66.52 74.37
CA HIS I 84 51.68 65.23 75.02
C HIS I 84 50.49 64.80 75.89
N ASP I 85 49.98 63.59 75.61
CA ASP I 85 48.85 62.98 76.31
C ASP I 85 48.70 63.36 77.78
N SER I 86 49.82 63.72 78.41
CA SER I 86 49.82 64.09 79.83
C SER I 86 49.12 65.42 80.05
N MET I 87 49.88 66.51 79.95
CA MET I 87 49.36 67.87 80.13
C MET I 87 48.06 68.04 79.35
N ALA I 88 47.02 68.52 80.02
CA ALA I 88 45.71 68.71 79.39
C ALA I 88 45.78 69.60 78.14
N GLU I 89 46.19 70.85 78.33
CA GLU I 89 46.27 71.77 77.20
C GLU I 89 47.65 71.76 76.58
N PRO I 90 47.72 71.70 75.23
CA PRO I 90 49.00 71.71 74.54
C PRO I 90 49.89 72.81 75.11
N LYS I 91 51.21 72.62 75.11
CA LYS I 91 52.04 73.69 75.62
C LYS I 91 53.03 74.28 74.62
N THR I 92 53.12 75.60 74.70
CA THR I 92 53.95 76.40 73.84
C THR I 92 54.91 77.17 74.74
N VAL I 93 56.04 77.59 74.17
CA VAL I 93 57.03 78.36 74.91
C VAL I 93 57.77 79.28 73.96
N TYR I 94 57.85 80.55 74.34
CA TYR I 94 58.51 81.55 73.52
C TYR I 94 59.99 81.65 73.87
N TRP I 95 60.81 81.84 72.83
CA TRP I 95 62.25 81.96 72.97
C TRP I 95 62.63 83.20 73.76
N ASP I 96 63.21 83.02 74.94
CA ASP I 96 63.58 84.18 75.73
C ASP I 96 65.00 84.63 75.35
N ARG I 97 65.23 84.87 74.07
CA ARG I 97 66.53 85.27 73.53
C ARG I 97 67.78 85.12 74.40
N ASP I 98 67.78 85.64 75.62
CA ASP I 98 68.94 85.47 76.50
C ASP I 98 68.62 84.44 77.59
N MET I 99 68.63 83.16 77.18
CA MET I 99 68.29 82.07 78.11
C MET I 99 68.79 80.68 77.63
N SER J 1 78.26 44.15 69.65
CA SER J 1 77.04 43.31 69.54
C SER J 1 76.23 43.38 70.81
N ILE J 2 74.91 43.43 70.68
CA ILE J 2 74.03 43.51 71.83
C ILE J 2 73.67 42.08 72.20
N TYR J 3 73.08 41.88 73.37
CA TYR J 3 72.71 40.55 73.84
C TYR J 3 71.69 39.91 72.87
N ARG J 4 70.89 38.95 73.36
CA ARG J 4 69.85 38.32 72.54
C ARG J 4 68.67 37.90 73.41
N TYR J 5 68.16 38.87 74.16
CA TYR J 5 67.05 38.71 75.09
C TYR J 5 66.14 37.50 74.92
N TYR J 6 65.59 37.10 76.05
CA TYR J 6 64.68 35.97 76.14
C TYR J 6 63.36 36.52 76.68
N GLY J 7 62.26 35.90 76.27
CA GLY J 7 60.93 36.33 76.68
C GLY J 7 60.65 36.63 78.15
N LEU J 8 59.57 37.37 78.37
CA LEU J 8 59.14 37.75 79.71
C LEU J 8 58.29 36.64 80.32
#